data_8F47
#
_entry.id   8F47
#
_cell.length_a   190.522
_cell.length_b   190.522
_cell.length_c   257.948
_cell.angle_alpha   90.000
_cell.angle_beta   90.000
_cell.angle_gamma   120.000
#
_symmetry.space_group_name_H-M   'P 61 2 2'
#
loop_
_entity.id
_entity.type
_entity.pdbx_description
1 polymer 'Scaffold protein D13'
2 non-polymer 'FORMIC ACID'
3 non-polymer 6,8-dimethoxy-2-methylquinolin-4-amine
4 water water
#
_entity_poly.entity_id   1
_entity_poly.type   'polypeptide(L)'
_entity_poly.pdbx_seq_one_letter_code
;MSYYHHHHHHDYDIPTTENLYFQGAMNNTIINSLIGGDDSIKRSNVFAVDSQIPTLYMPQYISLSGVMTNDGPDNQAIAS
FEIRDQYITALNHLVLSLELPEVKGMGRFGYVPYVGYKCINHVSISSCNGVIWEIEGEELYNNCINNTIALKHSGYSSEL
NDISIGLTPNDTIKEPSTVYVYIKTPFDVEDTFSSLKLSDSKITVTVTFNPVSDIVIRDSSFDFETFNKEFVYVPELSFI
GYMVKNVQIKPSFIEKPRRVIGQINQPTATVTEVHAATSLSVYTKPYYGNTDNKFISYPGYSQDEKDYIDAYVSRLLDDL
VIVSDGPPTGYPESAEIVEVPEDGIVSIQDADVYVKIDNVPDNMSVYLHTNLLMFGTRKNSFIYNISKKFSAITGTYSDA
TKRTIFAHISHSINIIDTSIPVSLWTSQRNVYNGDNRSAESKAKDLFINDPFIKGIDFKNKTDIISRLEVRFGNDVLYSE
NGPISRIYNELLTKSNNGTRTLTFNFTPKIFFRPTTITANVSRGKDKLSVRVVYSTMDVNHPIYYVQKQLVVVCNDLYKV
SYDQGVSITKIMGDNN
;
_entity_poly.pdbx_strand_id   A,B,C
#
# COMPACT_ATOMS: atom_id res chain seq x y z
N ALA A 25 -2.37 38.88 -2.93
CA ALA A 25 -1.78 39.77 -1.96
C ALA A 25 -1.51 39.04 -0.64
N MET A 26 -0.28 39.17 -0.14
CA MET A 26 0.04 38.75 1.22
C MET A 26 -0.86 39.50 2.19
N ASN A 27 -1.46 38.78 3.14
CA ASN A 27 -2.24 39.46 4.17
C ASN A 27 -1.36 40.48 4.90
N ASN A 28 -2.02 41.54 5.37
CA ASN A 28 -1.28 42.73 5.82
C ASN A 28 -0.43 42.44 7.05
N THR A 29 -0.89 41.55 7.92
CA THR A 29 -0.16 41.24 9.15
C THR A 29 1.18 40.57 8.87
N ILE A 30 1.26 39.82 7.77
CA ILE A 30 2.50 39.13 7.41
C ILE A 30 3.56 40.15 6.98
N ILE A 31 3.18 41.10 6.11
CA ILE A 31 4.13 42.05 5.54
C ILE A 31 4.81 42.88 6.63
N ASN A 32 4.15 43.05 7.78
CA ASN A 32 4.74 43.75 8.92
C ASN A 32 5.75 42.87 9.63
N SER A 33 5.42 41.59 9.85
CA SER A 33 6.27 40.66 10.59
C SER A 33 7.61 40.45 9.90
N LEU A 34 7.82 41.12 8.75
CA LEU A 34 9.04 41.00 7.98
C LEU A 34 9.39 42.41 7.50
N ILE A 41 22.75 40.64 9.63
CA ILE A 41 23.55 39.44 9.95
C ILE A 41 23.70 38.55 8.72
N LYS A 42 24.80 37.76 8.68
CA LYS A 42 25.07 36.87 7.55
C LYS A 42 24.05 35.74 7.51
N ARG A 43 23.52 35.47 6.32
CA ARG A 43 22.45 34.51 6.13
C ARG A 43 22.77 33.64 4.92
N SER A 44 22.40 32.34 5.01
CA SER A 44 22.51 31.44 3.87
C SER A 44 21.32 31.60 2.94
N ASN A 45 21.59 31.61 1.64
CA ASN A 45 20.54 31.76 0.64
C ASN A 45 19.74 30.46 0.49
N VAL A 46 18.44 30.53 0.76
CA VAL A 46 17.59 29.37 0.57
C VAL A 46 16.61 29.59 -0.58
N PHE A 47 16.77 30.66 -1.35
CA PHE A 47 15.85 30.95 -2.43
C PHE A 47 16.51 30.98 -3.80
N ALA A 48 17.81 30.77 -3.87
CA ALA A 48 18.50 30.54 -5.12
C ALA A 48 19.79 29.80 -4.77
N VAL A 49 20.31 29.02 -5.71
CA VAL A 49 21.52 28.26 -5.45
C VAL A 49 22.42 28.30 -6.67
N ASP A 50 23.73 28.22 -6.44
CA ASP A 50 24.74 28.23 -7.50
C ASP A 50 24.76 26.88 -8.20
N SER A 51 24.17 26.82 -9.39
CA SER A 51 24.15 25.58 -10.16
C SER A 51 25.57 25.28 -10.64
N GLN A 52 26.19 24.27 -10.04
CA GLN A 52 27.55 23.87 -10.37
C GLN A 52 27.60 23.02 -11.64
N ILE A 53 28.71 23.15 -12.35
CA ILE A 53 28.89 22.32 -13.53
C ILE A 53 29.43 20.97 -13.10
N PRO A 54 28.76 19.89 -13.42
CA PRO A 54 29.22 18.57 -12.99
C PRO A 54 30.27 18.04 -13.95
N THR A 55 30.88 16.94 -13.55
CA THR A 55 31.74 16.18 -14.43
C THR A 55 31.03 15.97 -15.76
N LEU A 56 31.80 15.94 -16.85
CA LEU A 56 31.19 15.70 -18.15
C LEU A 56 31.06 14.19 -18.33
N TYR A 57 29.83 13.69 -18.37
CA TYR A 57 29.64 12.25 -18.53
C TYR A 57 28.45 12.01 -19.43
N MET A 58 28.29 10.75 -19.83
CA MET A 58 27.21 10.28 -20.65
C MET A 58 26.78 8.89 -20.22
N PRO A 59 25.55 8.69 -19.73
CA PRO A 59 25.11 7.36 -19.30
C PRO A 59 24.52 6.54 -20.43
N GLN A 60 24.63 5.22 -20.27
CA GLN A 60 24.16 4.32 -21.30
C GLN A 60 23.65 3.06 -20.63
N TYR A 61 22.41 2.66 -20.92
CA TYR A 61 21.88 1.38 -20.45
C TYR A 61 22.49 0.28 -21.28
N ILE A 62 23.33 -0.54 -20.66
CA ILE A 62 23.99 -1.66 -21.32
C ILE A 62 23.43 -2.97 -20.79
N SER A 63 22.98 -3.81 -21.72
CA SER A 63 22.61 -5.20 -21.46
C SER A 63 23.71 -6.08 -22.03
N LEU A 64 23.90 -7.23 -21.41
CA LEU A 64 24.99 -8.12 -21.76
C LEU A 64 24.49 -9.54 -21.65
N SER A 65 24.53 -10.30 -22.73
CA SER A 65 24.36 -11.72 -22.59
C SER A 65 25.65 -12.28 -22.04
N GLY A 66 25.55 -13.41 -21.38
CA GLY A 66 26.73 -13.90 -20.73
C GLY A 66 27.14 -15.26 -21.27
N VAL A 67 28.05 -15.91 -20.59
CA VAL A 67 28.43 -17.26 -20.91
C VAL A 67 27.82 -18.13 -19.83
N MET A 68 27.24 -19.25 -20.23
CA MET A 68 26.55 -20.13 -19.31
C MET A 68 27.36 -21.41 -19.14
N THR A 69 27.58 -21.80 -17.89
CA THR A 69 28.44 -22.91 -17.51
C THR A 69 27.74 -23.83 -16.51
N ASN A 70 27.94 -25.15 -16.66
CA ASN A 70 27.51 -26.11 -15.63
C ASN A 70 28.71 -26.81 -14.94
N ASN A 75 27.01 -30.02 -12.17
CA ASN A 75 26.50 -29.56 -10.87
C ASN A 75 25.81 -28.16 -10.98
N GLN A 76 26.42 -27.12 -10.41
CA GLN A 76 25.79 -25.80 -10.33
C GLN A 76 25.78 -25.10 -11.70
N ALA A 77 24.82 -24.16 -11.87
CA ALA A 77 24.73 -23.35 -13.08
C ALA A 77 25.32 -21.96 -12.81
N ILE A 78 26.23 -21.52 -13.68
CA ILE A 78 26.97 -20.27 -13.51
C ILE A 78 26.87 -19.46 -14.78
N ALA A 79 26.48 -18.20 -14.67
CA ALA A 79 26.54 -17.24 -15.76
C ALA A 79 27.67 -16.25 -15.50
N SER A 80 28.43 -15.91 -16.54
CA SER A 80 29.48 -14.92 -16.37
C SER A 80 29.31 -13.82 -17.38
N PHE A 81 29.54 -12.60 -16.91
CA PHE A 81 29.49 -11.39 -17.72
C PHE A 81 30.79 -10.64 -17.52
N GLU A 82 31.52 -10.40 -18.59
CA GLU A 82 32.73 -9.58 -18.53
C GLU A 82 32.38 -8.17 -19.01
N ILE A 83 32.80 -7.18 -18.25
CA ILE A 83 32.55 -5.80 -18.61
C ILE A 83 33.91 -5.15 -18.78
N ARG A 84 34.29 -4.91 -20.04
CA ARG A 84 35.51 -4.19 -20.37
C ARG A 84 35.23 -3.34 -21.59
N ASP A 85 35.27 -2.03 -21.45
CA ASP A 85 34.99 -1.16 -22.57
C ASP A 85 35.79 0.11 -22.44
N GLN A 86 36.28 0.58 -23.58
CA GLN A 86 37.11 1.77 -23.59
C GLN A 86 36.31 2.97 -23.10
N TYR A 87 35.02 3.00 -23.43
CA TYR A 87 34.17 4.14 -23.13
C TYR A 87 33.31 3.99 -21.88
N ILE A 88 33.26 2.83 -21.24
CA ILE A 88 32.60 2.71 -19.94
C ILE A 88 33.62 2.97 -18.84
N THR A 89 33.43 4.07 -18.11
CA THR A 89 34.32 4.47 -17.02
C THR A 89 33.83 4.02 -15.67
N ALA A 90 32.52 3.95 -15.48
CA ALA A 90 31.95 3.63 -14.20
C ALA A 90 30.61 2.96 -14.45
N LEU A 91 30.16 2.19 -13.45
CA LEU A 91 28.90 1.48 -13.57
C LEU A 91 28.23 1.41 -12.20
N ASN A 92 26.92 1.19 -12.23
CA ASN A 92 26.09 0.93 -11.05
C ASN A 92 24.77 0.35 -11.55
N HIS A 93 23.86 0.03 -10.62
CA HIS A 93 22.51 -0.46 -10.90
C HIS A 93 22.47 -1.64 -11.86
N LEU A 94 22.94 -2.78 -11.34
CA LEU A 94 22.90 -4.03 -12.08
C LEU A 94 21.50 -4.61 -12.02
N VAL A 95 20.96 -4.97 -13.17
CA VAL A 95 19.68 -5.65 -13.22
C VAL A 95 19.84 -6.90 -14.06
N LEU A 96 19.59 -8.06 -13.45
CA LEU A 96 19.70 -9.33 -14.13
C LEU A 96 18.36 -9.70 -14.73
N SER A 97 18.35 -10.01 -16.03
CA SER A 97 17.15 -10.42 -16.75
C SER A 97 17.06 -11.93 -16.76
N LEU A 98 15.84 -12.43 -16.79
CA LEU A 98 15.68 -13.87 -16.78
C LEU A 98 14.51 -14.26 -17.67
N GLU A 99 14.79 -15.08 -18.68
CA GLU A 99 13.76 -15.54 -19.60
C GLU A 99 13.22 -16.86 -19.08
N LEU A 100 11.97 -16.84 -18.66
CA LEU A 100 11.32 -18.07 -18.23
C LEU A 100 10.63 -18.73 -19.41
N PRO A 101 10.77 -20.05 -19.54
CA PRO A 101 10.24 -20.74 -20.72
C PRO A 101 8.74 -20.94 -20.62
N GLU A 102 8.17 -21.36 -21.74
CA GLU A 102 6.81 -21.87 -21.70
C GLU A 102 6.85 -23.22 -21.01
N VAL A 103 5.87 -23.47 -20.16
CA VAL A 103 5.78 -24.72 -19.40
C VAL A 103 4.57 -25.47 -19.91
N LYS A 104 4.81 -26.57 -20.63
CA LYS A 104 3.73 -27.33 -21.25
C LYS A 104 3.65 -28.72 -20.63
N GLY A 105 2.42 -29.22 -20.46
CA GLY A 105 2.27 -30.56 -19.98
C GLY A 105 1.10 -30.68 -19.02
N MET A 106 1.16 -31.73 -18.20
CA MET A 106 0.09 -32.07 -17.27
C MET A 106 0.58 -31.91 -15.84
N GLY A 107 -0.33 -31.59 -14.92
CA GLY A 107 -0.03 -31.42 -13.52
C GLY A 107 -0.25 -29.98 -13.08
N ARG A 108 -0.01 -29.76 -11.79
N ARG A 108 -0.03 -29.76 -11.78
CA ARG A 108 -0.05 -28.45 -11.16
CA ARG A 108 -0.08 -28.43 -11.17
C ARG A 108 1.36 -27.91 -11.03
C ARG A 108 1.35 -27.90 -11.03
N PHE A 109 1.57 -26.66 -11.45
CA PHE A 109 2.89 -26.06 -11.43
C PHE A 109 2.76 -24.55 -11.18
N GLY A 110 3.72 -24.00 -10.44
CA GLY A 110 3.77 -22.56 -10.21
C GLY A 110 5.14 -22.14 -9.75
N TYR A 111 5.34 -20.83 -9.73
CA TYR A 111 6.61 -20.21 -9.38
C TYR A 111 6.51 -19.58 -7.99
N VAL A 112 7.58 -19.66 -7.22
CA VAL A 112 7.62 -18.97 -5.93
C VAL A 112 7.50 -17.46 -6.12
N PRO A 113 6.92 -16.73 -5.17
CA PRO A 113 6.93 -15.27 -5.26
C PRO A 113 8.36 -14.76 -5.41
N TYR A 114 8.51 -13.67 -6.16
CA TYR A 114 9.80 -13.04 -6.42
C TYR A 114 10.74 -14.07 -7.00
N VAL A 115 10.22 -14.79 -7.99
CA VAL A 115 10.93 -15.90 -8.61
C VAL A 115 12.35 -15.51 -9.01
N GLY A 116 12.52 -14.32 -9.61
CA GLY A 116 13.85 -13.88 -9.99
C GLY A 116 14.87 -13.88 -8.86
N TYR A 117 14.49 -13.35 -7.69
CA TYR A 117 15.41 -13.31 -6.54
C TYR A 117 15.70 -14.70 -6.02
N LYS A 118 14.73 -15.62 -6.12
CA LYS A 118 14.92 -16.95 -5.60
C LYS A 118 15.74 -17.82 -6.53
N CYS A 119 16.04 -17.35 -7.75
CA CYS A 119 16.96 -18.07 -8.62
C CYS A 119 18.40 -17.91 -8.24
N ILE A 120 18.74 -16.90 -7.44
CA ILE A 120 20.12 -16.50 -7.31
C ILE A 120 20.70 -17.16 -6.07
N ASN A 121 21.77 -17.91 -6.27
CA ASN A 121 22.42 -18.52 -5.14
C ASN A 121 23.63 -17.71 -4.70
N HIS A 122 24.27 -17.00 -5.62
CA HIS A 122 25.40 -16.16 -5.26
C HIS A 122 25.64 -15.19 -6.41
N VAL A 123 26.12 -13.99 -6.07
CA VAL A 123 26.57 -13.03 -7.06
C VAL A 123 27.92 -12.53 -6.60
N SER A 124 28.86 -12.39 -7.54
CA SER A 124 30.17 -11.80 -7.25
C SER A 124 30.56 -10.84 -8.37
N ILE A 125 31.12 -9.70 -7.97
CA ILE A 125 31.71 -8.68 -8.84
C ILE A 125 33.21 -8.70 -8.56
N SER A 126 34.02 -9.01 -9.55
CA SER A 126 35.44 -9.18 -9.30
C SER A 126 36.28 -8.57 -10.42
N SER A 127 37.52 -8.22 -10.08
CA SER A 127 38.48 -7.65 -11.01
C SER A 127 39.69 -8.54 -11.11
N CYS A 128 40.67 -8.09 -11.89
CA CYS A 128 41.90 -8.83 -12.03
C CYS A 128 42.61 -8.98 -10.69
N ASN A 129 42.34 -8.09 -9.74
CA ASN A 129 42.87 -8.19 -8.39
C ASN A 129 42.05 -9.08 -7.48
N GLY A 130 40.94 -9.64 -7.97
CA GLY A 130 40.12 -10.53 -7.16
C GLY A 130 38.74 -9.97 -6.94
N VAL A 131 38.05 -10.46 -5.92
CA VAL A 131 36.67 -10.07 -5.68
C VAL A 131 36.60 -8.65 -5.15
N ILE A 132 35.65 -7.88 -5.65
CA ILE A 132 35.36 -6.54 -5.17
C ILE A 132 34.19 -6.55 -4.20
N TRP A 133 33.19 -7.38 -4.51
CA TRP A 133 31.99 -7.46 -3.69
C TRP A 133 31.22 -8.72 -4.09
N GLU A 134 30.65 -9.41 -3.11
CA GLU A 134 29.85 -10.58 -3.44
C GLU A 134 28.78 -10.73 -2.38
N ILE A 135 27.68 -11.34 -2.76
CA ILE A 135 26.57 -11.52 -1.84
C ILE A 135 25.90 -12.86 -2.13
N GLU A 136 25.36 -13.46 -1.07
CA GLU A 136 24.59 -14.67 -1.22
C GLU A 136 23.16 -14.33 -1.64
N GLY A 137 22.57 -15.23 -2.42
CA GLY A 137 21.27 -14.96 -2.99
C GLY A 137 20.28 -14.52 -1.94
N GLU A 138 20.28 -15.19 -0.79
CA GLU A 138 19.32 -14.82 0.24
C GLU A 138 19.61 -13.46 0.84
N GLU A 139 20.86 -13.01 0.82
CA GLU A 139 21.15 -11.69 1.39
C GLU A 139 20.85 -10.56 0.41
N LEU A 140 21.10 -10.77 -0.87
CA LEU A 140 20.58 -9.83 -1.85
C LEU A 140 19.09 -9.66 -1.69
N TYR A 141 18.39 -10.78 -1.56
CA TYR A 141 16.93 -10.73 -1.39
C TYR A 141 16.57 -9.93 -0.15
N ASN A 142 17.26 -10.23 0.96
CA ASN A 142 17.02 -9.50 2.20
C ASN A 142 17.25 -8.02 2.01
N ASN A 143 18.25 -7.66 1.20
CA ASN A 143 18.53 -6.25 1.01
C ASN A 143 17.45 -5.57 0.21
N CYS A 144 16.74 -6.30 -0.64
CA CYS A 144 15.70 -5.68 -1.44
C CYS A 144 14.30 -5.95 -0.91
N ILE A 145 14.19 -6.45 0.31
CA ILE A 145 12.89 -6.99 0.66
C ILE A 145 11.88 -5.88 0.92
N ASN A 146 12.35 -4.68 1.22
CA ASN A 146 11.48 -3.51 1.37
C ASN A 146 11.37 -2.70 0.06
N ASN A 147 12.09 -3.09 -0.99
CA ASN A 147 11.92 -2.51 -2.32
C ASN A 147 10.74 -3.14 -3.03
N THR A 148 9.58 -2.49 -2.95
CA THR A 148 8.37 -3.09 -3.53
C THR A 148 8.47 -3.20 -5.04
N ILE A 149 9.10 -2.22 -5.70
CA ILE A 149 9.22 -2.31 -7.16
C ILE A 149 10.18 -3.42 -7.55
N ALA A 150 11.35 -3.47 -6.90
CA ALA A 150 12.30 -4.52 -7.20
C ALA A 150 11.68 -5.90 -7.01
N LEU A 151 10.89 -6.05 -5.96
CA LEU A 151 10.25 -7.32 -5.71
C LEU A 151 9.24 -7.61 -6.82
N LYS A 152 8.41 -6.63 -7.15
CA LYS A 152 7.42 -6.81 -8.21
C LYS A 152 8.09 -7.19 -9.53
N HIS A 153 9.20 -6.53 -9.86
CA HIS A 153 9.93 -6.82 -11.11
C HIS A 153 10.48 -8.25 -11.15
N SER A 154 10.80 -8.83 -9.99
CA SER A 154 11.41 -10.15 -10.01
C SER A 154 10.42 -11.26 -10.30
N GLY A 155 9.13 -10.98 -10.25
CA GLY A 155 8.13 -11.99 -10.54
C GLY A 155 7.13 -12.16 -9.39
N TYR A 156 6.10 -11.33 -9.37
CA TYR A 156 5.05 -11.39 -8.36
C TYR A 156 3.73 -11.06 -9.04
N SER A 157 3.00 -12.11 -9.44
CA SER A 157 1.81 -11.99 -10.27
C SER A 157 0.98 -13.25 -10.15
N SER A 158 -0.28 -13.16 -10.55
CA SER A 158 -1.07 -14.38 -10.61
C SER A 158 -0.66 -15.24 -11.80
N GLU A 159 -0.17 -14.62 -12.87
CA GLU A 159 0.27 -15.43 -14.00
C GLU A 159 1.43 -16.31 -13.59
N LEU A 160 2.29 -15.80 -12.74
CA LEU A 160 3.49 -16.50 -12.32
C LEU A 160 3.28 -17.35 -11.06
N ASN A 161 2.61 -16.80 -10.03
CA ASN A 161 2.70 -17.38 -8.72
C ASN A 161 1.45 -18.12 -8.27
N ASP A 162 0.39 -18.11 -9.08
CA ASP A 162 -0.78 -18.93 -8.82
C ASP A 162 -0.49 -20.32 -9.35
N ILE A 163 -0.96 -21.36 -8.65
CA ILE A 163 -0.63 -22.71 -9.11
C ILE A 163 -1.57 -23.08 -10.24
N SER A 164 -1.09 -23.01 -11.50
CA SER A 164 -1.88 -23.42 -12.65
C SER A 164 -1.87 -24.94 -12.82
N ILE A 165 -2.81 -25.45 -13.61
CA ILE A 165 -2.91 -26.89 -13.83
C ILE A 165 -3.01 -27.16 -15.32
N GLY A 166 -2.22 -28.13 -15.79
CA GLY A 166 -2.25 -28.56 -17.18
C GLY A 166 -2.98 -29.88 -17.30
N LEU A 167 -3.77 -30.03 -18.39
CA LEU A 167 -4.69 -31.16 -18.57
C LEU A 167 -4.37 -32.11 -19.73
N THR A 168 -3.66 -31.62 -20.75
CA THR A 168 -3.23 -32.35 -21.92
C THR A 168 -1.72 -32.36 -21.93
N PRO A 169 -1.08 -33.40 -22.44
CA PRO A 169 0.39 -33.39 -22.51
C PRO A 169 0.97 -32.23 -23.30
N ASN A 170 0.16 -31.50 -24.05
CA ASN A 170 0.59 -30.34 -24.82
C ASN A 170 -0.18 -29.10 -24.37
N ASP A 171 -0.78 -29.18 -23.20
CA ASP A 171 -1.49 -28.06 -22.62
C ASP A 171 -0.49 -27.08 -21.99
N THR A 172 -0.77 -25.79 -22.12
CA THR A 172 0.13 -24.77 -21.56
C THR A 172 -0.22 -24.49 -20.12
N ILE A 173 0.74 -24.71 -19.23
CA ILE A 173 0.54 -24.39 -17.83
C ILE A 173 0.92 -22.95 -17.53
N LYS A 174 2.12 -22.54 -17.96
CA LYS A 174 2.64 -21.20 -17.78
C LYS A 174 3.14 -20.67 -19.12
N GLU A 175 2.87 -19.38 -19.41
CA GLU A 175 3.34 -18.78 -20.64
C GLU A 175 4.77 -18.28 -20.48
N PRO A 176 5.55 -18.15 -21.55
CA PRO A 176 6.90 -17.59 -21.39
C PRO A 176 6.79 -16.18 -20.84
N SER A 177 7.81 -15.79 -20.11
CA SER A 177 7.74 -14.57 -19.33
C SER A 177 9.17 -14.15 -19.06
N THR A 178 9.38 -12.85 -18.87
CA THR A 178 10.68 -12.33 -18.50
C THR A 178 10.55 -11.67 -17.14
N VAL A 179 11.53 -11.89 -16.28
CA VAL A 179 11.56 -11.25 -14.98
C VAL A 179 12.86 -10.48 -14.86
N TYR A 180 12.84 -9.44 -14.02
CA TYR A 180 13.99 -8.57 -13.83
C TYR A 180 14.38 -8.50 -12.37
N VAL A 181 15.65 -8.81 -12.08
CA VAL A 181 16.17 -8.88 -10.71
C VAL A 181 17.17 -7.76 -10.46
N TYR A 182 16.87 -6.89 -9.51
CA TYR A 182 17.76 -5.77 -9.19
C TYR A 182 18.90 -6.22 -8.27
N ILE A 183 20.11 -6.37 -8.83
CA ILE A 183 21.28 -6.72 -8.03
C ILE A 183 21.76 -5.45 -7.32
N LYS A 184 21.13 -5.10 -6.21
CA LYS A 184 21.56 -3.93 -5.44
C LYS A 184 23.00 -4.09 -4.94
N THR A 185 23.82 -3.09 -5.16
CA THR A 185 25.21 -3.10 -4.73
C THR A 185 25.53 -1.82 -3.97
N PRO A 186 26.62 -1.81 -3.24
CA PRO A 186 27.01 -0.57 -2.54
C PRO A 186 27.34 0.54 -3.52
N PHE A 187 27.29 0.24 -4.82
CA PHE A 187 27.64 1.22 -5.82
C PHE A 187 26.47 2.09 -6.22
N ASP A 188 25.28 1.81 -5.68
CA ASP A 188 24.03 2.50 -5.98
C ASP A 188 23.62 3.47 -4.89
N VAL A 189 24.32 3.48 -3.76
CA VAL A 189 23.87 4.22 -2.59
C VAL A 189 23.70 5.70 -2.92
N GLU A 190 24.69 6.29 -3.59
CA GLU A 190 24.67 7.70 -3.97
C GLU A 190 24.89 7.84 -5.47
N ASP A 191 24.26 6.97 -6.26
CA ASP A 191 24.19 7.11 -7.72
C ASP A 191 25.60 7.28 -8.28
N THR A 192 25.87 8.33 -9.07
CA THR A 192 27.18 8.49 -9.68
C THR A 192 28.27 8.57 -8.63
N PHE A 193 28.00 9.16 -7.47
CA PHE A 193 29.08 9.30 -6.50
C PHE A 193 29.57 7.96 -6.01
N SER A 194 28.67 7.01 -5.82
CA SER A 194 29.07 5.72 -5.28
C SER A 194 29.36 4.70 -6.37
N SER A 195 29.31 5.08 -7.63
CA SER A 195 29.49 4.14 -8.72
C SER A 195 30.84 3.45 -8.63
N LEU A 196 30.87 2.22 -9.14
CA LEU A 196 32.10 1.46 -9.28
C LEU A 196 32.85 2.02 -10.47
N LYS A 197 34.02 2.62 -10.22
CA LYS A 197 34.90 3.07 -11.29
C LYS A 197 35.73 1.90 -11.82
N LEU A 198 35.78 1.74 -13.13
CA LEU A 198 36.47 0.59 -13.69
C LEU A 198 37.41 1.04 -14.80
N SER A 199 37.74 2.32 -14.84
CA SER A 199 38.59 2.89 -15.87
C SER A 199 39.82 2.02 -16.07
N ASP A 200 39.93 1.43 -17.27
CA ASP A 200 41.03 0.50 -17.63
C ASP A 200 41.10 -0.72 -16.68
N SER A 201 39.96 -1.40 -16.51
CA SER A 201 39.88 -2.64 -15.75
C SER A 201 38.84 -3.56 -16.38
N LYS A 202 39.02 -4.87 -16.21
CA LYS A 202 38.03 -5.84 -16.67
C LYS A 202 37.23 -6.28 -15.47
N ILE A 203 35.94 -5.98 -15.47
CA ILE A 203 35.07 -6.36 -14.38
C ILE A 203 34.30 -7.59 -14.82
N THR A 204 34.19 -8.56 -13.92
CA THR A 204 33.44 -9.79 -14.17
C THR A 204 32.37 -9.96 -13.12
N VAL A 205 31.10 -9.94 -13.56
CA VAL A 205 29.94 -10.27 -12.72
C VAL A 205 29.61 -11.74 -12.95
N THR A 206 29.58 -12.51 -11.86
CA THR A 206 29.34 -13.94 -11.88
C THR A 206 28.12 -14.23 -11.04
N VAL A 207 27.17 -14.97 -11.59
CA VAL A 207 25.92 -15.29 -10.92
C VAL A 207 25.78 -16.81 -10.84
N THR A 208 25.67 -17.33 -9.63
CA THR A 208 25.37 -18.75 -9.42
C THR A 208 23.89 -18.94 -9.17
N PHE A 209 23.30 -19.93 -9.83
CA PHE A 209 21.87 -20.14 -9.79
C PHE A 209 21.51 -21.31 -8.89
N ASN A 210 20.44 -21.15 -8.13
CA ASN A 210 19.93 -22.27 -7.37
C ASN A 210 19.39 -23.28 -8.37
N PRO A 211 19.26 -24.53 -7.97
CA PRO A 211 18.51 -25.49 -8.76
C PRO A 211 17.08 -25.02 -8.98
N VAL A 212 16.58 -25.23 -10.20
CA VAL A 212 15.23 -24.79 -10.54
C VAL A 212 14.20 -25.40 -9.58
N SER A 213 14.54 -26.53 -8.97
CA SER A 213 13.68 -27.16 -7.97
C SER A 213 13.25 -26.17 -6.90
N ASP A 214 14.11 -25.20 -6.58
CA ASP A 214 13.82 -24.26 -5.51
C ASP A 214 12.72 -23.29 -5.90
N ILE A 215 12.67 -22.89 -7.18
CA ILE A 215 11.82 -21.78 -7.62
C ILE A 215 10.46 -22.25 -8.13
N VAL A 216 10.16 -23.53 -8.05
CA VAL A 216 8.97 -24.12 -8.66
C VAL A 216 8.14 -24.80 -7.59
N ILE A 217 6.82 -24.64 -7.65
CA ILE A 217 5.88 -25.35 -6.79
C ILE A 217 5.00 -26.23 -7.66
N ARG A 218 5.06 -27.55 -7.44
N ARG A 218 5.09 -27.55 -7.46
CA ARG A 218 4.42 -28.50 -8.33
CA ARG A 218 4.40 -28.49 -8.34
C ARG A 218 3.88 -29.68 -7.54
C ARG A 218 3.86 -29.67 -7.54
N ASP A 219 2.93 -30.40 -8.14
CA ASP A 219 2.41 -31.62 -7.56
C ASP A 219 3.17 -32.81 -8.15
N SER A 220 2.66 -34.02 -7.86
CA SER A 220 3.29 -35.25 -8.35
C SER A 220 3.00 -35.48 -9.82
N SER A 221 1.80 -35.10 -10.26
CA SER A 221 1.41 -35.31 -11.65
C SER A 221 2.32 -34.56 -12.60
N PHE A 222 2.91 -33.45 -12.15
CA PHE A 222 3.80 -32.69 -13.01
C PHE A 222 5.05 -33.51 -13.29
N ASP A 223 5.47 -33.51 -14.55
CA ASP A 223 6.70 -34.19 -14.94
C ASP A 223 7.90 -33.30 -14.65
N PHE A 224 8.28 -33.25 -13.37
CA PHE A 224 9.42 -32.44 -13.00
C PHE A 224 10.70 -32.98 -13.60
N GLU A 225 10.78 -34.31 -13.75
CA GLU A 225 11.99 -34.93 -14.28
C GLU A 225 12.33 -34.39 -15.66
N THR A 226 11.35 -34.41 -16.56
CA THR A 226 11.56 -33.80 -17.86
C THR A 226 11.78 -32.30 -17.73
N PHE A 227 10.96 -31.63 -16.90
CA PHE A 227 11.11 -30.19 -16.73
C PHE A 227 12.54 -29.85 -16.37
N ASN A 228 13.05 -30.47 -15.31
CA ASN A 228 14.41 -30.17 -14.85
C ASN A 228 15.45 -30.41 -15.94
N LYS A 229 15.31 -31.50 -16.71
CA LYS A 229 16.28 -31.74 -17.79
C LYS A 229 16.18 -30.65 -18.86
N GLU A 230 14.97 -30.31 -19.27
CA GLU A 230 14.83 -29.36 -20.36
C GLU A 230 15.05 -27.92 -19.92
N PHE A 231 14.93 -27.61 -18.64
CA PHE A 231 15.02 -26.23 -18.18
C PHE A 231 16.45 -25.74 -18.25
N VAL A 232 16.64 -24.53 -18.76
CA VAL A 232 17.91 -23.84 -18.67
C VAL A 232 17.66 -22.41 -18.21
N TYR A 233 18.58 -21.88 -17.41
CA TYR A 233 18.53 -20.49 -17.05
C TYR A 233 18.98 -19.64 -18.23
N VAL A 234 18.17 -18.65 -18.60
CA VAL A 234 18.52 -17.76 -19.72
C VAL A 234 18.70 -16.32 -19.24
N PRO A 235 19.90 -15.95 -18.83
CA PRO A 235 20.10 -14.64 -18.20
C PRO A 235 20.73 -13.57 -19.07
N GLU A 236 20.60 -12.33 -18.62
CA GLU A 236 21.24 -11.20 -19.27
C GLU A 236 21.47 -10.11 -18.23
N LEU A 237 22.68 -9.58 -18.16
CA LEU A 237 23.02 -8.60 -17.13
C LEU A 237 22.97 -7.21 -17.75
N SER A 238 22.17 -6.34 -17.16
CA SER A 238 22.11 -4.95 -17.58
C SER A 238 22.77 -4.10 -16.50
N PHE A 239 23.23 -2.92 -16.87
CA PHE A 239 23.75 -1.99 -15.88
C PHE A 239 23.75 -0.60 -16.49
N ILE A 240 23.79 0.40 -15.63
CA ILE A 240 24.00 1.78 -16.08
C ILE A 240 25.50 2.04 -16.17
N GLY A 241 25.98 2.29 -17.39
CA GLY A 241 27.37 2.65 -17.64
C GLY A 241 27.53 4.15 -17.81
N TYR A 242 28.70 4.65 -17.44
CA TYR A 242 29.02 6.07 -17.52
C TYR A 242 30.29 6.27 -18.35
N MET A 243 30.18 7.07 -19.41
CA MET A 243 31.35 7.52 -20.16
C MET A 243 31.73 8.84 -19.52
N VAL A 244 32.86 8.86 -18.83
CA VAL A 244 33.25 10.00 -18.02
C VAL A 244 34.47 10.62 -18.66
N LYS A 245 34.45 11.94 -18.86
CA LYS A 245 35.61 12.67 -19.39
C LYS A 245 36.48 13.10 -18.21
N ASN A 246 37.75 12.70 -18.24
CA ASN A 246 38.74 13.06 -17.22
C ASN A 246 38.22 12.74 -15.81
N VAL A 247 37.88 11.47 -15.59
CA VAL A 247 37.34 11.09 -14.30
C VAL A 247 38.41 11.28 -13.23
N GLN A 248 38.03 11.85 -12.09
CA GLN A 248 38.92 12.02 -10.94
C GLN A 248 38.52 11.02 -9.86
N ILE A 249 39.23 9.91 -9.79
CA ILE A 249 38.88 8.83 -8.89
C ILE A 249 39.48 9.05 -7.52
N LYS A 250 38.68 8.83 -6.50
CA LYS A 250 39.10 8.81 -5.11
C LYS A 250 38.66 7.46 -4.51
N PRO A 251 39.29 7.02 -3.41
CA PRO A 251 38.86 5.78 -2.77
C PRO A 251 37.56 5.92 -2.01
N SER A 252 36.96 4.77 -1.76
CA SER A 252 35.72 4.70 -0.99
C SER A 252 35.78 3.52 -0.02
N PHE A 253 34.65 3.27 0.62
CA PHE A 253 34.51 2.19 1.56
C PHE A 253 33.30 1.38 1.14
N ILE A 254 33.25 0.14 1.59
CA ILE A 254 32.20 -0.75 1.13
C ILE A 254 31.87 -1.71 2.27
N GLU A 255 30.58 -2.08 2.38
CA GLU A 255 30.16 -3.12 3.34
C GLU A 255 29.87 -4.41 2.59
N LYS A 256 30.46 -5.50 3.07
CA LYS A 256 30.31 -6.81 2.42
C LYS A 256 29.59 -7.73 3.38
N PRO A 257 28.38 -8.21 3.08
CA PRO A 257 27.69 -9.06 4.05
C PRO A 257 28.23 -10.48 3.94
N ARG A 258 28.78 -10.98 5.03
CA ARG A 258 29.32 -12.31 5.13
C ARG A 258 28.41 -13.10 6.06
N ARG A 259 27.97 -14.28 5.65
CA ARG A 259 27.04 -14.99 6.51
C ARG A 259 27.56 -16.37 6.88
N VAL A 260 27.24 -16.74 8.12
CA VAL A 260 27.59 -18.01 8.74
C VAL A 260 26.27 -18.69 9.10
N ILE A 261 26.11 -19.95 8.70
CA ILE A 261 24.95 -20.73 9.10
C ILE A 261 25.35 -21.78 10.11
N GLY A 262 24.55 -21.89 11.17
CA GLY A 262 24.85 -22.85 12.21
C GLY A 262 24.35 -24.24 11.82
N GLN A 263 24.82 -25.21 12.59
CA GLN A 263 24.43 -26.58 12.32
C GLN A 263 22.97 -26.75 12.73
N ILE A 264 22.32 -27.77 12.17
CA ILE A 264 20.90 -27.94 12.39
C ILE A 264 20.59 -27.98 13.87
N ASN A 265 19.58 -27.18 14.28
CA ASN A 265 19.06 -27.11 15.63
C ASN A 265 20.08 -26.61 16.66
N GLN A 266 21.27 -26.24 16.20
CA GLN A 266 22.26 -25.72 17.10
C GLN A 266 22.01 -24.25 17.40
N PRO A 267 21.93 -23.84 18.68
CA PRO A 267 21.60 -22.44 19.01
C PRO A 267 22.79 -21.52 19.22
N THR A 268 23.87 -21.79 18.50
CA THR A 268 25.08 -20.99 18.53
C THR A 268 25.73 -20.98 17.16
N ALA A 269 26.40 -19.88 16.83
CA ALA A 269 27.21 -19.78 15.63
C ALA A 269 28.25 -18.70 15.87
N THR A 270 29.41 -18.85 15.22
CA THR A 270 30.49 -17.90 15.45
C THR A 270 31.02 -17.39 14.13
N VAL A 271 31.29 -16.08 14.09
CA VAL A 271 31.92 -15.41 12.95
C VAL A 271 33.34 -15.04 13.37
N THR A 272 34.32 -15.56 12.64
CA THR A 272 35.70 -15.29 13.02
C THR A 272 36.21 -14.07 12.28
N GLU A 273 37.33 -13.54 12.74
CA GLU A 273 38.02 -12.48 12.03
C GLU A 273 37.10 -11.27 11.85
N VAL A 274 36.46 -10.86 12.94
CA VAL A 274 35.62 -9.67 12.94
C VAL A 274 36.51 -8.52 13.39
N HIS A 275 36.89 -7.66 12.46
CA HIS A 275 37.80 -6.57 12.77
C HIS A 275 37.21 -5.19 12.61
N ALA A 276 36.18 -5.03 11.77
CA ALA A 276 35.51 -3.74 11.57
C ALA A 276 34.13 -3.98 11.01
N ALA A 277 33.18 -4.34 11.85
CA ALA A 277 31.84 -4.69 11.40
C ALA A 277 30.90 -3.50 11.61
N THR A 278 30.09 -3.22 10.60
CA THR A 278 29.13 -2.12 10.67
C THR A 278 27.78 -2.54 11.22
N SER A 279 27.43 -3.82 11.05
CA SER A 279 26.17 -4.37 11.53
C SER A 279 26.35 -5.87 11.72
N LEU A 280 25.46 -6.44 12.53
CA LEU A 280 25.41 -7.88 12.76
C LEU A 280 23.96 -8.28 12.91
N SER A 281 23.49 -9.23 12.08
CA SER A 281 22.11 -9.70 12.07
C SER A 281 22.01 -11.17 12.41
N VAL A 282 20.89 -11.55 13.03
CA VAL A 282 20.62 -12.94 13.37
C VAL A 282 19.20 -13.29 12.92
N TYR A 283 19.05 -14.46 12.31
CA TYR A 283 17.72 -15.00 12.03
C TYR A 283 17.77 -16.52 11.96
N THR A 284 16.58 -17.09 11.84
CA THR A 284 16.35 -18.52 11.79
C THR A 284 15.82 -18.96 10.44
N LYS A 285 16.19 -20.17 10.04
CA LYS A 285 15.57 -20.75 8.87
C LYS A 285 15.09 -22.15 9.22
N PRO A 286 14.07 -22.65 8.54
CA PRO A 286 13.75 -24.07 8.67
C PRO A 286 14.70 -24.89 7.81
N TYR A 287 14.90 -26.14 8.23
CA TYR A 287 15.65 -27.14 7.48
C TYR A 287 14.71 -28.30 7.19
N TYR A 288 14.39 -28.50 5.92
CA TYR A 288 13.41 -29.51 5.55
C TYR A 288 14.07 -30.76 4.97
N GLY A 289 15.30 -31.08 5.39
CA GLY A 289 15.97 -32.25 4.86
C GLY A 289 15.40 -33.57 5.36
N ASN A 290 14.73 -33.57 6.52
CA ASN A 290 14.06 -34.76 7.04
C ASN A 290 12.71 -34.99 6.39
N THR A 291 12.36 -34.21 5.38
CA THR A 291 11.06 -34.30 4.72
C THR A 291 11.24 -34.34 3.20
N ASP A 292 10.15 -34.67 2.52
CA ASP A 292 10.08 -34.68 1.06
C ASP A 292 9.74 -33.30 0.50
N ASN A 293 9.61 -32.30 1.38
CA ASN A 293 9.30 -30.93 1.03
C ASN A 293 7.91 -30.78 0.41
N LYS A 294 7.00 -31.62 0.84
CA LYS A 294 5.65 -31.65 0.32
C LYS A 294 4.70 -31.11 1.40
N PHE A 295 3.78 -30.24 0.99
CA PHE A 295 2.80 -29.62 1.88
C PHE A 295 1.43 -29.78 1.26
N ILE A 296 0.40 -29.76 2.13
CA ILE A 296 -0.97 -30.05 1.71
C ILE A 296 -1.54 -28.92 0.86
N SER A 297 -1.24 -27.66 1.20
CA SER A 297 -1.88 -26.54 0.56
C SER A 297 -0.85 -25.45 0.24
N TYR A 298 -1.19 -24.62 -0.77
CA TYR A 298 -0.45 -23.38 -1.10
C TYR A 298 -1.43 -22.32 -1.61
N PRO A 299 -1.40 -21.09 -1.08
CA PRO A 299 -2.45 -20.12 -1.44
C PRO A 299 -2.29 -19.56 -2.84
N GLY A 300 -1.07 -19.55 -3.37
CA GLY A 300 -0.80 -19.03 -4.69
C GLY A 300 -0.22 -17.64 -4.61
N TYR A 301 -0.65 -16.77 -5.52
CA TYR A 301 -0.19 -15.38 -5.52
C TYR A 301 -0.60 -14.67 -4.25
N SER A 302 -1.75 -15.02 -3.71
CA SER A 302 -2.27 -14.41 -2.51
C SER A 302 -1.43 -14.86 -1.32
N GLN A 303 -0.57 -13.97 -0.81
CA GLN A 303 0.43 -14.34 0.20
C GLN A 303 0.15 -13.75 1.59
N ASP A 304 -1.06 -13.29 1.87
CA ASP A 304 -1.37 -12.84 3.22
C ASP A 304 -1.48 -14.07 4.11
N GLU A 305 -1.11 -13.92 5.38
CA GLU A 305 -1.26 -15.06 6.29
C GLU A 305 -2.67 -15.62 6.26
N LYS A 306 -3.69 -14.76 6.21
CA LYS A 306 -5.05 -15.29 6.09
C LYS A 306 -5.22 -16.09 4.80
N ASP A 307 -4.53 -15.70 3.73
CA ASP A 307 -4.63 -16.42 2.48
C ASP A 307 -4.08 -17.83 2.65
N TYR A 308 -2.95 -17.96 3.35
CA TYR A 308 -2.36 -19.26 3.61
C TYR A 308 -3.33 -20.15 4.35
N ILE A 309 -3.96 -19.61 5.38
CA ILE A 309 -4.90 -20.39 6.19
C ILE A 309 -6.10 -20.82 5.35
N ASP A 310 -6.65 -19.91 4.55
CA ASP A 310 -7.86 -20.25 3.81
C ASP A 310 -7.61 -21.37 2.81
N ALA A 311 -6.47 -21.36 2.15
CA ALA A 311 -6.14 -22.43 1.21
C ALA A 311 -6.09 -23.78 1.93
N TYR A 312 -5.46 -23.81 3.10
CA TYR A 312 -5.42 -25.01 3.93
C TYR A 312 -6.81 -25.48 4.27
N VAL A 313 -7.61 -24.61 4.91
CA VAL A 313 -8.95 -25.00 5.33
C VAL A 313 -9.74 -25.48 4.14
N SER A 314 -9.56 -24.82 2.99
CA SER A 314 -10.27 -25.22 1.78
C SER A 314 -9.88 -26.64 1.36
N ARG A 315 -8.60 -26.98 1.46
CA ARG A 315 -8.15 -28.30 1.03
C ARG A 315 -8.63 -29.38 1.99
N LEU A 316 -8.71 -29.04 3.28
CA LEU A 316 -9.17 -29.99 4.27
C LEU A 316 -10.66 -30.29 4.10
N LEU A 317 -11.46 -29.27 3.81
CA LEU A 317 -12.92 -29.43 3.76
C LEU A 317 -13.37 -30.44 2.73
N ASP A 318 -12.53 -30.74 1.73
CA ASP A 318 -12.85 -31.79 0.77
C ASP A 318 -13.18 -33.12 1.46
N ASP A 319 -12.41 -33.49 2.49
CA ASP A 319 -12.61 -34.71 3.26
C ASP A 319 -13.27 -34.47 4.61
N LEU A 320 -13.26 -33.24 5.11
CA LEU A 320 -13.71 -32.98 6.46
C LEU A 320 -15.21 -33.23 6.65
N VAL A 321 -16.04 -32.79 5.69
CA VAL A 321 -17.47 -33.02 5.72
C VAL A 321 -17.83 -33.77 4.45
N ILE A 322 -18.44 -34.95 4.60
CA ILE A 322 -18.81 -35.77 3.45
C ILE A 322 -20.32 -35.99 3.43
N VAL A 323 -20.90 -35.83 2.24
CA VAL A 323 -22.31 -36.10 1.98
C VAL A 323 -22.33 -37.31 1.06
N SER A 324 -22.79 -38.43 1.59
CA SER A 324 -22.83 -39.63 0.77
C SER A 324 -24.05 -40.44 1.18
N ASP A 325 -24.38 -41.43 0.32
CA ASP A 325 -25.37 -42.45 0.65
C ASP A 325 -24.62 -43.56 1.37
N GLY A 326 -24.79 -43.63 2.69
CA GLY A 326 -24.08 -44.58 3.51
C GLY A 326 -22.65 -44.15 3.74
N PRO A 327 -22.00 -44.76 4.74
CA PRO A 327 -20.64 -44.34 5.16
C PRO A 327 -19.70 -44.13 3.98
N PRO A 328 -18.89 -43.08 4.03
CA PRO A 328 -17.99 -42.77 2.92
C PRO A 328 -16.95 -43.86 2.66
N THR A 329 -16.51 -43.94 1.42
CA THR A 329 -15.60 -44.97 0.98
C THR A 329 -14.29 -44.35 0.52
N GLY A 330 -13.24 -45.16 0.48
CA GLY A 330 -11.98 -44.69 -0.05
C GLY A 330 -11.16 -43.88 0.94
N TYR A 331 -11.37 -44.11 2.20
CA TYR A 331 -10.56 -43.52 3.23
C TYR A 331 -9.81 -44.63 3.94
N PRO A 332 -8.66 -44.32 4.54
CA PRO A 332 -7.94 -45.34 5.30
C PRO A 332 -8.84 -45.99 6.32
N GLU A 333 -8.54 -47.25 6.63
CA GLU A 333 -9.29 -47.93 7.69
C GLU A 333 -9.06 -47.23 9.01
N SER A 334 -7.94 -46.51 9.12
CA SER A 334 -7.59 -45.72 10.29
C SER A 334 -8.52 -44.54 10.53
N ALA A 335 -9.21 -44.07 9.48
CA ALA A 335 -10.06 -42.89 9.59
C ALA A 335 -11.24 -43.17 10.49
N GLU A 336 -11.69 -42.15 11.22
CA GLU A 336 -12.84 -42.26 12.11
C GLU A 336 -13.92 -41.30 11.63
N ILE A 337 -14.63 -41.69 10.57
CA ILE A 337 -15.74 -40.88 10.05
C ILE A 337 -17.03 -41.26 10.76
N VAL A 338 -17.67 -40.27 11.39
CA VAL A 338 -18.86 -40.47 12.19
C VAL A 338 -20.02 -39.80 11.43
N GLU A 339 -21.23 -40.34 11.56
CA GLU A 339 -22.42 -39.68 11.00
C GLU A 339 -22.85 -38.53 11.91
N VAL A 340 -23.20 -37.40 11.31
CA VAL A 340 -23.55 -36.23 12.11
C VAL A 340 -24.97 -36.39 12.66
N PRO A 341 -25.19 -36.21 13.95
CA PRO A 341 -26.52 -36.39 14.52
C PRO A 341 -27.52 -35.36 14.00
N GLU A 342 -28.79 -35.61 14.32
CA GLU A 342 -29.85 -34.65 13.99
C GLU A 342 -29.62 -33.36 14.77
N ASP A 343 -29.01 -33.49 15.94
CA ASP A 343 -28.57 -32.39 16.77
C ASP A 343 -27.62 -31.45 16.03
N GLY A 344 -26.84 -31.97 15.09
CA GLY A 344 -25.83 -31.21 14.37
C GLY A 344 -24.47 -31.14 15.05
N ILE A 345 -24.35 -31.61 16.28
CA ILE A 345 -23.12 -31.51 17.04
C ILE A 345 -22.48 -32.89 17.14
N VAL A 346 -21.25 -32.98 16.65
CA VAL A 346 -20.37 -34.12 16.84
C VAL A 346 -19.33 -33.76 17.90
N SER A 347 -19.15 -34.62 18.90
CA SER A 347 -18.18 -34.38 19.96
C SER A 347 -16.95 -35.25 19.75
N ILE A 348 -15.83 -34.62 19.43
CA ILE A 348 -14.53 -35.28 19.35
C ILE A 348 -13.81 -34.96 20.66
N GLN A 349 -13.93 -35.85 21.64
CA GLN A 349 -13.37 -35.66 22.98
C GLN A 349 -13.98 -34.37 23.56
N ASP A 350 -13.16 -33.52 24.18
CA ASP A 350 -13.61 -32.25 24.70
C ASP A 350 -14.13 -31.31 23.61
N ALA A 351 -13.83 -31.59 22.35
CA ALA A 351 -14.08 -30.66 21.26
C ALA A 351 -15.39 -31.00 20.56
N ASP A 352 -16.23 -29.99 20.38
CA ASP A 352 -17.52 -30.12 19.72
C ASP A 352 -17.48 -29.44 18.35
N VAL A 353 -18.09 -30.08 17.37
CA VAL A 353 -18.09 -29.58 16.00
C VAL A 353 -19.53 -29.56 15.52
N TYR A 354 -20.03 -28.37 15.21
CA TYR A 354 -21.39 -28.18 14.71
C TYR A 354 -21.37 -28.24 13.18
N VAL A 355 -22.05 -29.24 12.62
CA VAL A 355 -22.08 -29.42 11.17
C VAL A 355 -23.55 -29.44 10.70
N LYS A 356 -23.91 -28.51 9.81
CA LYS A 356 -25.25 -28.41 9.26
C LYS A 356 -25.12 -28.10 7.78
N ILE A 357 -25.45 -29.05 6.92
CA ILE A 357 -25.45 -28.83 5.48
C ILE A 357 -26.89 -28.81 4.99
N ASP A 358 -27.25 -27.76 4.25
CA ASP A 358 -28.61 -27.68 3.73
C ASP A 358 -28.76 -28.52 2.47
N ASN A 359 -30.01 -28.88 2.19
CA ASN A 359 -30.41 -29.50 0.94
C ASN A 359 -29.70 -30.83 0.72
N VAL A 360 -29.52 -31.58 1.79
CA VAL A 360 -28.95 -32.92 1.67
C VAL A 360 -30.03 -33.85 1.12
N PRO A 361 -29.73 -34.66 0.11
CA PRO A 361 -30.70 -35.65 -0.36
C PRO A 361 -31.22 -36.58 0.73
N ASP A 362 -32.43 -37.10 0.50
CA ASP A 362 -33.11 -37.95 1.48
C ASP A 362 -32.36 -39.26 1.67
N ASN A 363 -31.82 -39.81 0.59
CA ASN A 363 -31.09 -41.07 0.68
C ASN A 363 -29.67 -40.91 1.20
N MET A 364 -29.19 -39.69 1.43
CA MET A 364 -27.84 -39.42 1.88
C MET A 364 -27.81 -38.84 3.30
N SER A 365 -26.65 -38.94 3.93
CA SER A 365 -26.41 -38.43 5.29
C SER A 365 -25.17 -37.53 5.28
N VAL A 366 -24.96 -36.81 6.37
CA VAL A 366 -23.79 -35.95 6.52
C VAL A 366 -22.82 -36.58 7.52
N TYR A 367 -21.60 -36.82 7.08
CA TYR A 367 -20.57 -37.42 7.90
C TYR A 367 -19.46 -36.40 8.16
N LEU A 368 -18.81 -36.52 9.33
CA LEU A 368 -17.66 -35.70 9.72
C LEU A 368 -16.45 -36.58 9.97
N HIS A 369 -15.37 -36.32 9.24
CA HIS A 369 -14.10 -36.99 9.46
C HIS A 369 -13.45 -36.47 10.74
N THR A 370 -13.40 -37.30 11.76
CA THR A 370 -13.02 -36.81 13.08
C THR A 370 -11.52 -36.88 13.38
N ASN A 371 -10.71 -37.35 12.45
CA ASN A 371 -9.27 -37.36 12.69
C ASN A 371 -8.56 -37.21 11.35
N LEU A 372 -8.91 -36.16 10.59
CA LEU A 372 -8.37 -36.01 9.25
C LEU A 372 -6.85 -36.07 9.24
N LEU A 373 -6.23 -35.40 10.21
CA LEU A 373 -4.79 -35.43 10.46
C LEU A 373 -4.64 -35.50 11.97
N MET A 374 -3.86 -36.46 12.47
CA MET A 374 -3.63 -36.56 13.89
C MET A 374 -2.19 -36.96 14.18
N PHE A 375 -1.68 -36.47 15.31
CA PHE A 375 -0.30 -36.68 15.71
C PHE A 375 -0.21 -36.91 17.22
N GLY A 376 0.57 -37.93 17.59
CA GLY A 376 0.84 -38.24 18.98
C GLY A 376 2.10 -39.08 19.08
N THR A 377 2.84 -38.87 20.16
CA THR A 377 4.10 -39.58 20.33
C THR A 377 3.95 -40.79 21.22
N ARG A 378 2.88 -40.86 22.02
CA ARG A 378 2.53 -42.03 22.79
C ARG A 378 1.04 -42.34 22.63
N LYS A 379 0.70 -43.63 22.76
CA LYS A 379 -0.69 -44.05 22.71
C LYS A 379 -1.42 -43.63 23.97
N ASN A 380 -2.73 -43.38 23.85
CA ASN A 380 -3.57 -42.94 24.97
C ASN A 380 -3.03 -41.69 25.66
N SER A 381 -2.27 -40.87 24.93
CA SER A 381 -1.66 -39.64 25.41
C SER A 381 -2.40 -38.46 24.78
N PHE A 382 -1.81 -37.28 24.88
CA PHE A 382 -2.29 -36.12 24.12
C PHE A 382 -2.31 -36.43 22.63
N ILE A 383 -3.20 -35.74 21.93
CA ILE A 383 -3.35 -35.88 20.49
C ILE A 383 -3.45 -34.49 19.87
N TYR A 384 -2.71 -34.27 18.79
CA TYR A 384 -2.91 -33.09 17.95
C TYR A 384 -3.82 -33.52 16.80
N ASN A 385 -5.06 -33.05 16.81
CA ASN A 385 -6.06 -33.53 15.86
C ASN A 385 -6.61 -32.35 15.09
N ILE A 386 -6.34 -32.28 13.79
CA ILE A 386 -6.75 -31.11 13.03
C ILE A 386 -8.26 -30.97 13.04
N SER A 387 -8.98 -32.08 13.13
CA SER A 387 -10.44 -32.01 13.13
C SER A 387 -10.95 -31.33 14.41
N LYS A 388 -10.24 -31.49 15.52
CA LYS A 388 -10.70 -30.84 16.74
C LYS A 388 -10.54 -29.33 16.65
N LYS A 389 -9.90 -28.83 15.59
CA LYS A 389 -9.70 -27.40 15.41
C LYS A 389 -10.84 -26.73 14.62
N PHE A 390 -11.93 -27.44 14.36
CA PHE A 390 -13.09 -26.83 13.72
C PHE A 390 -14.23 -26.70 14.72
N SER A 391 -14.92 -25.56 14.64
CA SER A 391 -16.00 -25.22 15.56
C SER A 391 -17.37 -25.35 14.89
N ALA A 392 -17.44 -24.97 13.62
CA ALA A 392 -18.70 -24.88 12.92
C ALA A 392 -18.42 -25.03 11.44
N ILE A 393 -19.28 -25.78 10.77
CA ILE A 393 -19.23 -25.96 9.32
C ILE A 393 -20.64 -25.91 8.81
N THR A 394 -20.98 -24.89 8.04
CA THR A 394 -22.29 -24.80 7.42
C THR A 394 -22.13 -24.65 5.91
N GLY A 395 -23.11 -25.17 5.19
CA GLY A 395 -23.05 -25.10 3.74
C GLY A 395 -24.29 -25.73 3.15
N THR A 396 -24.26 -25.89 1.82
CA THR A 396 -25.42 -26.40 1.09
C THR A 396 -24.98 -27.36 0.00
N TYR A 397 -25.67 -28.50 -0.09
CA TYR A 397 -25.41 -29.50 -1.11
C TYR A 397 -26.04 -29.11 -2.44
N SER A 398 -25.30 -29.35 -3.50
CA SER A 398 -25.75 -29.06 -4.86
C SER A 398 -26.22 -30.34 -5.52
N ASP A 399 -27.51 -30.38 -5.88
CA ASP A 399 -28.03 -31.52 -6.62
C ASP A 399 -27.44 -31.56 -8.02
N ALA A 400 -27.14 -30.39 -8.59
CA ALA A 400 -26.67 -30.33 -9.98
C ALA A 400 -25.27 -30.92 -10.12
N THR A 401 -24.37 -30.55 -9.22
CA THR A 401 -22.96 -30.89 -9.28
C THR A 401 -22.57 -31.96 -8.27
N LYS A 402 -23.51 -32.41 -7.44
CA LYS A 402 -23.30 -33.51 -6.51
C LYS A 402 -22.10 -33.23 -5.60
N ARG A 403 -22.08 -32.04 -5.04
CA ARG A 403 -20.99 -31.64 -4.15
C ARG A 403 -21.50 -30.59 -3.17
N THR A 404 -20.78 -30.43 -2.07
CA THR A 404 -21.17 -29.49 -1.03
C THR A 404 -20.43 -28.17 -1.20
N ILE A 405 -21.17 -27.07 -1.04
CA ILE A 405 -20.63 -25.73 -1.16
C ILE A 405 -20.71 -25.15 0.24
N PHE A 406 -19.56 -24.86 0.85
CA PHE A 406 -19.53 -24.43 2.24
C PHE A 406 -19.80 -22.95 2.36
N ALA A 407 -20.52 -22.57 3.41
CA ALA A 407 -20.92 -21.20 3.57
C ALA A 407 -20.10 -20.50 4.65
N HIS A 408 -20.04 -21.10 5.83
CA HIS A 408 -19.36 -20.51 6.97
C HIS A 408 -18.53 -21.57 7.68
N ILE A 409 -17.26 -21.27 7.92
CA ILE A 409 -16.38 -22.15 8.69
C ILE A 409 -15.88 -21.40 9.91
N SER A 410 -16.15 -21.92 11.10
CA SER A 410 -15.49 -21.44 12.31
C SER A 410 -14.40 -22.42 12.66
N HIS A 411 -13.18 -21.93 12.81
CA HIS A 411 -12.04 -22.81 13.09
C HIS A 411 -10.96 -22.01 13.79
N SER A 412 -9.88 -22.73 14.13
CA SER A 412 -8.71 -22.15 14.78
C SER A 412 -7.42 -22.60 14.10
N ILE A 413 -7.51 -22.97 12.81
CA ILE A 413 -6.32 -23.23 12.02
C ILE A 413 -5.45 -21.98 12.01
N ASN A 414 -4.14 -22.19 12.14
CA ASN A 414 -3.21 -21.09 12.23
C ASN A 414 -2.12 -21.29 11.17
N ILE A 415 -1.23 -20.30 11.08
CA ILE A 415 -0.25 -20.33 10.01
C ILE A 415 0.65 -21.54 10.17
N ILE A 416 0.86 -21.99 11.40
CA ILE A 416 1.75 -23.11 11.60
C ILE A 416 1.17 -24.36 10.97
N ASP A 417 -0.14 -24.60 11.18
CA ASP A 417 -0.77 -25.78 10.61
C ASP A 417 -0.57 -25.84 9.10
N THR A 418 -0.53 -24.69 8.45
CA THR A 418 -0.40 -24.67 7.02
C THR A 418 1.02 -24.91 6.57
N SER A 419 1.99 -24.91 7.49
CA SER A 419 3.41 -24.97 7.17
C SER A 419 4.06 -26.27 7.62
N ILE A 420 3.24 -27.28 7.92
CA ILE A 420 3.72 -28.58 8.39
C ILE A 420 3.95 -29.44 7.17
N PRO A 421 5.15 -29.96 6.95
CA PRO A 421 5.34 -30.94 5.88
C PRO A 421 4.47 -32.16 6.10
N VAL A 422 3.90 -32.69 5.02
CA VAL A 422 3.10 -33.91 5.11
C VAL A 422 3.93 -35.02 5.71
N SER A 423 5.24 -35.01 5.44
CA SER A 423 6.14 -36.03 5.94
C SER A 423 5.98 -36.18 7.45
N LEU A 424 5.85 -35.04 8.15
CA LEU A 424 5.82 -35.02 9.60
C LEU A 424 4.54 -35.64 10.14
N TRP A 425 3.45 -35.53 9.40
CA TRP A 425 2.23 -36.18 9.85
C TRP A 425 2.39 -37.69 9.86
N THR A 426 3.16 -38.23 8.91
CA THR A 426 3.34 -39.67 8.75
C THR A 426 4.71 -40.08 9.24
N SER A 427 5.20 -39.36 10.25
CA SER A 427 6.50 -39.55 10.87
C SER A 427 6.56 -40.86 11.66
N GLN A 428 7.79 -41.37 11.82
CA GLN A 428 7.99 -42.55 12.64
C GLN A 428 7.67 -42.23 14.09
N ARG A 429 7.91 -40.98 14.47
CA ARG A 429 7.57 -40.46 15.79
C ARG A 429 6.09 -40.56 16.11
N ASN A 430 5.25 -40.67 15.10
CA ASN A 430 3.80 -40.64 15.29
C ASN A 430 3.27 -42.05 15.55
N VAL A 431 2.61 -42.21 16.70
CA VAL A 431 2.00 -43.50 17.03
C VAL A 431 0.70 -43.73 16.28
N TYR A 432 0.14 -42.69 15.64
CA TYR A 432 -1.06 -42.82 14.83
C TYR A 432 -0.70 -42.96 13.36
N ASN A 433 -1.72 -43.21 12.55
CA ASN A 433 -1.50 -43.25 11.11
C ASN A 433 -1.06 -41.88 10.61
N GLY A 434 -1.79 -40.83 11.02
CA GLY A 434 -1.42 -39.47 10.73
C GLY A 434 -2.23 -38.84 9.61
N ASP A 435 -1.98 -39.26 8.37
CA ASP A 435 -2.64 -38.70 7.20
C ASP A 435 -3.80 -39.59 6.81
N ASN A 436 -5.00 -39.23 7.29
CA ASN A 436 -6.22 -39.97 7.02
C ASN A 436 -7.05 -39.30 5.95
N ARG A 437 -6.40 -38.53 5.08
CA ARG A 437 -7.06 -37.83 4.00
C ARG A 437 -7.39 -38.82 2.91
N SER A 438 -8.30 -38.42 2.03
CA SER A 438 -8.56 -39.22 0.86
C SER A 438 -7.33 -39.28 -0.03
N ALA A 439 -7.25 -40.32 -0.86
CA ALA A 439 -6.16 -40.41 -1.82
C ALA A 439 -6.22 -39.26 -2.81
N GLU A 440 -7.44 -38.82 -3.13
CA GLU A 440 -7.64 -37.68 -4.03
C GLU A 440 -6.98 -36.44 -3.46
N SER A 441 -7.20 -36.20 -2.17
CA SER A 441 -6.59 -35.08 -1.47
C SER A 441 -5.08 -35.17 -1.53
N LYS A 442 -4.52 -36.30 -1.08
CA LYS A 442 -3.07 -36.45 -0.93
C LYS A 442 -2.35 -36.25 -2.25
N ALA A 443 -3.04 -36.52 -3.35
CA ALA A 443 -2.47 -36.38 -4.69
C ALA A 443 -2.19 -34.92 -5.02
N LYS A 444 -2.99 -34.02 -4.43
CA LYS A 444 -2.93 -32.61 -4.70
C LYS A 444 -1.84 -31.89 -3.92
N ASP A 445 -1.15 -32.59 -3.03
CA ASP A 445 -0.09 -31.98 -2.25
C ASP A 445 1.03 -31.49 -3.17
N LEU A 446 1.73 -30.45 -2.71
CA LEU A 446 2.66 -29.69 -3.54
C LEU A 446 4.04 -29.64 -2.89
N PHE A 447 5.07 -29.87 -3.69
CA PHE A 447 6.44 -29.69 -3.23
C PHE A 447 6.79 -28.21 -3.22
N ILE A 448 7.38 -27.74 -2.12
CA ILE A 448 7.83 -26.35 -2.01
C ILE A 448 9.27 -26.34 -1.53
N ASN A 449 10.16 -25.73 -2.31
CA ASN A 449 11.56 -25.73 -1.94
C ASN A 449 12.17 -24.34 -1.95
N ASP A 450 11.33 -23.33 -1.72
CA ASP A 450 11.72 -21.94 -1.64
C ASP A 450 12.94 -21.75 -0.72
N PRO A 451 14.04 -21.21 -1.24
CA PRO A 451 15.27 -21.18 -0.45
C PRO A 451 15.37 -20.09 0.60
N PHE A 452 14.44 -19.14 0.64
CA PHE A 452 14.58 -17.99 1.53
C PHE A 452 13.53 -18.00 2.63
N ILE A 453 13.04 -19.18 3.02
CA ILE A 453 12.06 -19.22 4.09
C ILE A 453 12.75 -18.96 5.41
N LYS A 454 12.10 -18.18 6.26
CA LYS A 454 12.62 -17.84 7.56
C LYS A 454 11.64 -18.32 8.62
N GLY A 455 12.18 -18.63 9.80
CA GLY A 455 11.34 -19.05 10.88
C GLY A 455 10.99 -20.52 10.77
N ILE A 456 9.80 -20.85 11.27
CA ILE A 456 9.27 -22.21 11.16
C ILE A 456 7.91 -22.22 10.51
N ASP A 457 7.39 -21.07 10.13
CA ASP A 457 6.14 -20.95 9.41
C ASP A 457 6.34 -20.09 8.17
N PHE A 458 5.45 -20.30 7.20
CA PHE A 458 5.56 -19.70 5.87
C PHE A 458 5.50 -18.19 5.87
N LYS A 459 5.10 -17.56 6.98
CA LYS A 459 5.07 -16.11 7.08
C LYS A 459 6.13 -15.56 8.00
N ASN A 460 7.02 -16.40 8.54
CA ASN A 460 7.98 -15.96 9.56
C ASN A 460 7.24 -15.28 10.71
N LYS A 461 6.03 -15.75 10.99
CA LYS A 461 5.19 -15.09 11.99
C LYS A 461 5.58 -15.51 13.38
N THR A 462 5.69 -16.81 13.61
CA THR A 462 6.09 -17.32 14.91
C THR A 462 7.52 -16.96 15.21
N ASP A 463 7.76 -16.34 16.36
CA ASP A 463 9.12 -15.99 16.77
C ASP A 463 9.63 -17.05 17.73
N ILE A 464 10.68 -17.76 17.31
CA ILE A 464 11.16 -18.89 18.09
C ILE A 464 12.46 -18.60 18.85
N ILE A 465 13.06 -17.42 18.70
CA ILE A 465 14.20 -17.04 19.53
C ILE A 465 13.67 -16.36 20.77
N SER A 466 13.95 -16.94 21.93
CA SER A 466 13.48 -16.38 23.20
C SER A 466 14.51 -15.50 23.90
N ARG A 467 15.80 -15.78 23.73
CA ARG A 467 16.87 -14.99 24.32
C ARG A 467 18.01 -14.90 23.31
N LEU A 468 18.68 -13.76 23.29
CA LEU A 468 19.75 -13.51 22.35
C LEU A 468 20.94 -12.96 23.11
N GLU A 469 22.11 -13.58 22.89
CA GLU A 469 23.36 -13.15 23.49
C GLU A 469 24.41 -13.11 22.39
N VAL A 470 25.11 -11.97 22.27
CA VAL A 470 26.20 -11.79 21.33
C VAL A 470 27.45 -11.49 22.14
N ARG A 471 28.52 -12.24 21.87
CA ARG A 471 29.80 -12.01 22.53
C ARG A 471 30.83 -11.57 21.49
N PHE A 472 31.58 -10.53 21.84
CA PHE A 472 32.75 -10.07 21.08
C PHE A 472 33.96 -10.63 21.78
N GLY A 473 34.60 -11.62 21.17
CA GLY A 473 35.59 -12.39 21.89
C GLY A 473 34.88 -13.25 22.91
N ASN A 474 35.20 -13.00 24.18
CA ASN A 474 34.59 -13.70 25.30
C ASN A 474 33.75 -12.80 26.21
N ASP A 475 33.76 -11.48 26.03
CA ASP A 475 32.89 -10.59 26.78
C ASP A 475 31.55 -10.47 26.08
N VAL A 476 30.50 -10.24 26.88
CA VAL A 476 29.15 -10.08 26.33
C VAL A 476 29.00 -8.68 25.78
N LEU A 477 28.67 -8.59 24.48
CA LEU A 477 28.45 -7.32 23.81
C LEU A 477 27.01 -6.85 23.88
N TYR A 478 26.05 -7.77 23.82
CA TYR A 478 24.65 -7.42 23.75
C TYR A 478 23.84 -8.62 24.17
N SER A 479 22.76 -8.35 24.88
CA SER A 479 21.83 -9.39 25.27
C SER A 479 20.46 -8.76 25.27
N GLU A 480 19.47 -9.56 24.88
CA GLU A 480 18.11 -9.08 24.87
C GLU A 480 17.18 -10.25 25.09
N ASN A 481 16.09 -9.96 25.79
CA ASN A 481 15.05 -10.93 26.13
C ASN A 481 13.81 -10.82 25.26
N GLY A 482 13.46 -9.61 24.83
CA GLY A 482 12.51 -9.41 23.75
C GLY A 482 13.28 -9.02 22.50
N PRO A 483 12.60 -8.98 21.35
CA PRO A 483 13.26 -8.63 20.07
C PRO A 483 13.39 -7.12 19.85
N ILE A 484 13.89 -6.41 20.87
CA ILE A 484 14.01 -4.98 20.71
C ILE A 484 14.99 -4.66 19.58
N SER A 485 16.03 -5.46 19.41
CA SER A 485 16.94 -5.21 18.28
C SER A 485 16.21 -5.32 16.95
N ARG A 486 15.26 -6.25 16.83
CA ARG A 486 14.44 -6.32 15.60
C ARG A 486 13.47 -5.15 15.51
N ILE A 487 12.83 -4.79 16.62
CA ILE A 487 11.97 -3.63 16.60
C ILE A 487 12.72 -2.44 16.04
N TYR A 488 13.93 -2.18 16.56
CA TYR A 488 14.73 -1.07 16.04
C TYR A 488 15.12 -1.27 14.58
N ASN A 489 15.46 -2.51 14.20
CA ASN A 489 15.83 -2.72 12.80
C ASN A 489 14.69 -2.32 11.89
N GLU A 490 13.50 -2.88 12.12
CA GLU A 490 12.35 -2.53 11.29
C GLU A 490 12.08 -1.03 11.33
N LEU A 491 12.15 -0.43 12.52
CA LEU A 491 11.84 0.98 12.66
C LEU A 491 12.80 1.85 11.86
N LEU A 492 14.10 1.63 12.03
CA LEU A 492 15.06 2.51 11.40
C LEU A 492 15.18 2.31 9.91
N THR A 493 14.68 1.21 9.35
CA THR A 493 14.82 0.97 7.92
C THR A 493 13.46 0.98 7.23
N LYS A 494 12.41 1.33 7.94
CA LYS A 494 11.05 1.38 7.42
C LYS A 494 10.73 0.08 6.69
N SER A 495 10.98 -1.05 7.35
CA SER A 495 10.67 -2.34 6.77
C SER A 495 9.87 -3.17 7.77
N ASN A 496 8.84 -3.86 7.28
CA ASN A 496 8.07 -4.76 8.13
C ASN A 496 8.61 -6.19 8.11
N ASN A 497 9.72 -6.41 7.41
CA ASN A 497 10.41 -7.69 7.42
C ASN A 497 11.84 -7.47 7.87
N GLY A 498 12.02 -7.23 9.16
CA GLY A 498 13.33 -7.02 9.74
C GLY A 498 13.82 -8.27 10.43
N THR A 499 15.04 -8.17 10.96
CA THR A 499 15.72 -9.22 11.71
C THR A 499 16.35 -8.60 12.95
N ARG A 500 16.57 -9.44 13.98
CA ARG A 500 17.30 -9.00 15.17
C ARG A 500 18.67 -8.52 14.71
N THR A 501 18.92 -7.21 14.78
CA THR A 501 20.13 -6.66 14.16
C THR A 501 20.82 -5.64 15.05
N LEU A 502 22.13 -5.81 15.20
CA LEU A 502 22.99 -4.89 15.92
C LEU A 502 23.65 -3.98 14.91
N THR A 503 23.15 -2.77 14.75
CA THR A 503 23.74 -1.82 13.82
C THR A 503 24.77 -0.96 14.53
N PHE A 504 26.01 -0.97 14.03
CA PHE A 504 27.04 -0.17 14.67
C PHE A 504 27.26 1.17 13.99
N ASN A 505 26.93 1.27 12.71
CA ASN A 505 27.21 2.47 11.94
C ASN A 505 25.95 3.32 11.78
N PHE A 506 25.92 4.46 12.45
CA PHE A 506 24.84 5.42 12.26
C PHE A 506 25.29 6.65 11.46
N THR A 507 26.41 6.54 10.75
CA THR A 507 27.01 7.64 10.03
C THR A 507 26.62 7.55 8.57
N PRO A 508 26.26 8.69 7.97
CA PRO A 508 25.85 8.70 6.57
C PRO A 508 26.86 8.05 5.64
N LYS A 509 26.38 7.13 4.80
CA LYS A 509 27.28 6.36 3.93
C LYS A 509 27.91 7.26 2.87
N ILE A 510 29.03 6.80 2.34
CA ILE A 510 29.71 7.40 1.19
C ILE A 510 30.43 8.68 1.58
N PHE A 511 29.77 9.56 2.32
CA PHE A 511 30.46 10.79 2.66
C PHE A 511 31.36 10.63 3.87
N PHE A 512 31.22 9.56 4.63
CA PHE A 512 32.05 9.34 5.80
C PHE A 512 32.53 7.90 5.78
N ARG A 513 33.62 7.67 6.47
CA ARG A 513 34.04 6.31 6.72
C ARG A 513 33.07 5.72 7.75
N PRO A 514 32.43 4.58 7.45
CA PRO A 514 31.45 4.00 8.37
C PRO A 514 32.02 3.74 9.76
N THR A 515 31.20 4.04 10.76
CA THR A 515 31.53 3.70 12.14
C THR A 515 31.48 2.19 12.29
N THR A 516 32.54 1.61 12.84
CA THR A 516 32.63 0.17 13.00
C THR A 516 32.91 -0.18 14.43
N ILE A 517 32.54 -1.40 14.80
CA ILE A 517 33.02 -2.00 16.03
C ILE A 517 34.36 -2.63 15.72
N THR A 518 35.37 -2.27 16.51
CA THR A 518 36.74 -2.55 16.17
C THR A 518 37.36 -3.57 17.11
N ALA A 519 38.24 -4.39 16.56
CA ALA A 519 38.77 -5.53 17.29
C ALA A 519 39.98 -5.15 18.12
N ASN A 520 40.21 -5.93 19.17
CA ASN A 520 41.46 -5.95 19.93
C ASN A 520 41.97 -7.38 19.80
N VAL A 521 42.52 -7.70 18.62
CA VAL A 521 43.12 -9.01 18.35
C VAL A 521 44.05 -9.40 19.49
N SER A 522 44.63 -8.41 20.17
CA SER A 522 45.56 -8.68 21.25
C SER A 522 44.84 -9.28 22.46
N ARG A 523 43.69 -8.71 22.84
CA ARG A 523 42.87 -9.24 23.92
C ARG A 523 41.93 -10.40 23.49
N GLY A 524 42.16 -11.03 22.33
CA GLY A 524 41.29 -12.10 21.85
C GLY A 524 40.01 -11.65 21.17
N LYS A 525 39.76 -10.34 21.09
CA LYS A 525 38.49 -9.76 20.61
C LYS A 525 38.46 -9.60 19.08
N ASP A 526 38.54 -10.74 18.39
CA ASP A 526 38.49 -10.73 16.93
C ASP A 526 37.41 -11.67 16.38
N LYS A 527 36.35 -11.94 17.17
CA LYS A 527 35.32 -12.88 16.77
C LYS A 527 33.98 -12.49 17.39
N LEU A 528 32.90 -12.85 16.71
CA LEU A 528 31.55 -12.58 17.20
C LEU A 528 30.83 -13.90 17.36
N SER A 529 30.47 -14.21 18.60
CA SER A 529 29.76 -15.43 18.92
C SER A 529 28.33 -15.13 19.32
N VAL A 530 27.39 -15.85 18.71
CA VAL A 530 25.96 -15.67 18.91
C VAL A 530 25.42 -16.91 19.59
N ARG A 531 24.62 -16.70 20.64
CA ARG A 531 23.90 -17.75 21.34
C ARG A 531 22.44 -17.36 21.44
N VAL A 532 21.56 -18.32 21.15
CA VAL A 532 20.13 -18.05 21.34
C VAL A 532 19.58 -19.11 22.27
N VAL A 533 18.42 -18.79 22.83
CA VAL A 533 17.62 -19.76 23.54
C VAL A 533 16.33 -19.84 22.76
N TYR A 534 16.19 -20.90 21.96
CA TYR A 534 14.96 -21.06 21.22
C TYR A 534 13.86 -21.37 22.22
N SER A 535 12.67 -20.86 21.96
CA SER A 535 11.53 -21.30 22.74
C SER A 535 11.14 -22.69 22.26
N THR A 536 10.76 -23.53 23.22
CA THR A 536 10.37 -24.92 22.96
C THR A 536 8.86 -25.03 22.90
N MET A 537 8.41 -26.08 22.21
CA MET A 537 7.01 -26.30 21.88
C MET A 537 6.60 -27.71 22.23
N ASP A 538 5.31 -27.97 22.06
CA ASP A 538 4.78 -29.24 22.51
C ASP A 538 5.33 -30.38 21.68
N VAL A 539 5.82 -31.42 22.34
CA VAL A 539 6.43 -32.53 21.61
C VAL A 539 5.34 -33.30 20.87
N ASN A 540 4.09 -32.93 21.07
CA ASN A 540 3.00 -33.59 20.39
C ASN A 540 2.43 -32.78 19.26
N HIS A 541 2.95 -31.60 19.01
CA HIS A 541 2.64 -30.88 17.78
CA HIS A 541 2.66 -30.87 17.78
C HIS A 541 3.65 -31.26 16.70
N PRO A 542 3.23 -31.54 15.47
CA PRO A 542 4.21 -31.88 14.44
C PRO A 542 5.28 -30.83 14.27
N ILE A 543 4.97 -29.55 14.48
CA ILE A 543 5.95 -28.50 14.22
C ILE A 543 7.19 -28.62 15.08
N TYR A 544 7.10 -29.32 16.21
CA TYR A 544 8.28 -29.50 17.04
C TYR A 544 9.40 -30.18 16.27
N TYR A 545 9.04 -30.95 15.23
CA TYR A 545 10.01 -31.80 14.56
C TYR A 545 10.54 -31.19 13.27
N VAL A 546 10.23 -29.91 13.02
CA VAL A 546 10.83 -29.14 11.94
C VAL A 546 12.21 -28.66 12.36
N GLN A 547 13.22 -28.97 11.55
CA GLN A 547 14.60 -28.62 11.88
C GLN A 547 14.82 -27.14 11.66
N LYS A 548 15.63 -26.53 12.50
CA LYS A 548 15.92 -25.10 12.38
C LYS A 548 17.42 -24.85 12.30
N GLN A 549 17.80 -23.77 11.60
CA GLN A 549 19.19 -23.33 11.48
C GLN A 549 19.33 -21.86 11.87
N LEU A 550 20.39 -21.57 12.61
CA LEU A 550 20.72 -20.21 13.04
C LEU A 550 21.54 -19.54 11.96
N VAL A 551 21.17 -18.31 11.59
CA VAL A 551 21.92 -17.53 10.61
C VAL A 551 22.50 -16.28 11.24
N VAL A 552 23.79 -16.07 11.03
CA VAL A 552 24.47 -14.85 11.45
C VAL A 552 25.04 -14.19 10.21
N VAL A 553 24.79 -12.89 10.06
CA VAL A 553 25.31 -12.11 8.93
C VAL A 553 26.14 -10.95 9.50
N CYS A 554 27.40 -10.89 9.08
CA CYS A 554 28.34 -9.86 9.52
C CYS A 554 28.70 -8.98 8.34
N ASN A 555 28.50 -7.66 8.49
CA ASN A 555 28.90 -6.71 7.44
C ASN A 555 30.25 -6.13 7.78
N ASP A 556 31.26 -6.55 7.04
CA ASP A 556 32.63 -6.13 7.24
C ASP A 556 32.93 -4.89 6.42
N LEU A 557 33.73 -4.00 7.00
CA LEU A 557 34.14 -2.79 6.29
C LEU A 557 35.40 -3.06 5.46
N TYR A 558 35.34 -2.69 4.19
CA TYR A 558 36.49 -2.77 3.30
C TYR A 558 36.77 -1.40 2.68
N LYS A 559 38.04 -1.17 2.31
CA LYS A 559 38.47 0.04 1.61
C LYS A 559 38.67 -0.26 0.14
N VAL A 560 37.99 0.50 -0.72
CA VAL A 560 38.08 0.33 -2.17
C VAL A 560 39.03 1.38 -2.73
N SER A 561 40.13 0.90 -3.30
CA SER A 561 41.17 1.70 -3.92
C SER A 561 41.27 1.35 -5.40
N TYR A 562 41.71 2.31 -6.23
CA TYR A 562 41.76 2.08 -7.67
C TYR A 562 43.16 2.27 -8.26
N ASP A 563 44.22 2.21 -7.45
CA ASP A 563 45.59 2.30 -7.97
C ASP A 563 45.95 1.00 -8.70
N GLN A 564 46.16 1.11 -10.02
CA GLN A 564 46.52 -0.02 -10.91
C GLN A 564 45.42 -1.09 -10.91
N GLY A 565 44.24 -0.65 -11.32
CA GLY A 565 43.05 -1.48 -11.26
C GLY A 565 42.33 -1.36 -9.93
N VAL A 566 41.17 -1.98 -9.86
CA VAL A 566 40.36 -1.94 -8.65
C VAL A 566 40.83 -3.00 -7.68
N SER A 567 40.91 -2.64 -6.39
CA SER A 567 41.14 -3.65 -5.37
C SER A 567 40.42 -3.21 -4.09
N ILE A 568 40.13 -4.19 -3.24
CA ILE A 568 39.54 -3.94 -1.94
C ILE A 568 40.50 -4.46 -0.89
N THR A 569 40.31 -3.97 0.33
CA THR A 569 41.21 -4.25 1.44
C THR A 569 40.41 -4.26 2.74
N LYS A 570 40.52 -5.34 3.49
CA LYS A 570 39.75 -5.48 4.72
C LYS A 570 40.34 -4.58 5.79
N ILE A 571 39.55 -3.63 6.30
CA ILE A 571 39.99 -2.78 7.39
C ILE A 571 40.28 -3.63 8.63
N MET A 572 41.36 -3.32 9.36
CA MET A 572 41.78 -4.11 10.51
C MET A 572 42.16 -3.18 11.66
N GLY A 573 41.24 -2.28 12.03
CA GLY A 573 41.46 -1.31 13.09
C GLY A 573 41.59 -1.87 14.50
N ALA B 25 25.65 0.33 32.42
CA ALA B 25 24.52 0.08 31.50
C ALA B 25 25.00 -0.13 30.06
N MET B 26 25.90 0.78 29.65
CA MET B 26 26.73 0.56 28.47
C MET B 26 27.76 -0.50 28.77
N ASN B 27 27.78 -1.55 27.95
CA ASN B 27 28.65 -2.69 28.21
C ASN B 27 30.11 -2.26 28.17
N ASN B 28 30.91 -2.83 29.08
CA ASN B 28 32.31 -2.46 29.21
C ASN B 28 33.12 -2.90 28.01
N THR B 29 32.62 -3.87 27.24
CA THR B 29 33.28 -4.26 25.99
C THR B 29 33.41 -3.05 25.06
N ILE B 30 32.40 -2.19 25.10
CA ILE B 30 32.39 -0.97 24.31
C ILE B 30 33.35 0.06 24.88
N ILE B 31 33.39 0.20 26.21
CA ILE B 31 34.16 1.25 26.87
C ILE B 31 35.66 1.15 26.55
N ASN B 32 36.16 -0.07 26.33
CA ASN B 32 37.59 -0.28 26.08
C ASN B 32 37.98 0.13 24.68
N SER B 33 37.16 -0.26 23.70
CA SER B 33 37.38 -0.03 22.26
C SER B 33 37.44 1.46 21.93
N LEU B 34 37.38 2.30 22.96
CA LEU B 34 37.37 3.75 22.84
C LEU B 34 38.26 4.42 23.87
N ASP B 39 42.71 9.08 18.14
CA ASP B 39 42.94 10.08 19.19
C ASP B 39 43.57 11.35 18.60
N SER B 40 44.21 11.20 17.44
CA SER B 40 45.18 12.15 16.93
C SER B 40 44.88 12.51 15.49
N ILE B 41 43.59 12.55 15.12
CA ILE B 41 43.22 12.81 13.74
C ILE B 41 42.04 13.78 13.67
N LYS B 42 42.00 14.56 12.59
CA LYS B 42 40.91 15.48 12.37
C LYS B 42 39.65 14.70 12.04
N ARG B 43 38.55 15.01 12.70
CA ARG B 43 37.31 14.27 12.54
C ARG B 43 36.15 15.25 12.31
N SER B 44 35.22 14.88 11.43
CA SER B 44 34.01 15.68 11.25
C SER B 44 33.06 15.41 12.40
N ASN B 45 32.45 16.47 12.92
CA ASN B 45 31.50 16.32 14.02
C ASN B 45 30.21 15.78 13.48
N VAL B 46 29.84 14.59 13.93
CA VAL B 46 28.65 13.92 13.49
C VAL B 46 27.58 13.90 14.60
N PHE B 47 27.83 14.66 15.69
CA PHE B 47 26.93 14.74 16.84
C PHE B 47 26.46 16.17 17.10
N ALA B 48 26.83 17.11 16.24
CA ALA B 48 26.31 18.45 16.36
C ALA B 48 26.39 19.11 15.01
N VAL B 49 25.59 20.15 14.83
CA VAL B 49 25.57 20.87 13.57
C VAL B 49 25.60 22.35 13.89
N ASP B 50 26.30 23.11 13.06
CA ASP B 50 26.32 24.56 13.17
C ASP B 50 25.13 25.09 12.38
N SER B 51 24.07 25.49 13.08
CA SER B 51 22.83 25.97 12.47
C SER B 51 23.06 27.30 11.76
N GLN B 52 22.96 27.30 10.43
CA GLN B 52 23.04 28.55 9.69
C GLN B 52 21.70 29.29 9.73
N ILE B 53 21.75 30.61 9.71
CA ILE B 53 20.55 31.45 9.68
C ILE B 53 20.06 31.59 8.24
N PRO B 54 18.81 31.25 7.94
CA PRO B 54 18.34 31.32 6.55
C PRO B 54 17.86 32.70 6.11
N THR B 55 17.64 32.83 4.81
CA THR B 55 17.02 34.03 4.28
C THR B 55 15.75 34.36 5.05
N LEU B 56 15.47 35.64 5.23
CA LEU B 56 14.29 36.00 6.00
C LEU B 56 13.06 35.97 5.08
N TYR B 57 12.15 35.02 5.31
CA TYR B 57 10.95 34.98 4.47
C TYR B 57 9.72 34.66 5.31
N MET B 58 8.58 34.74 4.65
CA MET B 58 7.28 34.38 5.21
C MET B 58 6.48 33.70 4.11
N PRO B 59 6.01 32.47 4.31
CA PRO B 59 5.20 31.80 3.31
C PRO B 59 3.72 32.07 3.51
N GLN B 60 2.96 31.96 2.42
CA GLN B 60 1.51 32.08 2.56
C GLN B 60 0.76 31.31 1.47
N TYR B 61 -0.19 30.49 1.89
CA TYR B 61 -1.07 29.84 0.93
C TYR B 61 -2.01 30.88 0.34
N ILE B 62 -1.86 31.16 -0.95
CA ILE B 62 -2.68 32.11 -1.69
C ILE B 62 -3.51 31.35 -2.72
N SER B 63 -4.82 31.60 -2.71
CA SER B 63 -5.76 31.11 -3.73
C SER B 63 -6.23 32.30 -4.56
N LEU B 64 -6.62 32.04 -5.81
CA LEU B 64 -6.98 33.07 -6.78
C LEU B 64 -8.14 32.59 -7.65
N SER B 65 -9.17 33.39 -7.78
CA SER B 65 -10.16 33.17 -8.83
C SER B 65 -9.62 33.67 -10.17
N GLY B 66 -10.15 33.12 -11.26
CA GLY B 66 -9.53 33.48 -12.53
C GLY B 66 -10.44 34.06 -13.59
N VAL B 67 -9.92 34.24 -14.79
CA VAL B 67 -10.69 34.78 -15.91
C VAL B 67 -10.99 33.63 -16.84
N MET B 68 -12.26 33.45 -17.17
CA MET B 68 -12.67 32.30 -17.97
C MET B 68 -13.11 32.75 -19.35
N THR B 69 -12.55 32.11 -20.36
CA THR B 69 -12.84 32.35 -21.76
C THR B 69 -13.11 31.03 -22.46
N ASN B 70 -14.15 30.98 -23.29
CA ASN B 70 -14.42 29.79 -24.08
C ASN B 70 -14.10 30.11 -25.53
N ASP B 71 -12.87 30.58 -25.74
CA ASP B 71 -12.37 30.90 -27.08
C ASP B 71 -10.92 30.44 -27.09
N GLY B 72 -10.69 29.24 -27.63
CA GLY B 72 -9.37 28.65 -27.70
C GLY B 72 -9.42 27.22 -28.21
N ASN B 75 -14.14 25.52 -29.69
CA ASN B 75 -14.06 26.62 -28.74
C ASN B 75 -13.82 26.07 -27.33
N GLN B 76 -12.54 25.95 -26.99
CA GLN B 76 -12.07 25.39 -25.74
C GLN B 76 -12.20 26.40 -24.61
N ALA B 77 -12.26 25.91 -23.37
CA ALA B 77 -12.36 26.77 -22.20
C ALA B 77 -10.99 26.96 -21.57
N ILE B 78 -10.64 28.21 -21.31
CA ILE B 78 -9.32 28.56 -20.79
C ILE B 78 -9.51 29.41 -19.55
N ALA B 79 -8.80 29.05 -18.48
CA ALA B 79 -8.74 29.86 -17.28
C ALA B 79 -7.37 30.53 -17.18
N SER B 80 -7.37 31.81 -16.81
CA SER B 80 -6.16 32.58 -16.62
C SER B 80 -6.14 33.20 -15.24
N PHE B 81 -4.97 33.12 -14.59
CA PHE B 81 -4.74 33.67 -13.27
C PHE B 81 -3.49 34.54 -13.33
N GLU B 82 -3.64 35.83 -13.02
CA GLU B 82 -2.50 36.74 -12.97
C GLU B 82 -2.07 36.92 -11.52
N ILE B 83 -0.77 36.81 -11.31
CA ILE B 83 -0.13 36.94 -10.01
C ILE B 83 0.76 38.17 -10.11
N ARG B 84 0.31 39.28 -9.57
CA ARG B 84 1.13 40.49 -9.52
C ARG B 84 0.95 41.08 -8.14
N ASP B 85 1.98 41.00 -7.31
CA ASP B 85 1.92 41.58 -5.98
C ASP B 85 3.35 41.93 -5.59
N GLN B 86 3.56 43.13 -5.05
CA GLN B 86 4.94 43.51 -4.77
C GLN B 86 5.53 42.65 -3.67
N TYR B 87 4.68 42.14 -2.78
CA TYR B 87 5.18 41.39 -1.65
C TYR B 87 5.24 39.89 -1.91
N ILE B 88 4.76 39.40 -3.06
CA ILE B 88 4.97 38.01 -3.44
C ILE B 88 6.28 37.97 -4.23
N THR B 89 7.33 37.41 -3.62
CA THR B 89 8.65 37.37 -4.20
C THR B 89 8.92 36.10 -5.00
N ALA B 90 8.36 34.99 -4.53
CA ALA B 90 8.59 33.68 -5.13
C ALA B 90 7.37 32.83 -4.86
N LEU B 91 7.20 31.79 -5.67
CA LEU B 91 6.07 30.89 -5.51
C LEU B 91 6.43 29.49 -5.95
N ASN B 92 5.69 28.51 -5.44
CA ASN B 92 5.76 27.14 -5.92
C ASN B 92 4.51 26.41 -5.44
N HIS B 93 4.41 25.13 -5.83
CA HIS B 93 3.32 24.21 -5.48
C HIS B 93 1.94 24.74 -5.86
N LEU B 94 1.71 24.77 -7.18
CA LEU B 94 0.43 25.20 -7.73
C LEU B 94 -0.61 24.09 -7.61
N VAL B 95 -1.76 24.42 -7.01
CA VAL B 95 -2.86 23.48 -6.90
C VAL B 95 -4.09 24.17 -7.46
N LEU B 96 -4.69 23.58 -8.50
CA LEU B 96 -5.89 24.10 -9.13
C LEU B 96 -7.07 23.34 -8.57
N SER B 97 -8.04 24.05 -8.02
CA SER B 97 -9.25 23.39 -7.52
C SER B 97 -10.37 23.52 -8.54
N LEU B 98 -11.28 22.56 -8.51
CA LEU B 98 -12.34 22.47 -9.50
C LEU B 98 -13.63 22.08 -8.80
N GLU B 99 -14.67 22.85 -9.00
CA GLU B 99 -15.97 22.50 -8.45
C GLU B 99 -16.74 21.70 -9.50
N LEU B 100 -17.04 20.44 -9.16
CA LEU B 100 -17.89 19.58 -9.94
C LEU B 100 -19.34 19.78 -9.51
N PRO B 101 -20.28 19.90 -10.45
CA PRO B 101 -21.65 20.26 -10.09
C PRO B 101 -22.47 19.06 -9.62
N GLU B 102 -23.66 19.37 -9.13
CA GLU B 102 -24.64 18.31 -8.92
C GLU B 102 -25.14 17.83 -10.28
N VAL B 103 -25.28 16.53 -10.41
CA VAL B 103 -25.72 15.90 -11.64
C VAL B 103 -27.07 15.24 -11.38
N LYS B 104 -28.12 15.83 -11.96
CA LYS B 104 -29.49 15.34 -11.85
C LYS B 104 -29.96 14.88 -13.22
N GLY B 105 -30.80 13.84 -13.22
CA GLY B 105 -31.42 13.37 -14.44
C GLY B 105 -31.50 11.86 -14.49
N MET B 106 -31.69 11.34 -15.69
CA MET B 106 -31.85 9.91 -15.90
C MET B 106 -30.66 9.38 -16.67
N GLY B 107 -30.32 8.13 -16.41
CA GLY B 107 -29.20 7.49 -17.08
C GLY B 107 -28.11 7.07 -16.11
N ARG B 108 -27.14 6.35 -16.66
N ARG B 108 -27.15 6.31 -16.65
CA ARG B 108 -25.93 5.99 -15.94
CA ARG B 108 -25.91 5.96 -15.95
C ARG B 108 -24.85 7.01 -16.23
C ARG B 108 -24.88 7.05 -16.23
N PHE B 109 -24.17 7.46 -15.18
CA PHE B 109 -23.17 8.53 -15.31
C PHE B 109 -22.14 8.38 -14.21
N GLY B 110 -20.88 8.70 -14.55
CA GLY B 110 -19.76 8.70 -13.61
C GLY B 110 -18.59 9.48 -14.16
N TYR B 111 -17.58 9.66 -13.32
CA TYR B 111 -16.36 10.38 -13.69
C TYR B 111 -15.21 9.41 -13.92
N VAL B 112 -14.33 9.74 -14.87
CA VAL B 112 -13.10 8.96 -15.04
C VAL B 112 -12.29 9.06 -13.74
N PRO B 113 -11.52 8.03 -13.38
CA PRO B 113 -10.61 8.17 -12.23
C PRO B 113 -9.67 9.34 -12.42
N TYR B 114 -9.32 9.97 -11.31
CA TYR B 114 -8.43 11.14 -11.29
C TYR B 114 -8.97 12.24 -12.20
N VAL B 115 -10.28 12.49 -12.07
CA VAL B 115 -11.01 13.40 -12.96
C VAL B 115 -10.30 14.75 -13.07
N GLY B 116 -9.86 15.29 -11.94
CA GLY B 116 -9.21 16.58 -11.98
C GLY B 116 -8.07 16.66 -12.97
N TYR B 117 -7.20 15.63 -12.96
CA TYR B 117 -6.08 15.60 -13.89
C TYR B 117 -6.57 15.41 -15.32
N LYS B 118 -7.66 14.68 -15.50
CA LYS B 118 -8.16 14.54 -16.85
C LYS B 118 -8.90 15.78 -17.34
N CYS B 119 -9.15 16.79 -16.50
CA CYS B 119 -9.71 18.02 -17.06
C CYS B 119 -8.69 18.83 -17.79
N ILE B 120 -7.41 18.61 -17.53
CA ILE B 120 -6.40 19.55 -17.96
C ILE B 120 -5.90 19.12 -19.32
N ASN B 121 -6.04 20.01 -20.30
CA ASN B 121 -5.47 19.79 -21.61
C ASN B 121 -4.12 20.47 -21.77
N HIS B 122 -3.91 21.58 -21.07
CA HIS B 122 -2.64 22.29 -21.15
C HIS B 122 -2.52 23.26 -19.98
N VAL B 123 -1.29 23.45 -19.51
CA VAL B 123 -0.99 24.46 -18.51
C VAL B 123 0.24 25.22 -18.98
N SER B 124 0.19 26.55 -18.84
CA SER B 124 1.29 27.42 -19.22
C SER B 124 1.55 28.41 -18.09
N ILE B 125 2.82 28.59 -17.74
CA ILE B 125 3.27 29.60 -16.79
C ILE B 125 4.12 30.60 -17.55
N SER B 126 3.65 31.86 -17.61
CA SER B 126 4.26 32.87 -18.46
C SER B 126 4.37 34.22 -17.75
N SER B 127 5.35 35.01 -18.19
CA SER B 127 5.60 36.35 -17.69
C SER B 127 5.52 37.33 -18.84
N CYS B 128 5.82 38.60 -18.54
CA CYS B 128 5.77 39.64 -19.54
C CYS B 128 6.71 39.37 -20.69
N ASN B 129 7.79 38.61 -20.43
CA ASN B 129 8.73 38.19 -21.47
C ASN B 129 8.30 36.90 -22.16
N GLY B 130 7.16 36.33 -21.80
CA GLY B 130 6.67 35.14 -22.49
C GLY B 130 6.52 33.88 -21.67
N VAL B 131 6.45 32.72 -22.34
CA VAL B 131 6.22 31.47 -21.61
C VAL B 131 7.49 31.05 -20.88
N ILE B 132 7.35 30.70 -19.61
CA ILE B 132 8.44 30.23 -18.79
C ILE B 132 8.45 28.70 -18.71
N TRP B 133 7.26 28.10 -18.69
CA TRP B 133 7.10 26.66 -18.57
C TRP B 133 5.68 26.36 -19.02
N GLU B 134 5.50 25.26 -19.75
CA GLU B 134 4.18 24.78 -20.12
C GLU B 134 4.25 23.29 -20.25
N ILE B 135 3.13 22.62 -19.99
CA ILE B 135 3.08 21.17 -20.06
C ILE B 135 1.76 20.73 -20.67
N GLU B 136 1.78 19.59 -21.35
CA GLU B 136 0.54 19.02 -21.82
C GLU B 136 -0.14 18.27 -20.69
N GLY B 137 -1.46 18.29 -20.73
CA GLY B 137 -2.23 17.72 -19.65
C GLY B 137 -1.85 16.28 -19.34
N GLU B 138 -1.67 15.48 -20.39
CA GLU B 138 -1.29 14.09 -20.14
C GLU B 138 0.10 13.98 -19.57
N GLU B 139 0.98 14.96 -19.84
CA GLU B 139 2.32 14.84 -19.29
C GLU B 139 2.38 15.33 -17.85
N LEU B 140 1.55 16.30 -17.47
CA LEU B 140 1.40 16.57 -16.03
C LEU B 140 0.98 15.33 -15.29
N TYR B 141 0.00 14.60 -15.83
CA TYR B 141 -0.53 13.40 -15.19
C TYR B 141 0.55 12.34 -15.02
N ASN B 142 1.27 12.08 -16.11
CA ASN B 142 2.38 11.14 -16.06
C ASN B 142 3.37 11.55 -15.00
N ASN B 143 3.60 12.84 -14.80
CA ASN B 143 4.53 13.25 -13.77
C ASN B 143 3.98 13.02 -12.39
N CYS B 144 2.65 12.95 -12.24
CA CYS B 144 2.07 12.79 -10.93
C CYS B 144 1.55 11.39 -10.63
N ILE B 145 1.92 10.39 -11.43
CA ILE B 145 1.27 9.10 -11.24
C ILE B 145 1.83 8.35 -10.03
N ASN B 146 3.05 8.63 -9.60
CA ASN B 146 3.53 7.96 -8.39
C ASN B 146 3.15 8.70 -7.12
N ASN B 147 2.62 9.92 -7.23
CA ASN B 147 2.10 10.69 -6.10
C ASN B 147 0.67 10.24 -5.82
N THR B 148 0.52 9.30 -4.89
CA THR B 148 -0.82 8.81 -4.63
C THR B 148 -1.68 9.87 -3.96
N ILE B 149 -1.09 10.75 -3.16
CA ILE B 149 -1.91 11.78 -2.52
C ILE B 149 -2.43 12.75 -3.54
N ALA B 150 -1.55 13.24 -4.41
CA ALA B 150 -1.95 14.15 -5.48
C ALA B 150 -3.04 13.52 -6.31
N LEU B 151 -2.95 12.21 -6.54
CA LEU B 151 -3.98 11.52 -7.31
C LEU B 151 -5.29 11.46 -6.53
N LYS B 152 -5.26 11.07 -5.24
CA LYS B 152 -6.52 10.98 -4.49
C LYS B 152 -7.23 12.32 -4.46
N HIS B 153 -6.47 13.41 -4.28
CA HIS B 153 -7.02 14.75 -4.22
C HIS B 153 -7.68 15.16 -5.53
N SER B 154 -7.21 14.63 -6.64
CA SER B 154 -7.75 15.02 -7.94
C SER B 154 -9.12 14.42 -8.20
N GLY B 155 -9.57 13.49 -7.37
CA GLY B 155 -10.87 12.90 -7.57
C GLY B 155 -10.77 11.41 -7.74
N TYR B 156 -10.75 10.65 -6.64
CA TYR B 156 -10.72 9.19 -6.71
C TYR B 156 -11.52 8.62 -5.54
N SER B 157 -12.80 8.28 -5.79
CA SER B 157 -13.71 7.81 -4.75
C SER B 157 -14.83 7.04 -5.42
N SER B 158 -15.55 6.23 -4.62
CA SER B 158 -16.73 5.58 -5.17
C SER B 158 -17.85 6.59 -5.37
N GLU B 159 -17.80 7.70 -4.62
CA GLU B 159 -18.74 8.79 -4.85
C GLU B 159 -18.49 9.44 -6.21
N LEU B 160 -17.23 9.53 -6.63
CA LEU B 160 -16.92 10.19 -7.88
C LEU B 160 -16.91 9.24 -9.08
N ASN B 161 -16.30 8.06 -8.94
CA ASN B 161 -15.91 7.22 -10.07
C ASN B 161 -16.71 5.95 -10.28
N ASP B 162 -17.70 5.65 -9.44
CA ASP B 162 -18.58 4.53 -9.70
C ASP B 162 -19.68 5.00 -10.65
N ILE B 163 -20.13 4.13 -11.56
CA ILE B 163 -21.15 4.57 -12.51
C ILE B 163 -22.50 4.57 -11.80
N SER B 164 -22.96 5.76 -11.39
CA SER B 164 -24.26 5.92 -10.73
C SER B 164 -25.36 6.03 -11.77
N ILE B 165 -26.61 5.80 -11.32
CA ILE B 165 -27.77 5.79 -12.19
C ILE B 165 -28.90 6.63 -11.61
N GLY B 166 -29.51 7.44 -12.47
CA GLY B 166 -30.67 8.23 -12.10
C GLY B 166 -31.91 7.60 -12.68
N LEU B 167 -33.02 7.67 -11.94
CA LEU B 167 -34.26 7.01 -12.35
C LEU B 167 -35.39 7.95 -12.73
N THR B 168 -35.43 9.16 -12.18
CA THR B 168 -36.44 10.15 -12.55
C THR B 168 -35.72 11.38 -13.07
N PRO B 169 -36.37 12.20 -13.88
CA PRO B 169 -35.71 13.44 -14.37
C PRO B 169 -35.24 14.36 -13.27
N ASN B 170 -35.59 14.09 -12.02
CA ASN B 170 -35.13 14.85 -10.89
C ASN B 170 -34.34 14.00 -9.91
N ASP B 171 -33.91 12.83 -10.36
CA ASP B 171 -33.10 12.00 -9.50
C ASP B 171 -31.68 12.57 -9.52
N THR B 172 -31.03 12.53 -8.37
CA THR B 172 -29.69 13.05 -8.24
C THR B 172 -28.73 11.92 -8.58
N ILE B 173 -27.90 12.13 -9.60
CA ILE B 173 -26.93 11.11 -9.95
C ILE B 173 -25.63 11.28 -9.16
N LYS B 174 -25.08 12.49 -9.16
CA LYS B 174 -23.86 12.77 -8.41
C LYS B 174 -24.06 13.99 -7.54
N GLU B 175 -23.48 13.94 -6.35
CA GLU B 175 -23.59 15.14 -5.56
C GLU B 175 -22.45 16.08 -5.90
N PRO B 176 -22.62 17.37 -5.67
CA PRO B 176 -21.55 18.33 -5.97
C PRO B 176 -20.29 18.02 -5.17
N SER B 177 -19.15 18.42 -5.72
CA SER B 177 -17.89 18.03 -5.12
C SER B 177 -16.80 19.01 -5.56
N THR B 178 -15.74 19.11 -4.75
CA THR B 178 -14.56 19.88 -5.09
C THR B 178 -13.38 18.94 -5.19
N VAL B 179 -12.56 19.14 -6.24
CA VAL B 179 -11.33 18.37 -6.42
C VAL B 179 -10.17 19.35 -6.52
N TYR B 180 -8.97 18.86 -6.17
CA TYR B 180 -7.76 19.68 -6.16
C TYR B 180 -6.67 18.99 -6.97
N VAL B 181 -6.16 19.67 -7.99
CA VAL B 181 -5.20 19.07 -8.92
C VAL B 181 -3.85 19.73 -8.68
N TYR B 182 -2.85 18.92 -8.34
CA TYR B 182 -1.51 19.43 -8.06
C TYR B 182 -0.73 19.64 -9.35
N ILE B 183 -0.51 20.90 -9.74
CA ILE B 183 0.28 21.20 -10.92
C ILE B 183 1.76 21.09 -10.55
N LYS B 184 2.29 19.88 -10.59
CA LYS B 184 3.71 19.71 -10.33
C LYS B 184 4.53 20.51 -11.34
N THR B 185 5.45 21.32 -10.84
CA THR B 185 6.32 22.16 -11.65
C THR B 185 7.77 21.94 -11.24
N PRO B 186 8.72 22.32 -12.10
CA PRO B 186 10.13 22.22 -11.68
C PRO B 186 10.46 23.12 -10.50
N PHE B 187 9.54 23.96 -10.04
CA PHE B 187 9.79 24.87 -8.94
C PHE B 187 9.52 24.26 -7.58
N ASP B 188 9.08 23.00 -7.55
CA ASP B 188 8.73 22.30 -6.33
C ASP B 188 9.84 21.36 -5.89
N VAL B 189 10.81 21.11 -6.77
CA VAL B 189 11.76 20.03 -6.58
C VAL B 189 12.55 20.21 -5.30
N GLU B 190 13.05 21.42 -5.07
CA GLU B 190 13.83 21.70 -3.88
C GLU B 190 13.20 22.86 -3.11
N ASP B 191 11.87 22.85 -3.01
CA ASP B 191 11.09 23.72 -2.11
C ASP B 191 11.55 25.17 -2.33
N THR B 192 11.93 25.91 -1.28
CA THR B 192 12.28 27.32 -1.43
C THR B 192 13.39 27.54 -2.44
N PHE B 193 14.33 26.59 -2.55
CA PHE B 193 15.46 26.79 -3.45
C PHE B 193 15.01 26.77 -4.91
N SER B 194 14.06 25.93 -5.25
CA SER B 194 13.67 25.85 -6.64
C SER B 194 12.51 26.75 -6.97
N SER B 195 12.05 27.54 -5.99
CA SER B 195 10.87 28.36 -6.18
C SER B 195 11.05 29.29 -7.37
N LEU B 196 9.94 29.57 -8.05
CA LEU B 196 9.93 30.54 -9.14
C LEU B 196 10.02 31.94 -8.53
N LYS B 197 11.13 32.62 -8.77
CA LYS B 197 11.28 33.99 -8.31
C LYS B 197 10.57 34.92 -9.28
N LEU B 198 9.74 35.81 -8.75
CA LEU B 198 9.00 36.67 -9.65
C LEU B 198 9.01 38.11 -9.20
N SER B 199 9.79 38.44 -8.17
CA SER B 199 9.81 39.81 -7.67
C SER B 199 10.02 40.76 -8.83
N ASP B 200 9.07 41.69 -9.00
CA ASP B 200 9.04 42.61 -10.13
C ASP B 200 8.84 41.86 -11.46
N SER B 201 7.85 40.97 -11.47
CA SER B 201 7.34 40.43 -12.73
C SER B 201 5.88 40.04 -12.51
N LYS B 202 5.10 40.04 -13.59
CA LYS B 202 3.71 39.60 -13.55
C LYS B 202 3.62 38.22 -14.19
N ILE B 203 3.24 37.23 -13.40
CA ILE B 203 3.14 35.84 -13.86
C ILE B 203 1.69 35.53 -14.19
N THR B 204 1.45 34.82 -15.28
CA THR B 204 0.11 34.39 -15.64
C THR B 204 0.08 32.88 -15.80
N VAL B 205 -0.74 32.22 -15.01
CA VAL B 205 -0.99 30.80 -15.16
C VAL B 205 -2.25 30.64 -16.01
N THR B 206 -2.14 29.88 -17.09
CA THR B 206 -3.22 29.67 -18.04
C THR B 206 -3.48 28.18 -18.11
N VAL B 207 -4.72 27.76 -17.95
CA VAL B 207 -5.10 26.35 -17.98
C VAL B 207 -6.14 26.15 -19.06
N THR B 208 -5.85 25.29 -20.01
CA THR B 208 -6.81 24.90 -21.03
C THR B 208 -7.50 23.61 -20.59
N PHE B 209 -8.81 23.55 -20.72
CA PHE B 209 -9.55 22.41 -20.23
C PHE B 209 -9.94 21.48 -21.36
N ASN B 210 -9.80 20.19 -21.12
CA ASN B 210 -10.28 19.22 -22.07
C ASN B 210 -11.80 19.30 -22.12
N PRO B 211 -12.41 18.86 -23.21
CA PRO B 211 -13.88 18.77 -23.23
C PRO B 211 -14.40 17.86 -22.13
N VAL B 212 -15.50 18.29 -21.50
CA VAL B 212 -16.08 17.55 -20.39
C VAL B 212 -16.47 16.15 -20.83
N SER B 213 -16.67 15.95 -22.14
CA SER B 213 -16.88 14.61 -22.68
C SER B 213 -15.79 13.64 -22.26
N ASP B 214 -14.56 14.13 -22.11
CA ASP B 214 -13.43 13.25 -21.79
C ASP B 214 -13.54 12.71 -20.39
N ILE B 215 -14.00 13.55 -19.45
CA ILE B 215 -13.93 13.27 -18.02
C ILE B 215 -15.18 12.57 -17.49
N VAL B 216 -16.09 12.22 -18.39
CA VAL B 216 -17.39 11.66 -18.02
C VAL B 216 -17.56 10.29 -18.67
N ILE B 217 -18.09 9.34 -17.90
CA ILE B 217 -18.50 8.03 -18.41
C ILE B 217 -20.00 7.93 -18.27
N ARG B 218 -20.70 7.64 -19.37
CA ARG B 218 -22.15 7.72 -19.37
C ARG B 218 -22.72 6.71 -20.37
N ASP B 219 -24.00 6.43 -20.23
CA ASP B 219 -24.71 5.56 -21.16
C ASP B 219 -25.54 6.42 -22.13
N SER B 220 -26.37 5.75 -22.94
CA SER B 220 -27.19 6.48 -23.89
C SER B 220 -28.37 7.18 -23.24
N SER B 221 -28.93 6.57 -22.19
CA SER B 221 -30.10 7.17 -21.53
C SER B 221 -29.77 8.54 -20.96
N PHE B 222 -28.53 8.76 -20.57
CA PHE B 222 -28.12 10.03 -20.00
C PHE B 222 -28.20 11.14 -21.05
N ASP B 223 -28.76 12.28 -20.64
CA ASP B 223 -28.89 13.46 -21.49
C ASP B 223 -27.57 14.23 -21.49
N PHE B 224 -26.61 13.73 -22.27
CA PHE B 224 -25.33 14.40 -22.34
C PHE B 224 -25.43 15.74 -23.07
N GLU B 225 -26.33 15.84 -24.06
CA GLU B 225 -26.45 17.07 -24.82
C GLU B 225 -26.71 18.25 -23.89
N THR B 226 -27.68 18.09 -23.00
CA THR B 226 -27.95 19.13 -22.01
C THR B 226 -26.78 19.29 -21.06
N PHE B 227 -26.29 18.17 -20.51
CA PHE B 227 -25.16 18.21 -19.58
C PHE B 227 -24.02 19.04 -20.14
N ASN B 228 -23.61 18.71 -21.37
CA ASN B 228 -22.49 19.41 -22.00
C ASN B 228 -22.76 20.90 -22.09
N LYS B 229 -24.02 21.27 -22.40
CA LYS B 229 -24.39 22.68 -22.53
C LYS B 229 -24.34 23.42 -21.18
N GLU B 230 -24.93 22.81 -20.13
CA GLU B 230 -25.00 23.44 -18.82
C GLU B 230 -23.71 23.38 -18.01
N PHE B 231 -22.77 22.49 -18.36
CA PHE B 231 -21.57 22.34 -17.56
C PHE B 231 -20.62 23.51 -17.79
N VAL B 232 -20.04 24.03 -16.71
CA VAL B 232 -18.96 25.01 -16.78
C VAL B 232 -17.85 24.58 -15.83
N TYR B 233 -16.61 24.80 -16.25
CA TYR B 233 -15.48 24.56 -15.37
C TYR B 233 -15.36 25.73 -14.40
N VAL B 234 -15.24 25.43 -13.11
CA VAL B 234 -15.15 26.50 -12.13
C VAL B 234 -13.84 26.40 -11.39
N PRO B 235 -12.79 27.00 -11.90
CA PRO B 235 -11.47 26.77 -11.32
C PRO B 235 -11.01 27.88 -10.39
N GLU B 236 -10.05 27.55 -9.54
CA GLU B 236 -9.43 28.50 -8.64
C GLU B 236 -8.03 27.98 -8.37
N LEU B 237 -7.03 28.84 -8.54
CA LEU B 237 -5.63 28.45 -8.41
C LEU B 237 -5.08 28.86 -7.06
N SER B 238 -4.51 27.91 -6.33
CA SER B 238 -3.77 28.22 -5.13
C SER B 238 -2.30 28.00 -5.41
N PHE B 239 -1.45 28.62 -4.59
CA PHE B 239 -0.01 28.44 -4.66
C PHE B 239 0.57 28.84 -3.32
N ILE B 240 1.76 28.36 -3.03
CA ILE B 240 2.48 28.83 -1.85
C ILE B 240 3.27 30.07 -2.23
N GLY B 241 2.94 31.20 -1.60
CA GLY B 241 3.64 32.44 -1.84
C GLY B 241 4.70 32.68 -0.78
N TYR B 242 5.79 33.29 -1.20
CA TYR B 242 6.94 33.57 -0.36
C TYR B 242 7.23 35.06 -0.43
N MET B 243 7.16 35.75 0.69
CA MET B 243 7.60 37.13 0.80
C MET B 243 9.01 37.16 1.39
N VAL B 244 10.00 37.57 0.59
CA VAL B 244 11.41 37.45 0.96
C VAL B 244 11.99 38.84 1.22
N LYS B 245 12.75 38.98 2.32
CA LYS B 245 13.47 40.21 2.61
C LYS B 245 14.88 40.10 2.02
N ASN B 246 15.23 41.05 1.15
CA ASN B 246 16.53 41.15 0.48
C ASN B 246 16.92 39.87 -0.25
N VAL B 247 16.05 39.44 -1.17
CA VAL B 247 16.33 38.20 -1.88
C VAL B 247 17.55 38.38 -2.76
N GLN B 248 18.43 37.37 -2.76
CA GLN B 248 19.59 37.29 -3.64
C GLN B 248 19.27 36.23 -4.69
N ILE B 249 18.82 36.67 -5.87
CA ILE B 249 18.35 35.79 -6.94
C ILE B 249 19.51 35.33 -7.81
N LYS B 250 19.57 34.04 -8.11
CA LYS B 250 20.52 33.43 -9.04
C LYS B 250 19.76 32.64 -10.09
N PRO B 251 20.35 32.42 -11.25
CA PRO B 251 19.68 31.65 -12.30
C PRO B 251 19.72 30.15 -12.02
N SER B 252 18.78 29.45 -12.66
CA SER B 252 18.68 28.02 -12.53
C SER B 252 18.37 27.45 -13.90
N PHE B 253 18.05 26.17 -13.93
CA PHE B 253 17.74 25.45 -15.15
C PHE B 253 16.40 24.74 -14.97
N ILE B 254 15.77 24.43 -16.10
CA ILE B 254 14.45 23.83 -16.10
C ILE B 254 14.35 22.81 -17.23
N GLU B 255 13.65 21.70 -16.98
CA GLU B 255 13.39 20.70 -18.00
C GLU B 255 11.95 20.86 -18.44
N LYS B 256 11.73 20.89 -19.74
CA LYS B 256 10.42 21.11 -20.34
C LYS B 256 10.01 19.90 -21.15
N PRO B 257 8.95 19.17 -20.77
CA PRO B 257 8.58 17.99 -21.57
C PRO B 257 7.86 18.40 -22.85
N ARG B 258 8.44 18.02 -23.98
CA ARG B 258 7.88 18.28 -25.29
C ARG B 258 7.43 16.94 -25.87
N ARG B 259 6.18 16.86 -26.30
CA ARG B 259 5.66 15.56 -26.71
C ARG B 259 5.42 15.57 -28.22
N VAL B 260 5.68 14.43 -28.85
CA VAL B 260 5.42 14.27 -30.27
C VAL B 260 4.56 13.03 -30.47
N ILE B 261 3.46 13.15 -31.20
CA ILE B 261 2.65 11.99 -31.53
C ILE B 261 2.80 11.66 -33.00
N GLY B 262 3.01 10.37 -33.29
CA GLY B 262 3.19 9.91 -34.65
C GLY B 262 1.87 9.64 -35.32
N GLN B 263 1.95 9.40 -36.62
CA GLN B 263 0.74 9.15 -37.39
C GLN B 263 0.10 7.85 -36.97
N ILE B 264 -1.19 7.74 -37.25
CA ILE B 264 -1.95 6.55 -36.89
C ILE B 264 -1.32 5.30 -37.49
N ASN B 265 -1.08 4.32 -36.64
CA ASN B 265 -0.53 3.00 -36.99
C ASN B 265 0.85 3.07 -37.62
N GLN B 266 1.46 4.19 -37.63
CA GLN B 266 2.86 4.27 -38.06
C GLN B 266 3.78 3.96 -36.89
N PRO B 267 4.76 3.07 -37.07
CA PRO B 267 5.64 2.69 -35.96
C PRO B 267 6.89 3.54 -35.85
N THR B 268 6.77 4.82 -36.20
CA THR B 268 7.89 5.74 -36.10
C THR B 268 7.40 7.10 -35.63
N ALA B 269 8.30 7.81 -34.95
CA ALA B 269 8.06 9.19 -34.58
C ALA B 269 9.41 9.84 -34.42
N THR B 270 9.47 11.13 -34.75
CA THR B 270 10.74 11.86 -34.73
C THR B 270 10.57 13.15 -33.96
N VAL B 271 11.55 13.47 -33.14
CA VAL B 271 11.57 14.71 -32.39
C VAL B 271 12.69 15.55 -32.97
N THR B 272 12.37 16.77 -33.38
CA THR B 272 13.33 17.69 -33.95
C THR B 272 13.85 18.68 -32.92
N GLU B 273 14.89 19.41 -33.31
CA GLU B 273 15.44 20.52 -32.53
C GLU B 273 15.89 20.08 -31.13
N VAL B 274 16.59 18.95 -31.06
CA VAL B 274 17.07 18.37 -29.81
C VAL B 274 18.52 18.79 -29.56
N HIS B 275 18.72 19.74 -28.68
CA HIS B 275 20.07 20.21 -28.37
C HIS B 275 20.51 19.93 -26.97
N ALA B 276 19.59 19.74 -26.04
CA ALA B 276 19.98 19.56 -24.65
C ALA B 276 18.83 18.80 -23.99
N ALA B 277 18.81 17.50 -24.22
CA ALA B 277 17.74 16.65 -23.73
C ALA B 277 18.21 15.96 -22.47
N THR B 278 17.42 16.04 -21.41
CA THR B 278 17.73 15.36 -20.17
C THR B 278 17.15 13.95 -20.15
N SER B 279 16.07 13.74 -20.90
CA SER B 279 15.43 12.43 -20.92
C SER B 279 14.66 12.30 -22.22
N LEU B 280 14.30 11.05 -22.51
CA LEU B 280 13.47 10.71 -23.66
C LEU B 280 12.57 9.56 -23.24
N SER B 281 11.26 9.74 -23.37
CA SER B 281 10.28 8.73 -23.00
C SER B 281 9.51 8.28 -24.24
N VAL B 282 9.13 7.00 -24.28
CA VAL B 282 8.35 6.46 -25.39
C VAL B 282 7.19 5.65 -24.82
N TYR B 283 6.01 5.81 -25.43
CA TYR B 283 4.85 4.96 -25.15
C TYR B 283 3.86 5.07 -26.30
N THR B 284 2.80 4.25 -26.24
CA THR B 284 1.76 4.22 -27.26
C THR B 284 0.42 4.66 -26.69
N LYS B 285 -0.47 5.15 -27.55
CA LYS B 285 -1.83 5.45 -27.14
C LYS B 285 -2.77 4.84 -28.17
N PRO B 286 -3.97 4.44 -27.78
CA PRO B 286 -4.94 4.04 -28.78
C PRO B 286 -5.59 5.27 -29.39
N TYR B 287 -6.12 5.08 -30.58
CA TYR B 287 -6.92 6.12 -31.24
C TYR B 287 -8.30 5.53 -31.50
N TYR B 288 -9.29 6.00 -30.75
CA TYR B 288 -10.63 5.45 -30.90
C TYR B 288 -11.53 6.33 -31.74
N GLY B 289 -10.95 7.13 -32.64
CA GLY B 289 -11.74 8.05 -33.43
C GLY B 289 -12.55 7.34 -34.49
N ASN B 290 -12.11 6.17 -34.91
CA ASN B 290 -12.87 5.41 -35.87
C ASN B 290 -14.05 4.71 -35.22
N THR B 291 -14.29 4.93 -33.93
CA THR B 291 -15.37 4.30 -33.19
C THR B 291 -16.20 5.38 -32.51
N ASP B 292 -17.28 4.93 -31.87
CA ASP B 292 -18.12 5.80 -31.07
C ASP B 292 -17.62 5.94 -29.63
N ASN B 293 -16.55 5.23 -29.26
CA ASN B 293 -16.00 5.23 -27.92
C ASN B 293 -16.97 4.62 -26.91
N LYS B 294 -17.70 3.60 -27.32
CA LYS B 294 -18.66 2.95 -26.45
C LYS B 294 -18.16 1.54 -26.12
N PHE B 295 -18.30 1.10 -24.88
CA PHE B 295 -17.79 -0.18 -24.42
C PHE B 295 -18.86 -0.95 -23.65
N ILE B 296 -18.72 -2.28 -23.61
CA ILE B 296 -19.75 -3.12 -23.02
C ILE B 296 -19.76 -2.98 -21.51
N SER B 297 -18.59 -2.91 -20.87
CA SER B 297 -18.50 -2.91 -19.41
C SER B 297 -17.48 -1.90 -18.92
N TYR B 298 -17.68 -1.44 -17.68
CA TYR B 298 -16.70 -0.57 -16.96
C TYR B 298 -16.77 -0.85 -15.45
N PRO B 299 -15.62 -1.05 -14.77
CA PRO B 299 -15.66 -1.53 -13.37
C PRO B 299 -16.06 -0.48 -12.36
N GLY B 300 -15.80 0.80 -12.62
CA GLY B 300 -16.15 1.83 -11.67
C GLY B 300 -14.95 2.29 -10.85
N TYR B 301 -15.13 2.52 -9.54
CA TYR B 301 -14.03 2.92 -8.66
C TYR B 301 -12.97 1.84 -8.54
N SER B 302 -13.39 0.58 -8.53
CA SER B 302 -12.46 -0.54 -8.42
C SER B 302 -11.73 -0.70 -9.74
N GLN B 303 -10.45 -0.30 -9.78
CA GLN B 303 -9.70 -0.19 -11.04
C GLN B 303 -8.63 -1.25 -11.27
N ASP B 304 -8.68 -2.37 -10.56
CA ASP B 304 -7.72 -3.44 -10.77
C ASP B 304 -8.05 -4.18 -12.05
N GLU B 305 -7.00 -4.70 -12.71
CA GLU B 305 -7.23 -5.53 -13.88
C GLU B 305 -8.26 -6.60 -13.60
N LYS B 306 -8.19 -7.26 -12.44
CA LYS B 306 -9.22 -8.21 -12.11
C LYS B 306 -10.60 -7.55 -12.07
N ASP B 307 -10.66 -6.30 -11.60
CA ASP B 307 -11.96 -5.60 -11.53
C ASP B 307 -12.54 -5.33 -12.91
N TYR B 308 -11.71 -4.90 -13.86
CA TYR B 308 -12.19 -4.70 -15.23
C TYR B 308 -12.74 -5.99 -15.82
N ILE B 309 -12.04 -7.10 -15.60
CA ILE B 309 -12.48 -8.38 -16.14
C ILE B 309 -13.77 -8.81 -15.50
N ASP B 310 -13.83 -8.76 -14.17
CA ASP B 310 -15.01 -9.25 -13.47
C ASP B 310 -16.26 -8.50 -13.90
N ALA B 311 -16.11 -7.20 -14.16
CA ALA B 311 -17.22 -6.39 -14.65
C ALA B 311 -17.70 -6.88 -16.00
N TYR B 312 -16.74 -7.13 -16.92
CA TYR B 312 -17.06 -7.67 -18.24
C TYR B 312 -17.79 -9.00 -18.14
N VAL B 313 -17.21 -9.96 -17.42
CA VAL B 313 -17.86 -11.25 -17.28
C VAL B 313 -19.26 -11.06 -16.73
N SER B 314 -19.40 -10.15 -15.78
CA SER B 314 -20.70 -9.94 -15.17
C SER B 314 -21.72 -9.48 -16.21
N ARG B 315 -21.32 -8.57 -17.09
CA ARG B 315 -22.26 -8.04 -18.06
C ARG B 315 -22.61 -9.11 -19.09
N LEU B 316 -21.63 -9.94 -19.46
CA LEU B 316 -21.93 -10.96 -20.44
C LEU B 316 -22.87 -12.00 -19.85
N LEU B 317 -22.64 -12.36 -18.59
CA LEU B 317 -23.38 -13.47 -17.98
C LEU B 317 -24.88 -13.22 -17.99
N ASP B 318 -25.31 -11.95 -18.06
CA ASP B 318 -26.74 -11.67 -18.16
C ASP B 318 -27.35 -12.40 -19.36
N ASP B 319 -26.60 -12.46 -20.47
CA ASP B 319 -27.05 -13.09 -21.69
C ASP B 319 -26.44 -14.46 -21.97
N LEU B 320 -25.31 -14.78 -21.35
CA LEU B 320 -24.59 -16.01 -21.72
C LEU B 320 -25.34 -17.27 -21.31
N VAL B 321 -25.93 -17.29 -20.11
CA VAL B 321 -26.70 -18.42 -19.63
C VAL B 321 -28.11 -17.94 -19.30
N ILE B 322 -29.10 -18.50 -19.99
CA ILE B 322 -30.49 -18.09 -19.85
C ILE B 322 -31.30 -19.26 -19.32
N VAL B 323 -32.20 -18.97 -18.39
CA VAL B 323 -33.17 -19.94 -17.91
C VAL B 323 -34.53 -19.41 -18.34
N SER B 324 -35.19 -20.13 -19.25
CA SER B 324 -36.51 -19.72 -19.70
C SER B 324 -37.34 -20.97 -19.94
N ASP B 325 -38.65 -20.76 -20.06
CA ASP B 325 -39.57 -21.80 -20.50
C ASP B 325 -39.60 -21.74 -22.02
N GLY B 326 -38.95 -22.69 -22.67
CA GLY B 326 -38.81 -22.64 -24.11
C GLY B 326 -37.73 -21.68 -24.53
N PRO B 327 -37.32 -21.76 -25.80
CA PRO B 327 -36.19 -20.98 -26.29
C PRO B 327 -36.23 -19.53 -25.87
N PRO B 328 -35.10 -18.98 -25.44
CA PRO B 328 -35.07 -17.58 -25.06
C PRO B 328 -35.46 -16.74 -26.25
N THR B 329 -36.07 -15.59 -25.96
CA THR B 329 -36.58 -14.69 -26.98
C THR B 329 -35.92 -13.32 -26.84
N GLY B 330 -36.00 -12.55 -27.91
CA GLY B 330 -35.47 -11.21 -27.86
C GLY B 330 -33.97 -11.12 -28.05
N TYR B 331 -33.38 -12.13 -28.70
CA TYR B 331 -32.01 -12.12 -29.18
C TYR B 331 -32.03 -12.09 -30.71
N PRO B 332 -30.98 -11.55 -31.32
CA PRO B 332 -30.94 -11.51 -32.79
C PRO B 332 -31.19 -12.87 -33.43
N GLU B 333 -31.70 -12.85 -34.66
CA GLU B 333 -31.83 -14.10 -35.38
C GLU B 333 -30.44 -14.71 -35.61
N SER B 334 -29.42 -13.86 -35.66
CA SER B 334 -28.04 -14.29 -35.79
C SER B 334 -27.53 -15.08 -34.59
N ALA B 335 -28.15 -14.94 -33.43
CA ALA B 335 -27.69 -15.63 -32.23
C ALA B 335 -27.94 -17.13 -32.33
N GLU B 336 -27.09 -17.92 -31.68
CA GLU B 336 -27.24 -19.38 -31.63
C GLU B 336 -27.35 -19.88 -30.18
N ILE B 337 -28.54 -19.77 -29.58
CA ILE B 337 -28.77 -20.20 -28.19
C ILE B 337 -29.13 -21.69 -28.15
N VAL B 338 -28.37 -22.45 -27.39
CA VAL B 338 -28.50 -23.91 -27.33
C VAL B 338 -29.00 -24.32 -25.96
N GLU B 339 -29.81 -25.39 -25.91
CA GLU B 339 -30.18 -25.97 -24.62
C GLU B 339 -29.03 -26.83 -24.07
N VAL B 340 -28.74 -26.69 -22.79
CA VAL B 340 -27.61 -27.41 -22.21
C VAL B 340 -28.02 -28.88 -22.03
N PRO B 341 -27.22 -29.81 -22.55
CA PRO B 341 -27.55 -31.23 -22.44
C PRO B 341 -27.55 -31.70 -21.00
N GLU B 342 -28.02 -32.94 -20.80
CA GLU B 342 -28.14 -33.50 -19.45
C GLU B 342 -26.78 -33.63 -18.76
N ASP B 343 -25.70 -33.88 -19.52
CA ASP B 343 -24.38 -34.01 -18.90
C ASP B 343 -23.76 -32.67 -18.54
N GLY B 344 -24.37 -31.56 -18.97
CA GLY B 344 -23.91 -30.24 -18.67
C GLY B 344 -22.94 -29.64 -19.67
N ILE B 345 -22.52 -30.37 -20.70
CA ILE B 345 -21.49 -29.89 -21.59
C ILE B 345 -22.12 -29.47 -22.89
N VAL B 346 -21.89 -28.22 -23.26
CA VAL B 346 -22.17 -27.73 -24.60
C VAL B 346 -20.82 -27.62 -25.28
N SER B 347 -20.70 -28.23 -26.45
CA SER B 347 -19.46 -28.17 -27.23
C SER B 347 -19.70 -27.15 -28.34
N ILE B 348 -18.98 -26.05 -28.26
CA ILE B 348 -18.96 -25.02 -29.29
C ILE B 348 -17.70 -25.26 -30.11
N GLN B 349 -17.84 -26.00 -31.20
CA GLN B 349 -16.70 -26.40 -32.02
C GLN B 349 -15.73 -27.15 -31.10
N ASP B 350 -14.43 -26.87 -31.18
CA ASP B 350 -13.43 -27.53 -30.34
C ASP B 350 -13.59 -27.25 -28.85
N ALA B 351 -14.40 -26.26 -28.50
CA ALA B 351 -14.50 -25.72 -27.14
C ALA B 351 -15.66 -26.36 -26.38
N ASP B 352 -15.40 -26.78 -25.15
CA ASP B 352 -16.45 -27.33 -24.30
C ASP B 352 -16.73 -26.37 -23.14
N VAL B 353 -18.01 -26.23 -22.84
CA VAL B 353 -18.49 -25.32 -21.81
C VAL B 353 -19.43 -26.11 -20.89
N TYR B 354 -19.04 -26.21 -19.61
CA TYR B 354 -19.84 -26.90 -18.60
C TYR B 354 -20.75 -25.92 -17.87
N VAL B 355 -22.06 -26.13 -17.97
CA VAL B 355 -23.08 -25.28 -17.37
C VAL B 355 -23.98 -26.15 -16.48
N LYS B 356 -24.08 -25.80 -15.21
CA LYS B 356 -24.94 -26.51 -14.26
C LYS B 356 -25.57 -25.46 -13.35
N ILE B 357 -26.89 -25.25 -13.47
CA ILE B 357 -27.60 -24.30 -12.62
C ILE B 357 -28.50 -25.06 -11.66
N ASP B 358 -28.40 -24.74 -10.38
CA ASP B 358 -29.25 -25.46 -9.45
C ASP B 358 -30.64 -24.85 -9.38
N ASN B 359 -31.59 -25.67 -8.92
CA ASN B 359 -32.95 -25.23 -8.57
C ASN B 359 -33.69 -24.60 -9.74
N VAL B 360 -33.48 -25.16 -10.93
CA VAL B 360 -34.21 -24.70 -12.12
C VAL B 360 -35.64 -25.24 -12.06
N PRO B 361 -36.64 -24.41 -12.35
CA PRO B 361 -38.03 -24.90 -12.38
C PRO B 361 -38.21 -26.08 -13.32
N ASP B 362 -39.21 -26.90 -13.03
CA ASP B 362 -39.43 -28.09 -13.87
C ASP B 362 -39.81 -27.71 -15.29
N ASN B 363 -40.61 -26.65 -15.45
CA ASN B 363 -41.05 -26.23 -16.78
C ASN B 363 -39.99 -25.42 -17.52
N MET B 364 -38.87 -25.10 -16.88
CA MET B 364 -37.86 -24.30 -17.52
C MET B 364 -36.63 -25.16 -17.80
N SER B 365 -35.81 -24.66 -18.72
CA SER B 365 -34.57 -25.32 -19.10
C SER B 365 -33.45 -24.29 -19.07
N VAL B 366 -32.21 -24.76 -19.15
CA VAL B 366 -31.02 -23.92 -19.09
C VAL B 366 -30.45 -23.80 -20.50
N TYR B 367 -30.28 -22.58 -20.99
CA TYR B 367 -29.76 -22.37 -22.33
C TYR B 367 -28.40 -21.67 -22.30
N LEU B 368 -27.59 -21.94 -23.34
CA LEU B 368 -26.28 -21.31 -23.49
C LEU B 368 -26.25 -20.54 -24.79
N HIS B 369 -25.98 -19.24 -24.70
CA HIS B 369 -25.73 -18.41 -25.87
C HIS B 369 -24.32 -18.72 -26.38
N THR B 370 -24.23 -19.40 -27.50
CA THR B 370 -22.96 -19.95 -27.96
C THR B 370 -22.20 -19.03 -28.91
N ASN B 371 -22.73 -17.87 -29.22
CA ASN B 371 -21.95 -16.95 -30.05
C ASN B 371 -22.31 -15.53 -29.62
N LEU B 372 -22.09 -15.24 -28.34
CA LEU B 372 -22.46 -13.93 -27.79
C LEU B 372 -21.79 -12.81 -28.53
N LEU B 373 -20.49 -12.93 -28.78
CA LEU B 373 -19.75 -11.94 -29.54
C LEU B 373 -18.83 -12.76 -30.44
N MET B 374 -18.87 -12.50 -31.75
CA MET B 374 -17.98 -13.25 -32.62
C MET B 374 -17.46 -12.35 -33.73
N PHE B 375 -16.25 -12.67 -34.19
CA PHE B 375 -15.56 -11.92 -35.21
C PHE B 375 -14.87 -12.86 -36.18
N GLY B 376 -14.94 -12.51 -37.47
CA GLY B 376 -14.24 -13.22 -38.51
C GLY B 376 -14.09 -12.33 -39.72
N THR B 377 -12.98 -12.50 -40.46
CA THR B 377 -12.69 -11.65 -41.61
C THR B 377 -12.98 -12.28 -42.97
N ARG B 378 -13.02 -13.62 -43.05
CA ARG B 378 -13.37 -14.33 -44.28
C ARG B 378 -14.50 -15.30 -43.97
N LYS B 379 -15.29 -15.63 -45.00
CA LYS B 379 -16.65 -16.15 -44.82
C LYS B 379 -16.73 -17.53 -44.16
N ASN B 380 -15.63 -18.28 -44.10
CA ASN B 380 -15.73 -19.56 -43.43
C ASN B 380 -14.42 -19.90 -42.75
N SER B 381 -13.72 -18.89 -42.26
CA SER B 381 -12.37 -18.94 -41.73
C SER B 381 -12.42 -19.05 -40.20
N PHE B 382 -11.28 -18.82 -39.56
CA PHE B 382 -11.15 -18.76 -38.11
C PHE B 382 -12.18 -17.80 -37.51
N ILE B 383 -12.56 -18.08 -36.26
CA ILE B 383 -13.56 -17.30 -35.53
C ILE B 383 -13.02 -16.95 -34.14
N TYR B 384 -13.12 -15.69 -33.75
CA TYR B 384 -12.93 -15.31 -32.36
C TYR B 384 -14.31 -15.14 -31.74
N ASN B 385 -14.69 -16.06 -30.86
CA ASN B 385 -16.02 -16.12 -30.28
C ASN B 385 -15.95 -16.12 -28.76
N ILE B 386 -16.48 -15.06 -28.15
CA ILE B 386 -16.33 -14.86 -26.72
C ILE B 386 -16.99 -15.99 -25.92
N SER B 387 -18.02 -16.63 -26.46
CA SER B 387 -18.66 -17.68 -25.68
C SER B 387 -17.69 -18.82 -25.44
N LYS B 388 -16.82 -19.09 -26.42
CA LYS B 388 -15.88 -20.19 -26.33
C LYS B 388 -14.80 -19.98 -25.27
N LYS B 389 -14.70 -18.76 -24.68
CA LYS B 389 -13.74 -18.47 -23.62
C LYS B 389 -14.28 -18.79 -22.23
N PHE B 390 -15.41 -19.46 -22.13
CA PHE B 390 -15.90 -19.92 -20.85
C PHE B 390 -15.80 -21.43 -20.80
N SER B 391 -15.33 -21.95 -19.68
CA SER B 391 -15.25 -23.39 -19.51
C SER B 391 -16.24 -23.92 -18.50
N ALA B 392 -16.61 -23.12 -17.49
CA ALA B 392 -17.51 -23.62 -16.48
C ALA B 392 -18.34 -22.46 -15.92
N ILE B 393 -19.64 -22.71 -15.78
CA ILE B 393 -20.60 -21.75 -15.26
C ILE B 393 -21.52 -22.52 -14.33
N THR B 394 -21.47 -22.21 -13.04
CA THR B 394 -22.35 -22.81 -12.06
C THR B 394 -23.11 -21.73 -11.30
N GLY B 395 -24.29 -22.09 -10.83
CA GLY B 395 -25.10 -21.16 -10.06
C GLY B 395 -26.40 -21.80 -9.64
N THR B 396 -27.29 -20.95 -9.12
CA THR B 396 -28.57 -21.39 -8.56
C THR B 396 -29.67 -20.42 -8.95
N TYR B 397 -30.79 -20.95 -9.46
CA TYR B 397 -31.93 -20.13 -9.80
C TYR B 397 -32.68 -19.72 -8.55
N SER B 398 -33.08 -18.46 -8.51
CA SER B 398 -33.83 -17.91 -7.38
C SER B 398 -35.31 -17.81 -7.74
N ASP B 399 -36.14 -18.54 -7.00
CA ASP B 399 -37.58 -18.50 -7.23
C ASP B 399 -38.14 -17.15 -6.87
N ALA B 400 -37.61 -16.51 -5.83
CA ALA B 400 -38.14 -15.24 -5.37
C ALA B 400 -37.87 -14.14 -6.39
N THR B 401 -36.66 -14.08 -6.90
CA THR B 401 -36.22 -12.98 -7.73
C THR B 401 -36.23 -13.33 -9.20
N LYS B 402 -36.55 -14.58 -9.53
CA LYS B 402 -36.70 -15.01 -10.91
C LYS B 402 -35.44 -14.65 -11.72
N ARG B 403 -34.29 -15.03 -11.15
CA ARG B 403 -33.00 -14.77 -11.78
C ARG B 403 -31.98 -15.78 -11.29
N THR B 404 -30.91 -15.95 -12.05
CA THR B 404 -29.87 -16.91 -11.75
C THR B 404 -28.74 -16.21 -11.01
N ILE B 405 -28.22 -16.88 -9.99
CA ILE B 405 -27.12 -16.34 -9.18
C ILE B 405 -25.93 -17.25 -9.42
N PHE B 406 -24.89 -16.70 -10.02
CA PHE B 406 -23.74 -17.54 -10.35
C PHE B 406 -22.81 -17.70 -9.16
N ALA B 407 -22.20 -18.88 -9.05
CA ALA B 407 -21.34 -19.25 -7.95
C ALA B 407 -19.88 -19.26 -8.35
N HIS B 408 -19.55 -19.98 -9.42
CA HIS B 408 -18.17 -20.04 -9.87
C HIS B 408 -18.16 -19.98 -11.39
N ILE B 409 -17.35 -19.09 -11.95
CA ILE B 409 -17.15 -19.02 -13.39
C ILE B 409 -15.68 -19.31 -13.66
N SER B 410 -15.42 -20.33 -14.48
CA SER B 410 -14.09 -20.55 -15.02
C SER B 410 -14.08 -20.06 -16.44
N HIS B 411 -13.12 -19.20 -16.75
CA HIS B 411 -13.09 -18.59 -18.06
C HIS B 411 -11.65 -18.15 -18.32
N SER B 412 -11.45 -17.56 -19.50
CA SER B 412 -10.18 -17.10 -19.99
C SER B 412 -10.30 -15.73 -20.62
N ILE B 413 -11.31 -14.97 -20.18
CA ILE B 413 -11.42 -13.55 -20.53
C ILE B 413 -10.19 -12.81 -20.01
N ASN B 414 -9.70 -11.86 -20.80
CA ASN B 414 -8.52 -11.09 -20.44
C ASN B 414 -8.82 -9.59 -20.54
N ILE B 415 -7.82 -8.80 -20.12
CA ILE B 415 -8.01 -7.35 -20.08
C ILE B 415 -8.28 -6.80 -21.46
N ILE B 416 -7.77 -7.45 -22.51
CA ILE B 416 -7.99 -6.93 -23.85
C ILE B 416 -9.46 -7.02 -24.23
N ASP B 417 -10.11 -8.13 -23.91
CA ASP B 417 -11.51 -8.30 -24.27
C ASP B 417 -12.37 -7.18 -23.69
N THR B 418 -12.04 -6.73 -22.49
CA THR B 418 -12.81 -5.70 -21.83
C THR B 418 -12.55 -4.33 -22.41
N SER B 419 -11.59 -4.19 -23.34
CA SER B 419 -11.16 -2.91 -23.86
C SER B 419 -11.48 -2.73 -25.34
N ILE B 420 -12.37 -3.55 -25.88
CA ILE B 420 -12.71 -3.49 -27.30
C ILE B 420 -13.90 -2.56 -27.47
N PRO B 421 -13.79 -1.52 -28.28
CA PRO B 421 -14.99 -0.75 -28.63
C PRO B 421 -16.04 -1.64 -29.27
N VAL B 422 -17.31 -1.41 -28.93
CA VAL B 422 -18.38 -2.23 -29.50
C VAL B 422 -18.40 -2.08 -31.01
N SER B 423 -18.04 -0.90 -31.51
CA SER B 423 -18.03 -0.63 -32.94
C SER B 423 -17.30 -1.73 -33.68
N LEU B 424 -16.19 -2.20 -33.11
CA LEU B 424 -15.35 -3.17 -33.79
C LEU B 424 -16.01 -4.54 -33.89
N TRP B 425 -16.88 -4.89 -32.93
CA TRP B 425 -17.58 -6.17 -33.04
C TRP B 425 -18.49 -6.17 -34.25
N THR B 426 -19.05 -5.02 -34.59
CA THR B 426 -20.00 -4.90 -35.69
C THR B 426 -19.42 -4.12 -36.86
N SER B 427 -18.10 -4.18 -37.05
CA SER B 427 -17.47 -3.46 -38.15
C SER B 427 -17.78 -4.15 -39.49
N GLN B 428 -17.59 -3.40 -40.58
CA GLN B 428 -17.80 -4.01 -41.88
C GLN B 428 -16.81 -5.15 -42.08
N ARG B 429 -15.60 -5.03 -41.52
CA ARG B 429 -14.61 -6.10 -41.59
C ARG B 429 -15.11 -7.43 -41.04
N ASN B 430 -16.17 -7.42 -40.24
CA ASN B 430 -16.68 -8.63 -39.62
C ASN B 430 -17.73 -9.26 -40.53
N VAL B 431 -17.49 -10.53 -40.90
CA VAL B 431 -18.42 -11.28 -41.75
C VAL B 431 -19.62 -11.81 -40.98
N TYR B 432 -19.57 -11.84 -39.65
CA TYR B 432 -20.72 -12.22 -38.83
C TYR B 432 -21.44 -10.97 -38.35
N ASN B 433 -22.57 -11.19 -37.69
CA ASN B 433 -23.29 -10.09 -37.08
C ASN B 433 -22.43 -9.44 -36.01
N GLY B 434 -21.86 -10.26 -35.13
CA GLY B 434 -20.89 -9.76 -34.18
C GLY B 434 -21.41 -9.62 -32.77
N ASP B 435 -22.30 -8.64 -32.53
CA ASP B 435 -22.86 -8.40 -31.20
C ASP B 435 -24.23 -9.07 -31.13
N ASN B 436 -24.27 -10.27 -30.56
CA ASN B 436 -25.51 -11.01 -30.45
C ASN B 436 -26.10 -10.97 -29.06
N ARG B 437 -25.83 -9.89 -28.34
CA ARG B 437 -26.40 -9.68 -27.01
C ARG B 437 -27.84 -9.21 -27.12
N SER B 438 -28.57 -9.35 -26.00
CA SER B 438 -29.92 -8.82 -25.89
C SER B 438 -29.89 -7.31 -26.04
N ALA B 439 -31.04 -6.74 -26.44
CA ALA B 439 -31.13 -5.28 -26.55
C ALA B 439 -30.94 -4.62 -25.19
N GLU B 440 -31.42 -5.28 -24.14
CA GLU B 440 -31.25 -4.79 -22.80
C GLU B 440 -29.77 -4.63 -22.46
N SER B 441 -28.96 -5.64 -22.80
CA SER B 441 -27.52 -5.56 -22.54
C SER B 441 -26.90 -4.41 -23.31
N LYS B 442 -27.21 -4.29 -24.59
CA LYS B 442 -26.59 -3.26 -25.40
C LYS B 442 -26.93 -1.86 -24.86
N ALA B 443 -28.07 -1.74 -24.17
CA ALA B 443 -28.52 -0.47 -23.63
C ALA B 443 -27.60 0.03 -22.51
N LYS B 444 -26.99 -0.89 -21.76
CA LYS B 444 -26.12 -0.56 -20.64
C LYS B 444 -24.67 -0.23 -21.05
N ASP B 445 -24.35 -0.27 -22.34
CA ASP B 445 -23.00 0.09 -22.76
C ASP B 445 -22.71 1.54 -22.42
N LEU B 446 -21.43 1.84 -22.21
CA LEU B 446 -20.98 3.11 -21.69
C LEU B 446 -19.99 3.77 -22.63
N PHE B 447 -20.13 5.07 -22.84
CA PHE B 447 -19.14 5.85 -23.54
C PHE B 447 -17.99 6.16 -22.59
N ILE B 448 -16.75 5.93 -23.05
CA ILE B 448 -15.55 6.23 -22.29
C ILE B 448 -14.60 7.01 -23.18
N ASN B 449 -14.25 8.23 -22.78
CA ASN B 449 -13.38 9.06 -23.61
C ASN B 449 -12.17 9.56 -22.82
N ASP B 450 -11.75 8.80 -21.81
CA ASP B 450 -10.60 9.15 -21.02
C ASP B 450 -9.43 9.55 -21.93
N PRO B 451 -8.89 10.76 -21.77
CA PRO B 451 -7.87 11.21 -22.71
C PRO B 451 -6.48 10.63 -22.48
N PHE B 452 -6.25 9.98 -21.34
CA PHE B 452 -4.90 9.53 -20.99
C PHE B 452 -4.76 8.02 -21.02
N ILE B 453 -5.50 7.34 -21.90
CA ILE B 453 -5.32 5.91 -22.04
C ILE B 453 -4.04 5.65 -22.79
N LYS B 454 -3.29 4.65 -22.35
CA LYS B 454 -2.06 4.22 -22.99
C LYS B 454 -2.16 2.74 -23.30
N GLY B 455 -1.45 2.31 -24.34
CA GLY B 455 -1.45 0.90 -24.72
C GLY B 455 -2.61 0.54 -25.64
N ILE B 456 -3.13 -0.68 -25.52
CA ILE B 456 -4.35 -1.05 -26.25
C ILE B 456 -5.41 -1.60 -25.32
N ASP B 457 -5.17 -1.63 -24.02
CA ASP B 457 -6.17 -2.02 -23.04
C ASP B 457 -6.25 -0.97 -21.93
N PHE B 458 -7.35 -1.02 -21.18
CA PHE B 458 -7.61 0.00 -20.18
C PHE B 458 -6.60 0.02 -19.04
N LYS B 459 -5.78 -1.02 -18.88
CA LYS B 459 -4.80 -1.07 -17.81
C LYS B 459 -3.42 -0.91 -18.34
N ASN B 460 -3.26 -0.63 -19.62
CA ASN B 460 -1.94 -0.54 -20.23
C ASN B 460 -1.13 -1.80 -19.91
N LYS B 461 -1.82 -2.95 -19.83
CA LYS B 461 -1.13 -4.16 -19.42
C LYS B 461 -0.38 -4.78 -20.58
N THR B 462 -1.07 -4.98 -21.69
CA THR B 462 -0.46 -5.60 -22.86
C THR B 462 0.59 -4.69 -23.45
N ASP B 463 1.80 -5.20 -23.64
CA ASP B 463 2.88 -4.45 -24.26
C ASP B 463 3.00 -4.86 -25.72
N ILE B 464 2.78 -3.88 -26.60
CA ILE B 464 2.74 -4.13 -28.04
C ILE B 464 4.01 -3.68 -28.74
N ILE B 465 4.99 -3.20 -28.00
CA ILE B 465 6.31 -2.91 -28.54
C ILE B 465 7.20 -4.13 -28.39
N SER B 466 7.66 -4.70 -29.50
CA SER B 466 8.58 -5.83 -29.45
C SER B 466 10.05 -5.39 -29.52
N ARG B 467 10.35 -4.33 -30.24
CA ARG B 467 11.70 -3.81 -30.28
C ARG B 467 11.60 -2.31 -30.40
N LEU B 468 12.60 -1.62 -29.82
CA LEU B 468 12.63 -0.17 -29.77
C LEU B 468 14.00 0.30 -30.20
N GLU B 469 14.05 1.28 -31.10
CA GLU B 469 15.33 1.84 -31.55
C GLU B 469 15.23 3.36 -31.57
N VAL B 470 16.24 4.01 -31.01
CA VAL B 470 16.37 5.46 -31.02
C VAL B 470 17.56 5.79 -31.89
N ARG B 471 17.33 6.53 -32.97
CA ARG B 471 18.38 6.91 -33.90
C ARG B 471 18.58 8.41 -33.86
N PHE B 472 19.85 8.83 -33.71
CA PHE B 472 20.24 10.21 -34.01
C PHE B 472 20.98 10.13 -35.36
N GLY B 473 20.34 10.61 -36.42
CA GLY B 473 20.85 10.38 -37.76
C GLY B 473 20.72 8.96 -38.26
N ASN B 474 21.83 8.32 -38.66
CA ASN B 474 21.83 6.92 -39.04
C ASN B 474 22.47 6.08 -37.98
N ASP B 475 23.07 6.71 -36.97
CA ASP B 475 23.64 5.97 -35.87
C ASP B 475 22.54 5.69 -34.85
N VAL B 476 22.60 4.51 -34.27
CA VAL B 476 21.67 4.14 -33.22
C VAL B 476 22.24 4.56 -31.87
N LEU B 477 21.45 5.31 -31.12
CA LEU B 477 21.83 5.72 -29.79
C LEU B 477 21.48 4.64 -28.78
N TYR B 478 20.37 3.95 -29.01
CA TYR B 478 19.88 2.98 -28.05
C TYR B 478 18.93 2.02 -28.75
N SER B 479 18.96 0.75 -28.32
CA SER B 479 18.06 -0.28 -28.81
C SER B 479 17.74 -1.22 -27.67
N GLU B 480 16.53 -1.78 -27.68
CA GLU B 480 16.20 -2.76 -26.66
C GLU B 480 15.17 -3.74 -27.19
N ASN B 481 15.26 -4.97 -26.70
CA ASN B 481 14.24 -5.95 -27.04
C ASN B 481 13.19 -6.09 -25.96
N GLY B 482 13.61 -6.06 -24.70
CA GLY B 482 12.68 -5.93 -23.60
C GLY B 482 12.63 -4.52 -23.09
N PRO B 483 11.66 -4.22 -22.26
CA PRO B 483 11.51 -2.88 -21.71
C PRO B 483 12.44 -2.60 -20.53
N ILE B 484 13.74 -2.86 -20.73
CA ILE B 484 14.70 -2.66 -19.66
C ILE B 484 14.78 -1.16 -19.33
N SER B 485 14.52 -0.29 -20.32
CA SER B 485 14.45 1.14 -20.03
C SER B 485 13.30 1.45 -19.08
N ARG B 486 12.17 0.77 -19.22
CA ARG B 486 11.09 0.97 -18.27
C ARG B 486 11.42 0.36 -16.91
N ILE B 487 12.02 -0.84 -16.90
CA ILE B 487 12.47 -1.40 -15.63
C ILE B 487 13.32 -0.39 -14.88
N TYR B 488 14.33 0.18 -15.56
CA TYR B 488 15.16 1.19 -14.91
C TYR B 488 14.32 2.39 -14.51
N ASN B 489 13.35 2.76 -15.36
CA ASN B 489 12.52 3.91 -15.05
C ASN B 489 11.78 3.69 -13.75
N GLU B 490 11.02 2.61 -13.66
CA GLU B 490 10.27 2.31 -12.44
C GLU B 490 11.21 2.11 -11.27
N LEU B 491 12.31 1.39 -11.50
CA LEU B 491 13.26 1.12 -10.43
C LEU B 491 13.86 2.41 -9.90
N LEU B 492 14.34 3.26 -10.80
CA LEU B 492 15.04 4.45 -10.36
C LEU B 492 14.12 5.54 -9.83
N THR B 493 12.82 5.48 -10.12
CA THR B 493 11.88 6.50 -9.69
C THR B 493 10.79 5.95 -8.77
N LYS B 494 10.92 4.69 -8.35
CA LYS B 494 10.00 4.06 -7.42
C LYS B 494 8.55 4.27 -7.85
N SER B 495 8.24 3.90 -9.09
CA SER B 495 6.85 3.98 -9.52
C SER B 495 6.46 2.63 -10.12
N ASN B 496 5.24 2.19 -9.88
CA ASN B 496 4.79 0.97 -10.50
C ASN B 496 4.21 1.22 -11.88
N ASN B 497 4.16 2.49 -12.30
CA ASN B 497 3.61 2.92 -13.59
C ASN B 497 4.66 3.74 -14.34
N GLY B 498 5.67 3.08 -14.91
CA GLY B 498 6.71 3.75 -15.65
C GLY B 498 6.51 3.64 -17.16
N THR B 499 7.47 4.25 -17.88
CA THR B 499 7.53 4.19 -19.33
C THR B 499 8.95 3.88 -19.81
N ARG B 500 9.07 3.32 -21.01
CA ARG B 500 10.39 3.11 -21.59
C ARG B 500 11.05 4.48 -21.67
N THR B 501 12.10 4.71 -20.89
CA THR B 501 12.64 6.06 -20.74
C THR B 501 14.17 6.04 -20.76
N LEU B 502 14.75 6.89 -21.60
CA LEU B 502 16.19 7.06 -21.68
C LEU B 502 16.54 8.31 -20.88
N THR B 503 17.06 8.12 -19.66
CA THR B 503 17.43 9.25 -18.80
C THR B 503 18.90 9.59 -18.98
N PHE B 504 19.19 10.83 -19.31
CA PHE B 504 20.56 11.25 -19.51
C PHE B 504 21.16 11.99 -18.33
N ASN B 505 20.33 12.56 -17.46
CA ASN B 505 20.80 13.32 -16.30
C ASN B 505 20.68 12.50 -15.02
N PHE B 506 21.81 12.05 -14.48
CA PHE B 506 21.84 11.42 -13.18
C PHE B 506 22.42 12.34 -12.11
N THR B 507 22.47 13.63 -12.42
CA THR B 507 23.13 14.59 -11.56
C THR B 507 22.08 15.25 -10.68
N PRO B 508 22.33 15.40 -9.39
CA PRO B 508 21.32 16.00 -8.48
C PRO B 508 20.75 17.30 -9.03
N LYS B 509 19.42 17.39 -9.07
CA LYS B 509 18.80 18.57 -9.65
C LYS B 509 18.97 19.82 -8.75
N ILE B 510 18.84 21.00 -9.38
CA ILE B 510 18.82 22.31 -8.72
C ILE B 510 20.21 22.74 -8.27
N PHE B 511 20.96 21.84 -7.66
CA PHE B 511 22.30 22.16 -7.22
C PHE B 511 23.37 21.98 -8.29
N PHE B 512 23.02 21.40 -9.43
CA PHE B 512 23.94 21.12 -10.52
C PHE B 512 23.28 21.49 -11.83
N ARG B 513 24.09 21.82 -12.84
CA ARG B 513 23.53 21.95 -14.17
C ARG B 513 23.23 20.56 -14.72
N PRO B 514 22.00 20.29 -15.14
CA PRO B 514 21.66 18.94 -15.62
C PRO B 514 22.55 18.44 -16.76
N THR B 515 22.94 17.16 -16.66
CA THR B 515 23.68 16.48 -17.71
C THR B 515 22.76 16.15 -18.87
N THR B 516 23.13 16.59 -20.07
CA THR B 516 22.27 16.39 -21.23
C THR B 516 23.05 15.71 -22.35
N ILE B 517 22.30 15.04 -23.20
CA ILE B 517 22.69 14.59 -24.52
C ILE B 517 22.32 15.64 -25.58
N THR B 518 23.16 15.78 -26.62
CA THR B 518 22.81 16.60 -27.78
C THR B 518 22.55 15.71 -28.98
N ALA B 519 21.55 16.09 -29.77
CA ALA B 519 21.26 15.39 -31.02
C ALA B 519 22.06 16.00 -32.14
N ASN B 520 23.33 16.32 -31.83
CA ASN B 520 24.33 16.74 -32.80
C ASN B 520 23.90 18.12 -33.24
N VAL B 521 24.68 18.84 -34.04
CA VAL B 521 24.16 20.08 -34.59
C VAL B 521 24.59 20.19 -36.05
N SER B 522 25.86 19.82 -36.28
CA SER B 522 26.52 19.94 -37.58
C SER B 522 26.19 18.81 -38.55
N ARG B 523 26.10 17.57 -38.07
CA ARG B 523 25.88 16.44 -38.96
C ARG B 523 24.47 16.46 -39.50
N GLY B 524 24.13 17.56 -40.18
CA GLY B 524 22.79 17.76 -40.74
C GLY B 524 21.82 18.40 -39.75
N LYS B 525 20.66 17.77 -39.55
CA LYS B 525 19.60 18.27 -38.69
C LYS B 525 19.86 17.77 -37.25
N ASP B 526 19.03 18.18 -36.30
CA ASP B 526 19.30 17.90 -34.89
C ASP B 526 18.12 17.07 -34.39
N LYS B 527 18.13 15.76 -34.62
CA LYS B 527 16.88 15.04 -34.46
C LYS B 527 17.06 13.66 -33.86
N LEU B 528 16.00 13.23 -33.17
CA LEU B 528 15.81 11.92 -32.54
C LEU B 528 14.58 11.26 -33.15
N SER B 529 14.81 10.19 -33.89
CA SER B 529 13.73 9.45 -34.49
C SER B 529 13.64 8.11 -33.78
N VAL B 530 12.42 7.70 -33.45
CA VAL B 530 12.15 6.46 -32.75
C VAL B 530 11.47 5.49 -33.69
N ARG B 531 11.93 4.27 -33.70
CA ARG B 531 11.30 3.22 -34.48
C ARG B 531 11.03 2.05 -33.55
N VAL B 532 9.83 1.49 -33.66
CA VAL B 532 9.44 0.34 -32.86
C VAL B 532 9.04 -0.77 -33.80
N VAL B 533 8.96 -1.97 -33.27
CA VAL B 533 8.43 -3.10 -33.98
C VAL B 533 7.22 -3.56 -33.17
N TYR B 534 6.03 -3.27 -33.67
CA TYR B 534 4.82 -3.69 -32.96
C TYR B 534 4.70 -5.22 -33.03
N SER B 535 4.11 -5.80 -32.00
CA SER B 535 3.84 -7.22 -32.04
C SER B 535 2.78 -7.50 -33.10
N THR B 536 2.85 -8.67 -33.73
CA THR B 536 1.91 -8.96 -34.81
C THR B 536 0.70 -9.67 -34.21
N MET B 537 -0.49 -9.32 -34.69
CA MET B 537 -1.70 -9.80 -34.04
C MET B 537 -2.68 -10.36 -35.06
N ASP B 538 -3.61 -11.14 -34.55
CA ASP B 538 -4.53 -11.91 -35.37
C ASP B 538 -5.54 -11.02 -36.11
N VAL B 539 -5.74 -11.29 -37.40
CA VAL B 539 -6.68 -10.45 -38.14
C VAL B 539 -8.11 -10.71 -37.73
N ASN B 540 -8.35 -11.75 -36.92
CA ASN B 540 -9.69 -12.11 -36.47
C ASN B 540 -9.94 -11.79 -35.00
N HIS B 541 -8.96 -11.24 -34.30
CA HIS B 541 -9.30 -10.65 -33.03
C HIS B 541 -9.67 -9.18 -33.23
N PRO B 542 -10.72 -8.67 -32.57
CA PRO B 542 -11.11 -7.27 -32.83
C PRO B 542 -10.04 -6.29 -32.47
N ILE B 543 -9.25 -6.59 -31.44
CA ILE B 543 -8.24 -5.69 -30.94
C ILE B 543 -7.24 -5.32 -32.02
N TYR B 544 -7.16 -6.13 -33.07
CA TYR B 544 -6.27 -5.84 -34.17
C TYR B 544 -6.58 -4.48 -34.78
N TYR B 545 -7.84 -4.05 -34.73
CA TYR B 545 -8.25 -2.87 -35.47
C TYR B 545 -8.32 -1.65 -34.62
N VAL B 546 -7.87 -1.74 -33.37
CA VAL B 546 -7.70 -0.56 -32.54
C VAL B 546 -6.43 0.12 -33.03
N GLN B 547 -6.56 1.34 -33.52
CA GLN B 547 -5.43 2.05 -34.09
C GLN B 547 -4.54 2.55 -32.98
N LYS B 548 -3.23 2.50 -33.20
CA LYS B 548 -2.27 2.82 -32.17
C LYS B 548 -1.38 3.96 -32.66
N GLN B 549 -0.96 4.80 -31.71
CA GLN B 549 -0.10 5.94 -31.96
C GLN B 549 1.11 5.94 -31.05
N LEU B 550 2.28 6.22 -31.62
CA LEU B 550 3.51 6.26 -30.86
C LEU B 550 3.72 7.65 -30.31
N VAL B 551 3.99 7.76 -29.03
CA VAL B 551 4.22 9.06 -28.38
C VAL B 551 5.66 9.12 -27.91
N VAL B 552 6.37 10.19 -28.28
CA VAL B 552 7.75 10.42 -27.86
C VAL B 552 7.80 11.73 -27.11
N VAL B 553 8.40 11.72 -25.91
CA VAL B 553 8.46 12.91 -25.07
C VAL B 553 9.92 13.26 -24.82
N CYS B 554 10.29 14.49 -25.16
CA CYS B 554 11.63 15.00 -24.96
C CYS B 554 11.64 16.12 -23.94
N ASN B 555 12.49 15.99 -22.93
CA ASN B 555 12.72 17.04 -21.95
C ASN B 555 13.90 17.89 -22.39
N ASP B 556 13.60 19.11 -22.82
CA ASP B 556 14.63 20.05 -23.24
C ASP B 556 15.10 20.85 -22.04
N LEU B 557 16.39 21.10 -21.98
CA LEU B 557 16.92 21.92 -20.90
C LEU B 557 16.79 23.38 -21.30
N TYR B 558 16.24 24.18 -20.39
CA TYR B 558 16.14 25.63 -20.54
C TYR B 558 16.87 26.30 -19.39
N LYS B 559 17.35 27.52 -19.64
CA LYS B 559 17.93 28.35 -18.59
C LYS B 559 16.94 29.43 -18.19
N VAL B 560 16.67 29.53 -16.89
CA VAL B 560 15.79 30.54 -16.34
C VAL B 560 16.65 31.65 -15.77
N SER B 561 16.55 32.80 -16.39
CA SER B 561 17.32 33.98 -16.03
C SER B 561 16.36 34.95 -15.40
N TYR B 562 16.87 35.77 -14.50
CA TYR B 562 15.99 36.71 -13.84
C TYR B 562 16.42 38.15 -14.09
N ASP B 563 17.30 38.38 -15.07
CA ASP B 563 17.72 39.75 -15.39
C ASP B 563 16.57 40.47 -16.07
N GLN B 564 16.06 41.50 -15.40
CA GLN B 564 14.97 42.35 -15.91
C GLN B 564 13.72 41.53 -16.20
N GLY B 565 13.23 40.88 -15.16
CA GLY B 565 12.11 39.96 -15.26
C GLY B 565 12.55 38.54 -15.57
N VAL B 566 11.58 37.64 -15.49
CA VAL B 566 11.82 36.23 -15.71
C VAL B 566 11.79 35.94 -17.20
N SER B 567 12.79 35.21 -17.68
CA SER B 567 12.89 34.82 -19.07
C SER B 567 13.58 33.47 -19.15
N ILE B 568 13.26 32.71 -20.19
CA ILE B 568 13.87 31.41 -20.39
C ILE B 568 14.62 31.38 -21.71
N THR B 569 15.54 30.43 -21.81
CA THR B 569 16.41 30.29 -22.98
C THR B 569 16.71 28.82 -23.18
N LYS B 570 16.39 28.29 -24.36
CA LYS B 570 16.63 26.89 -24.65
C LYS B 570 18.13 26.67 -24.82
N ILE B 571 18.74 25.80 -23.99
CA ILE B 571 20.18 25.53 -24.11
C ILE B 571 20.47 24.93 -25.47
N MET B 572 21.49 25.46 -26.16
CA MET B 572 21.84 25.00 -27.54
C MET B 572 23.34 24.94 -27.82
N THR C 29 30.17 8.50 -32.73
CA THR C 29 29.21 9.60 -32.69
C THR C 29 29.02 10.11 -31.26
N ILE C 30 29.13 9.21 -30.27
CA ILE C 30 29.02 9.62 -28.88
C ILE C 30 30.23 10.46 -28.49
N ILE C 31 31.41 10.09 -28.98
CA ILE C 31 32.66 10.80 -28.74
C ILE C 31 32.56 12.26 -29.15
N ASN C 32 31.61 12.60 -30.03
CA ASN C 32 31.42 13.97 -30.47
C ASN C 32 30.78 14.80 -29.36
N SER C 33 29.69 14.30 -28.79
CA SER C 33 28.92 14.95 -27.72
C SER C 33 29.73 15.10 -26.42
N LEU C 34 31.00 14.66 -26.39
CA LEU C 34 31.90 14.75 -25.23
C LEU C 34 33.32 15.08 -25.68
N SER C 40 39.01 22.74 -19.99
CA SER C 40 38.44 24.04 -20.31
C SER C 40 37.94 24.80 -19.05
N ILE C 41 36.99 24.22 -18.30
CA ILE C 41 36.38 24.87 -17.13
C ILE C 41 36.39 23.92 -15.92
N LYS C 42 36.31 24.53 -14.75
CA LYS C 42 36.25 23.80 -13.48
C LYS C 42 34.90 23.10 -13.32
N ARG C 43 34.93 21.85 -12.86
CA ARG C 43 33.71 21.06 -12.73
C ARG C 43 33.67 20.40 -11.35
N SER C 44 32.48 20.31 -10.76
CA SER C 44 32.34 19.58 -9.51
C SER C 44 32.31 18.09 -9.81
N ASN C 45 33.09 17.32 -9.05
CA ASN C 45 33.17 15.88 -9.25
C ASN C 45 31.93 15.21 -8.71
N VAL C 46 31.20 14.52 -9.58
CA VAL C 46 30.02 13.78 -9.17
C VAL C 46 30.30 12.30 -9.20
N PHE C 47 31.59 11.89 -9.32
CA PHE C 47 32.00 10.50 -9.42
C PHE C 47 32.93 10.05 -8.32
N ALA C 48 33.24 10.93 -7.36
CA ALA C 48 34.05 10.56 -6.22
C ALA C 48 33.70 11.48 -5.05
N VAL C 49 33.99 11.01 -3.84
CA VAL C 49 33.77 11.77 -2.62
C VAL C 49 34.94 11.52 -1.69
N ASP C 50 35.33 12.55 -0.93
CA ASP C 50 36.32 12.40 0.14
C ASP C 50 35.62 11.86 1.39
N SER C 51 35.85 10.58 1.69
CA SER C 51 35.25 9.96 2.86
C SER C 51 35.88 10.54 4.12
N GLN C 52 35.13 11.40 4.81
CA GLN C 52 35.62 12.02 6.03
C GLN C 52 35.54 11.07 7.22
N ILE C 53 36.49 11.20 8.14
CA ILE C 53 36.46 10.37 9.33
C ILE C 53 35.53 11.06 10.32
N PRO C 54 34.50 10.37 10.82
CA PRO C 54 33.58 11.00 11.78
C PRO C 54 34.06 10.89 13.20
N THR C 55 33.30 11.51 14.10
CA THR C 55 33.52 11.33 15.53
C THR C 55 33.61 9.85 15.86
N LEU C 56 34.42 9.51 16.85
CA LEU C 56 34.53 8.13 17.31
C LEU C 56 33.43 7.88 18.35
N TYR C 57 32.47 7.02 18.01
CA TYR C 57 31.40 6.73 18.96
C TYR C 57 31.05 5.24 18.91
N MET C 58 30.20 4.85 19.82
CA MET C 58 29.73 3.49 19.80
C MET C 58 28.27 3.49 20.26
N PRO C 59 27.34 3.01 19.45
CA PRO C 59 25.93 2.98 19.88
C PRO C 59 25.60 1.69 20.61
N GLN C 60 24.56 1.77 21.44
CA GLN C 60 24.07 0.55 22.07
C GLN C 60 22.58 0.65 22.38
N TYR C 61 21.82 -0.36 21.99
CA TYR C 61 20.41 -0.41 22.37
C TYR C 61 20.33 -0.71 23.86
N ILE C 62 19.87 0.25 24.64
CA ILE C 62 19.79 0.12 26.09
C ILE C 62 18.32 0.05 26.47
N SER C 63 17.95 -1.01 27.17
CA SER C 63 16.60 -1.13 27.71
C SER C 63 16.68 -0.98 29.22
N LEU C 64 15.67 -0.34 29.79
CA LEU C 64 15.64 -0.12 31.23
C LEU C 64 14.20 -0.09 31.71
N SER C 65 13.93 -0.89 32.75
CA SER C 65 12.67 -0.88 33.47
C SER C 65 12.51 0.40 34.26
N GLY C 66 11.29 0.70 34.64
CA GLY C 66 11.08 1.98 35.29
C GLY C 66 10.44 1.89 36.65
N VAL C 67 10.03 3.04 37.16
CA VAL C 67 9.27 3.13 38.39
C VAL C 67 7.84 3.48 38.03
N MET C 68 6.90 2.69 38.50
CA MET C 68 5.49 2.87 38.23
C MET C 68 4.84 3.33 39.52
N THR C 69 4.13 4.44 39.47
CA THR C 69 3.48 5.02 40.65
C THR C 69 2.06 5.42 40.26
N ASN C 70 1.12 5.29 41.20
CA ASN C 70 -0.25 5.75 40.94
C ASN C 70 -0.64 6.99 41.76
N ASN C 75 -4.11 8.15 41.58
CA ASN C 75 -4.89 8.63 40.44
C ASN C 75 -4.37 7.93 39.16
N GLN C 76 -3.79 8.71 38.23
CA GLN C 76 -3.29 8.22 36.95
C GLN C 76 -1.95 7.51 37.14
N ALA C 77 -1.62 6.65 36.18
CA ALA C 77 -0.42 5.84 36.27
C ALA C 77 0.76 6.54 35.60
N ILE C 78 1.90 6.60 36.31
CA ILE C 78 3.08 7.30 35.84
C ILE C 78 4.26 6.34 35.88
N ALA C 79 4.94 6.20 34.76
CA ALA C 79 6.19 5.47 34.70
C ALA C 79 7.31 6.49 34.59
N SER C 80 8.37 6.27 35.36
CA SER C 80 9.53 7.14 35.27
C SER C 80 10.75 6.28 35.01
N PHE C 81 11.61 6.78 34.13
CA PHE C 81 12.84 6.12 33.77
C PHE C 81 13.94 7.15 33.97
N GLU C 82 14.90 6.84 34.83
CA GLU C 82 16.03 7.73 35.06
C GLU C 82 17.20 7.20 34.27
N ILE C 83 17.81 8.07 33.48
CA ILE C 83 18.98 7.74 32.68
C ILE C 83 20.12 8.57 33.24
N ARG C 84 20.99 7.94 34.02
CA ARG C 84 22.19 8.59 34.52
C ARG C 84 23.27 7.54 34.43
N ASP C 85 24.19 7.73 33.50
CA ASP C 85 25.29 6.82 33.25
C ASP C 85 26.41 7.72 32.78
N GLN C 86 27.60 7.54 33.34
CA GLN C 86 28.67 8.43 32.96
C GLN C 86 29.09 8.23 31.52
N TYR C 87 28.90 7.02 30.99
CA TYR C 87 29.37 6.62 29.66
C TYR C 87 28.34 6.82 28.55
N ILE C 88 27.12 7.20 28.86
CA ILE C 88 26.13 7.57 27.83
C ILE C 88 26.29 9.05 27.55
N THR C 89 26.73 9.35 26.33
CA THR C 89 27.00 10.71 25.90
C THR C 89 25.81 11.35 25.20
N ALA C 90 25.03 10.55 24.48
CA ALA C 90 23.92 11.04 23.68
C ALA C 90 22.90 9.92 23.56
N LEU C 91 21.68 10.30 23.19
CA LEU C 91 20.61 9.33 23.00
C LEU C 91 19.59 9.87 22.00
N ASN C 92 18.83 8.94 21.42
CA ASN C 92 17.67 9.25 20.59
C ASN C 92 16.91 7.93 20.39
N HIS C 93 15.81 8.02 19.64
CA HIS C 93 14.96 6.88 19.28
C HIS C 93 14.46 6.11 20.51
N LEU C 94 13.56 6.75 21.24
CA LEU C 94 12.93 6.17 22.41
C LEU C 94 11.81 5.22 21.98
N VAL C 95 11.84 4.00 22.50
CA VAL C 95 10.78 3.03 22.21
C VAL C 95 10.27 2.48 23.53
N LEU C 96 9.00 2.70 23.80
CA LEU C 96 8.40 2.20 25.02
C LEU C 96 7.72 0.88 24.67
N SER C 97 8.13 -0.21 25.33
CA SER C 97 7.50 -1.51 25.09
C SER C 97 6.48 -1.74 26.19
N LEU C 98 5.44 -2.50 25.88
CA LEU C 98 4.31 -2.67 26.79
C LEU C 98 3.80 -4.10 26.77
N GLU C 99 3.84 -4.76 27.92
CA GLU C 99 3.37 -6.14 28.06
C GLU C 99 1.92 -6.11 28.48
N LEU C 100 1.04 -6.55 27.61
CA LEU C 100 -0.40 -6.65 27.80
C LEU C 100 -0.77 -8.01 28.42
N PRO C 101 -1.68 -8.04 29.38
CA PRO C 101 -1.94 -9.27 30.13
C PRO C 101 -2.77 -10.26 29.33
N GLU C 102 -2.85 -11.49 29.84
CA GLU C 102 -3.84 -12.41 29.31
C GLU C 102 -5.19 -11.97 29.86
N VAL C 103 -6.20 -11.99 28.99
CA VAL C 103 -7.54 -11.54 29.34
C VAL C 103 -8.44 -12.76 29.28
N LYS C 104 -8.85 -13.23 30.46
CA LYS C 104 -9.73 -14.39 30.56
C LYS C 104 -11.04 -13.98 31.21
N GLY C 105 -12.10 -14.63 30.77
CA GLY C 105 -13.42 -14.41 31.31
C GLY C 105 -14.45 -14.45 30.21
N MET C 106 -15.59 -13.85 30.50
CA MET C 106 -16.73 -13.82 29.59
C MET C 106 -17.01 -12.40 29.09
N GLY C 107 -17.59 -12.34 27.90
CA GLY C 107 -17.94 -11.09 27.26
C GLY C 107 -17.17 -10.90 25.97
N ARG C 108 -17.48 -9.82 25.29
N ARG C 108 -17.50 -9.83 25.27
CA ARG C 108 -16.70 -9.43 24.13
CA ARG C 108 -16.71 -9.41 24.13
C ARG C 108 -15.68 -8.37 24.53
C ARG C 108 -15.66 -8.40 24.59
N PHE C 109 -14.49 -8.45 23.94
CA PHE C 109 -13.38 -7.57 24.31
C PHE C 109 -12.35 -7.59 23.19
N GLY C 110 -11.74 -6.42 22.96
CA GLY C 110 -10.69 -6.23 21.97
C GLY C 110 -9.99 -4.94 22.31
N TYR C 111 -8.90 -4.67 21.59
CA TYR C 111 -8.08 -3.48 21.79
C TYR C 111 -8.30 -2.46 20.68
N VAL C 112 -8.26 -1.18 21.03
CA VAL C 112 -8.35 -0.15 20.02
C VAL C 112 -7.18 -0.33 19.07
N PRO C 113 -7.31 0.03 17.79
CA PRO C 113 -6.16 -0.02 16.88
C PRO C 113 -5.03 0.80 17.43
N TYR C 114 -3.80 0.38 17.14
CA TYR C 114 -2.62 1.11 17.57
C TYR C 114 -2.66 1.34 19.08
N VAL C 115 -2.99 0.26 19.79
CA VAL C 115 -3.21 0.34 21.23
C VAL C 115 -2.03 1.00 21.94
N GLY C 116 -0.81 0.64 21.56
CA GLY C 116 0.34 1.20 22.24
C GLY C 116 0.32 2.73 22.29
N TYR C 117 0.02 3.36 21.16
CA TYR C 117 0.02 4.83 21.15
C TYR C 117 -1.13 5.36 21.97
N LYS C 118 -2.25 4.65 22.02
CA LYS C 118 -3.40 5.14 22.75
C LYS C 118 -3.27 4.99 24.26
N CYS C 119 -2.24 4.28 24.74
CA CYS C 119 -2.00 4.16 26.18
C CYS C 119 -1.44 5.41 26.79
N ILE C 120 -0.87 6.28 25.97
CA ILE C 120 0.00 7.34 26.44
C ILE C 120 -0.83 8.61 26.55
N ASN C 121 -0.88 9.19 27.75
CA ASN C 121 -1.52 10.49 27.88
C ASN C 121 -0.51 11.62 27.77
N HIS C 122 0.73 11.37 28.18
CA HIS C 122 1.75 12.40 28.17
C HIS C 122 3.10 11.72 28.22
N VAL C 123 4.08 12.35 27.58
CA VAL C 123 5.49 12.00 27.71
C VAL C 123 6.25 13.29 27.93
N SER C 124 7.18 13.27 28.87
CA SER C 124 8.04 14.41 29.13
C SER C 124 9.47 13.91 29.26
N ILE C 125 10.40 14.63 28.63
CA ILE C 125 11.83 14.36 28.76
C ILE C 125 12.42 15.52 29.54
N SER C 126 12.99 15.22 30.71
CA SER C 126 13.42 16.27 31.63
C SER C 126 14.79 15.94 32.20
N SER C 127 15.50 17.00 32.58
CA SER C 127 16.81 16.95 33.20
C SER C 127 16.74 17.63 34.55
N CYS C 128 17.88 17.69 35.24
CA CYS C 128 17.88 18.38 36.51
C CYS C 128 17.60 19.87 36.34
N ASN C 129 17.81 20.41 35.15
CA ASN C 129 17.42 21.79 34.86
C ASN C 129 15.95 21.92 34.48
N GLY C 130 15.21 20.82 34.41
CA GLY C 130 13.80 20.89 34.07
C GLY C 130 13.42 20.19 32.78
N VAL C 131 12.27 20.57 32.21
CA VAL C 131 11.78 19.88 31.01
C VAL C 131 12.63 20.26 29.82
N ILE C 132 12.99 19.27 29.01
CA ILE C 132 13.70 19.50 27.75
C ILE C 132 12.74 19.49 26.58
N TRP C 133 11.72 18.64 26.67
CA TRP C 133 10.70 18.42 25.66
C TRP C 133 9.62 17.60 26.33
N GLU C 134 8.36 17.85 25.95
CA GLU C 134 7.24 17.04 26.40
C GLU C 134 6.17 17.11 25.32
N ILE C 135 5.34 16.07 25.25
CA ILE C 135 4.29 16.02 24.23
C ILE C 135 3.05 15.38 24.81
N GLU C 136 1.89 15.75 24.28
CA GLU C 136 0.68 15.07 24.67
C GLU C 136 0.54 13.82 23.83
N GLY C 137 -0.10 12.80 24.42
CA GLY C 137 -0.20 11.50 23.77
C GLY C 137 -0.82 11.57 22.39
N GLU C 138 -1.92 12.33 22.23
CA GLU C 138 -2.53 12.41 20.91
C GLU C 138 -1.63 13.13 19.90
N GLU C 139 -0.76 14.00 20.36
CA GLU C 139 0.09 14.63 19.37
C GLU C 139 1.25 13.73 18.98
N LEU C 140 1.81 12.96 19.94
CA LEU C 140 2.75 11.91 19.57
C LEU C 140 2.15 10.97 18.55
N TYR C 141 0.89 10.57 18.76
CA TYR C 141 0.20 9.74 17.79
C TYR C 141 0.11 10.44 16.46
N ASN C 142 -0.28 11.73 16.48
CA ASN C 142 -0.37 12.53 15.27
C ASN C 142 0.97 12.63 14.53
N ASN C 143 2.08 12.74 15.27
CA ASN C 143 3.36 12.79 14.59
C ASN C 143 3.76 11.45 14.00
N CYS C 144 3.31 10.35 14.58
CA CYS C 144 3.71 9.04 14.07
C CYS C 144 2.64 8.41 13.22
N ILE C 145 1.65 9.19 12.79
CA ILE C 145 0.51 8.57 12.15
C ILE C 145 0.84 8.19 10.72
N ASN C 146 1.90 8.77 10.14
CA ASN C 146 2.39 8.36 8.84
C ASN C 146 3.49 7.32 8.89
N ASN C 147 3.98 6.95 10.08
CA ASN C 147 4.95 5.86 10.24
C ASN C 147 4.23 4.52 10.32
N THR C 148 4.11 3.85 9.18
CA THR C 148 3.31 2.65 9.16
C THR C 148 3.95 1.54 9.99
N ILE C 149 5.28 1.46 9.96
CA ILE C 149 5.93 0.41 10.72
C ILE C 149 5.82 0.71 12.22
N ALA C 150 6.02 1.99 12.59
CA ALA C 150 5.83 2.40 13.98
C ALA C 150 4.41 2.11 14.46
N LEU C 151 3.44 2.31 13.57
CA LEU C 151 2.05 2.07 13.95
C LEU C 151 1.80 0.59 14.15
N LYS C 152 2.29 -0.25 13.21
CA LYS C 152 2.14 -1.70 13.34
C LYS C 152 2.76 -2.19 14.63
N HIS C 153 3.96 -1.69 14.98
CA HIS C 153 4.61 -2.12 16.22
C HIS C 153 3.80 -1.78 17.46
N SER C 154 2.99 -0.73 17.42
CA SER C 154 2.28 -0.33 18.62
C SER C 154 1.09 -1.21 18.92
N GLY C 155 0.70 -2.07 17.97
CA GLY C 155 -0.41 -2.96 18.22
C GLY C 155 -1.49 -2.85 17.18
N TYR C 156 -1.31 -3.55 16.06
CA TYR C 156 -2.29 -3.55 14.98
C TYR C 156 -2.32 -4.93 14.33
N SER C 157 -3.26 -5.76 14.77
CA SER C 157 -3.36 -7.15 14.35
C SER C 157 -4.77 -7.60 14.58
N SER C 158 -5.15 -8.68 13.93
CA SER C 158 -6.46 -9.21 14.29
C SER C 158 -6.42 -9.90 15.64
N GLU C 159 -5.25 -10.33 16.08
CA GLU C 159 -5.18 -10.91 17.42
C GLU C 159 -5.50 -9.86 18.47
N LEU C 160 -5.14 -8.61 18.23
CA LEU C 160 -5.32 -7.54 19.19
C LEU C 160 -6.63 -6.79 19.03
N ASN C 161 -7.01 -6.47 17.79
CA ASN C 161 -8.02 -5.46 17.52
C ASN C 161 -9.34 -6.01 17.03
N ASP C 162 -9.47 -7.31 16.83
CA ASP C 162 -10.74 -7.93 16.53
C ASP C 162 -11.47 -8.14 17.84
N ILE C 163 -12.79 -7.98 17.83
CA ILE C 163 -13.57 -8.14 19.08
C ILE C 163 -13.75 -9.63 19.33
N SER C 164 -12.98 -10.16 20.26
CA SER C 164 -13.06 -11.56 20.65
C SER C 164 -14.16 -11.73 21.68
N ILE C 165 -14.64 -12.97 21.83
CA ILE C 165 -15.69 -13.29 22.79
C ILE C 165 -15.29 -14.49 23.63
N GLY C 166 -15.37 -14.34 24.95
CA GLY C 166 -15.10 -15.41 25.89
C GLY C 166 -16.42 -15.93 26.44
N LEU C 167 -16.50 -17.26 26.60
CA LEU C 167 -17.75 -17.97 26.88
C LEU C 167 -17.86 -18.54 28.28
N THR C 168 -16.75 -18.86 28.90
CA THR C 168 -16.80 -19.36 30.25
C THR C 168 -16.05 -18.36 31.09
N PRO C 169 -16.36 -18.24 32.38
CA PRO C 169 -15.59 -17.31 33.22
C PRO C 169 -14.09 -17.62 33.27
N ASN C 170 -13.67 -18.76 32.75
CA ASN C 170 -12.24 -19.08 32.71
C ASN C 170 -11.75 -19.30 31.29
N ASP C 171 -12.53 -18.85 30.31
CA ASP C 171 -12.15 -18.86 28.90
C ASP C 171 -11.21 -17.69 28.61
N THR C 172 -10.24 -17.93 27.72
CA THR C 172 -9.25 -16.92 27.35
C THR C 172 -9.74 -16.10 26.17
N ILE C 173 -9.91 -14.79 26.39
CA ILE C 173 -10.38 -13.91 25.32
C ILE C 173 -9.24 -13.43 24.44
N LYS C 174 -8.20 -12.88 25.06
CA LYS C 174 -7.02 -12.41 24.34
C LYS C 174 -5.78 -12.98 25.02
N GLU C 175 -4.81 -13.37 24.22
CA GLU C 175 -3.60 -13.90 24.80
C GLU C 175 -2.68 -12.76 25.19
N PRO C 176 -1.76 -13.01 26.13
CA PRO C 176 -0.79 -11.98 26.52
C PRO C 176 0.05 -11.57 25.33
N SER C 177 0.53 -10.33 25.36
CA SER C 177 1.19 -9.82 24.17
C SER C 177 2.04 -8.61 24.54
N THR C 178 3.07 -8.33 23.75
CA THR C 178 3.88 -7.14 23.94
C THR C 178 3.82 -6.22 22.73
N VAL C 179 3.62 -4.92 22.98
CA VAL C 179 3.56 -3.91 21.93
C VAL C 179 4.67 -2.91 22.16
N TYR C 180 5.07 -2.24 21.07
CA TYR C 180 6.19 -1.30 21.09
C TYR C 180 5.76 0.07 20.57
N VAL C 181 5.97 1.10 21.37
CA VAL C 181 5.53 2.46 21.03
C VAL C 181 6.76 3.32 20.75
N TYR C 182 6.88 3.82 19.52
CA TYR C 182 8.02 4.64 19.15
C TYR C 182 7.76 6.07 19.61
N ILE C 183 8.45 6.50 20.68
CA ILE C 183 8.33 7.88 21.15
C ILE C 183 9.19 8.75 20.25
N LYS C 184 8.64 9.14 19.11
CA LYS C 184 9.31 10.05 18.20
C LYS C 184 9.58 11.37 18.92
N THR C 185 10.82 11.82 18.86
CA THR C 185 11.23 13.09 19.43
C THR C 185 12.05 13.82 18.40
N PRO C 186 12.19 15.14 18.55
CA PRO C 186 13.00 15.89 17.58
C PRO C 186 14.45 15.47 17.58
N PHE C 187 14.86 14.59 18.49
CA PHE C 187 16.25 14.14 18.54
C PHE C 187 16.52 13.00 17.57
N ASP C 188 15.52 12.56 16.84
CA ASP C 188 15.67 11.47 15.89
C ASP C 188 15.79 11.98 14.47
N VAL C 189 15.59 13.29 14.27
CA VAL C 189 15.39 13.84 12.93
C VAL C 189 16.59 13.59 12.04
N GLU C 190 17.78 13.91 12.53
CA GLU C 190 19.01 13.66 11.78
C GLU C 190 19.95 12.80 12.63
N ASP C 191 19.38 11.81 13.31
CA ASP C 191 20.15 10.75 13.95
C ASP C 191 21.20 11.37 14.85
N THR C 192 22.47 10.98 14.72
CA THR C 192 23.50 11.46 15.64
C THR C 192 23.55 12.97 15.72
N PHE C 193 23.30 13.65 14.61
CA PHE C 193 23.39 15.11 14.61
C PHE C 193 22.37 15.75 15.55
N SER C 194 21.14 15.24 15.54
CA SER C 194 20.08 15.80 16.37
C SER C 194 19.94 15.08 17.71
N SER C 195 20.82 14.13 18.02
CA SER C 195 20.71 13.35 19.25
C SER C 195 20.71 14.24 20.49
N LEU C 196 20.03 13.79 21.54
CA LEU C 196 20.03 14.50 22.82
C LEU C 196 21.37 14.28 23.52
N LYS C 197 22.13 15.36 23.69
CA LYS C 197 23.40 15.28 24.43
C LYS C 197 23.18 15.39 25.93
N LEU C 198 23.78 14.47 26.71
CA LEU C 198 23.54 14.45 28.14
C LEU C 198 24.77 14.14 28.98
N SER C 199 25.97 14.22 28.42
CA SER C 199 27.19 13.89 29.16
C SER C 199 27.22 14.57 30.53
N ASP C 200 27.23 13.75 31.59
CA ASP C 200 27.17 14.26 32.96
C ASP C 200 25.90 15.12 33.15
N SER C 201 24.76 14.55 32.78
CA SER C 201 23.44 15.10 33.08
C SER C 201 22.55 13.90 33.36
N LYS C 202 21.57 14.08 34.23
CA LYS C 202 20.60 13.03 34.53
C LYS C 202 19.28 13.39 33.86
N ILE C 203 18.88 12.60 32.86
CA ILE C 203 17.61 12.85 32.17
C ILE C 203 16.56 11.84 32.64
N THR C 204 15.34 12.30 32.80
CA THR C 204 14.23 11.45 33.23
C THR C 204 13.12 11.49 32.21
N VAL C 205 12.81 10.33 31.66
CA VAL C 205 11.68 10.16 30.76
C VAL C 205 10.49 9.71 31.60
N THR C 206 9.38 10.44 31.50
CA THR C 206 8.17 10.19 32.25
C THR C 206 7.04 9.91 31.28
N VAL C 207 6.28 8.85 31.55
CA VAL C 207 5.13 8.47 30.74
C VAL C 207 3.90 8.45 31.64
N THR C 208 2.90 9.25 31.30
CA THR C 208 1.61 9.18 31.95
C THR C 208 0.70 8.36 31.05
N PHE C 209 -0.05 7.42 31.64
CA PHE C 209 -0.86 6.50 30.87
C PHE C 209 -2.33 6.88 30.96
N ASN C 210 -3.05 6.70 29.85
CA ASN C 210 -4.49 6.87 29.85
C ASN C 210 -5.11 5.75 30.66
N PRO C 211 -6.33 5.95 31.15
CA PRO C 211 -7.07 4.85 31.78
C PRO C 211 -7.29 3.71 30.80
N VAL C 212 -7.16 2.47 31.30
CA VAL C 212 -7.25 1.33 30.38
C VAL C 212 -8.60 1.34 29.68
N SER C 213 -9.59 2.01 30.27
CA SER C 213 -10.87 2.18 29.60
C SER C 213 -10.76 2.75 28.20
N ASP C 214 -9.77 3.59 27.94
CA ASP C 214 -9.65 4.19 26.62
C ASP C 214 -9.23 3.17 25.56
N ILE C 215 -8.34 2.25 25.91
CA ILE C 215 -7.70 1.34 24.94
C ILE C 215 -8.46 0.04 24.78
N VAL C 216 -9.63 -0.05 25.39
CA VAL C 216 -10.41 -1.28 25.38
C VAL C 216 -11.79 -1.03 24.77
N ILE C 217 -12.23 -1.95 23.91
CA ILE C 217 -13.57 -1.98 23.36
C ILE C 217 -14.23 -3.23 23.90
N ARG C 218 -15.35 -3.07 24.61
N ARG C 218 -15.34 -3.06 24.63
CA ARG C 218 -15.91 -4.19 25.35
CA ARG C 218 -15.90 -4.17 25.39
C ARG C 218 -17.43 -4.17 25.32
C ARG C 218 -17.43 -4.16 25.36
N ASP C 219 -17.98 -5.32 25.68
CA ASP C 219 -19.40 -5.62 25.79
C ASP C 219 -19.93 -5.15 27.15
N SER C 220 -21.22 -5.36 27.41
CA SER C 220 -21.71 -5.13 28.77
C SER C 220 -21.39 -6.33 29.65
N SER C 221 -21.46 -7.53 29.04
CA SER C 221 -21.20 -8.78 29.74
C SER C 221 -19.77 -8.86 30.24
N PHE C 222 -18.85 -8.15 29.59
CA PHE C 222 -17.47 -8.16 30.05
C PHE C 222 -17.42 -7.51 31.44
N ASP C 223 -16.65 -8.13 32.35
CA ASP C 223 -16.46 -7.55 33.68
C ASP C 223 -15.37 -6.50 33.61
N PHE C 224 -15.76 -5.31 33.15
CA PHE C 224 -14.75 -4.26 33.11
C PHE C 224 -14.34 -3.86 34.52
N GLU C 225 -15.28 -3.95 35.47
CA GLU C 225 -15.00 -3.58 36.84
C GLU C 225 -13.80 -4.35 37.40
N THR C 226 -13.82 -5.67 37.21
CA THR C 226 -12.67 -6.48 37.59
C THR C 226 -11.46 -6.17 36.72
N PHE C 227 -11.66 -6.13 35.40
CA PHE C 227 -10.56 -5.85 34.50
C PHE C 227 -9.83 -4.58 34.88
N ASN C 228 -10.59 -3.49 35.03
CA ASN C 228 -9.97 -2.23 35.38
C ASN C 228 -9.18 -2.40 36.67
N LYS C 229 -9.74 -3.16 37.60
CA LYS C 229 -9.14 -3.39 38.90
C LYS C 229 -7.81 -4.14 38.77
N GLU C 230 -7.83 -5.26 38.06
CA GLU C 230 -6.65 -6.10 37.97
C GLU C 230 -5.60 -5.60 36.95
N PHE C 231 -5.97 -4.77 35.98
CA PHE C 231 -5.02 -4.41 34.94
C PHE C 231 -4.03 -3.36 35.45
N VAL C 232 -2.74 -3.58 35.13
CA VAL C 232 -1.68 -2.60 35.33
C VAL C 232 -0.85 -2.49 34.06
N TYR C 233 -0.32 -1.30 33.85
CA TYR C 233 0.62 -1.04 32.78
C TYR C 233 1.99 -1.60 33.17
N VAL C 234 2.59 -2.37 32.27
CA VAL C 234 3.91 -2.93 32.54
C VAL C 234 4.87 -2.43 31.48
N PRO C 235 5.52 -1.28 31.70
CA PRO C 235 6.33 -0.67 30.63
C PRO C 235 7.83 -0.89 30.77
N GLU C 236 8.55 -0.65 29.67
CA GLU C 236 10.01 -0.69 29.69
C GLU C 236 10.50 0.24 28.58
N LEU C 237 11.44 1.14 28.91
CA LEU C 237 11.93 2.15 27.96
C LEU C 237 13.30 1.75 27.40
N SER C 238 13.39 1.70 26.07
CA SER C 238 14.65 1.51 25.37
C SER C 238 15.00 2.79 24.61
N PHE C 239 16.27 2.89 24.26
CA PHE C 239 16.75 4.01 23.48
C PHE C 239 18.06 3.58 22.83
N ILE C 240 18.45 4.31 21.79
CA ILE C 240 19.79 4.16 21.24
C ILE C 240 20.68 5.14 22.00
N GLY C 241 21.61 4.61 22.77
CA GLY C 241 22.58 5.43 23.46
C GLY C 241 23.89 5.42 22.69
N TYR C 242 24.62 6.53 22.78
CA TYR C 242 25.90 6.72 22.11
C TYR C 242 26.95 7.07 23.15
N MET C 243 28.04 6.30 23.17
CA MET C 243 29.24 6.66 23.91
C MET C 243 30.17 7.36 22.92
N VAL C 244 30.38 8.65 23.11
CA VAL C 244 31.11 9.47 22.15
C VAL C 244 32.44 9.87 22.76
N LYS C 245 33.53 9.73 22.00
CA LYS C 245 34.85 10.17 22.45
C LYS C 245 35.10 11.60 22.01
N ASN C 246 35.43 12.46 22.99
CA ASN C 246 35.72 13.89 22.78
C ASN C 246 34.60 14.58 22.02
N VAL C 247 33.38 14.47 22.56
CA VAL C 247 32.22 15.03 21.88
C VAL C 247 32.34 16.56 21.83
N GLN C 248 31.99 17.14 20.68
CA GLN C 248 31.97 18.59 20.54
C GLN C 248 30.52 19.05 20.51
N ILE C 249 30.03 19.54 21.64
CA ILE C 249 28.63 19.94 21.72
C ILE C 249 28.50 21.39 21.25
N LYS C 250 27.52 21.62 20.37
CA LYS C 250 27.04 22.90 19.87
C LYS C 250 25.55 22.98 20.15
N PRO C 251 24.98 24.19 20.28
CA PRO C 251 23.55 24.30 20.57
C PRO C 251 22.69 23.93 19.38
N SER C 252 21.42 23.66 19.67
CA SER C 252 20.51 23.33 18.61
C SER C 252 19.18 24.03 18.84
N PHE C 253 18.20 23.69 18.01
CA PHE C 253 16.88 24.25 18.07
C PHE C 253 15.90 23.09 18.16
N ILE C 254 14.72 23.36 18.72
CA ILE C 254 13.80 22.26 18.96
C ILE C 254 12.38 22.81 18.82
N GLU C 255 11.49 21.99 18.26
CA GLU C 255 10.08 22.35 18.15
C GLU C 255 9.26 21.52 19.15
N LYS C 256 8.42 22.19 19.93
CA LYS C 256 7.58 21.53 20.92
C LYS C 256 6.12 21.83 20.64
N PRO C 257 5.29 20.84 20.30
CA PRO C 257 3.88 21.14 19.99
C PRO C 257 3.11 21.37 21.29
N ARG C 258 2.49 22.54 21.40
CA ARG C 258 1.71 22.96 22.54
C ARG C 258 0.26 22.92 22.09
N ARG C 259 -0.60 22.29 22.86
CA ARG C 259 -1.95 22.04 22.40
C ARG C 259 -2.96 22.77 23.26
N VAL C 260 -3.95 23.35 22.62
CA VAL C 260 -5.05 24.08 23.27
C VAL C 260 -6.35 23.49 22.78
N ILE C 261 -7.22 23.10 23.71
CA ILE C 261 -8.56 22.64 23.35
C ILE C 261 -9.58 23.68 23.80
N GLY C 262 -10.50 24.00 22.91
CA GLY C 262 -11.50 24.98 23.21
C GLY C 262 -12.62 24.37 23.99
N GLN C 263 -13.55 25.21 24.42
CA GLN C 263 -14.71 24.72 25.17
C GLN C 263 -15.63 23.91 24.26
N ILE C 264 -16.42 23.04 24.90
CA ILE C 264 -17.36 22.20 24.17
C ILE C 264 -18.34 23.07 23.40
N ASN C 265 -18.47 22.78 22.12
CA ASN C 265 -19.38 23.45 21.19
C ASN C 265 -19.06 24.92 20.99
N GLN C 266 -17.94 25.42 21.57
CA GLN C 266 -17.44 26.75 21.23
C GLN C 266 -16.51 26.65 20.02
N PRO C 267 -16.72 27.43 18.96
CA PRO C 267 -15.93 27.25 17.74
C PRO C 267 -14.69 28.11 17.64
N THR C 268 -14.04 28.36 18.78
CA THR C 268 -12.81 29.12 18.80
C THR C 268 -11.89 28.57 19.88
N ALA C 269 -10.60 28.82 19.69
CA ALA C 269 -9.60 28.53 20.70
C ALA C 269 -8.44 29.47 20.47
N THR C 270 -7.74 29.80 21.57
CA THR C 270 -6.65 30.76 21.54
C THR C 270 -5.40 30.17 22.21
N VAL C 271 -4.26 30.40 21.57
CA VAL C 271 -2.95 29.98 22.07
C VAL C 271 -2.21 31.25 22.46
N THR C 272 -1.82 31.36 23.72
CA THR C 272 -1.17 32.57 24.20
C THR C 272 0.34 32.44 24.10
N GLU C 273 1.01 33.57 24.28
CA GLU C 273 2.48 33.59 24.40
C GLU C 273 3.16 32.94 23.21
N VAL C 274 2.72 33.33 22.02
CA VAL C 274 3.27 32.80 20.78
C VAL C 274 4.27 33.81 20.26
N HIS C 275 5.56 33.49 20.40
CA HIS C 275 6.63 34.39 19.96
C HIS C 275 7.46 33.86 18.81
N ALA C 276 7.50 32.54 18.61
CA ALA C 276 8.30 31.95 17.54
C ALA C 276 7.74 30.60 17.15
N ALA C 277 6.69 30.59 16.35
CA ALA C 277 5.98 29.38 16.02
C ALA C 277 6.39 28.90 14.64
N THR C 278 6.62 27.58 14.50
CA THR C 278 6.99 27.03 13.21
C THR C 278 5.78 26.60 12.41
N SER C 279 4.71 26.18 13.08
CA SER C 279 3.53 25.75 12.36
C SER C 279 2.35 25.86 13.31
N LEU C 280 1.16 25.72 12.74
CA LEU C 280 -0.07 25.74 13.51
C LEU C 280 -1.06 24.80 12.86
N SER C 281 -1.57 23.81 13.59
CA SER C 281 -2.53 22.88 13.02
C SER C 281 -3.84 23.07 13.75
N VAL C 282 -4.94 22.86 13.03
CA VAL C 282 -6.28 22.99 13.59
C VAL C 282 -7.05 21.74 13.23
N TYR C 283 -7.76 21.18 14.21
CA TYR C 283 -8.68 20.09 13.93
C TYR C 283 -9.79 20.06 14.97
N THR C 284 -10.80 19.26 14.68
CA THR C 284 -11.95 19.11 15.54
C THR C 284 -11.91 17.72 16.12
N LYS C 285 -12.40 17.60 17.32
CA LYS C 285 -12.56 16.30 17.94
C LYS C 285 -13.94 16.21 18.57
N PRO C 286 -14.52 15.01 18.61
CA PRO C 286 -15.82 14.83 19.26
C PRO C 286 -15.73 14.71 20.77
N TYR C 287 -16.81 15.12 21.42
CA TYR C 287 -16.97 15.00 22.85
C TYR C 287 -18.15 14.09 23.11
N TYR C 288 -17.86 12.89 23.64
CA TYR C 288 -18.85 11.86 23.89
C TYR C 288 -19.23 11.75 25.37
N GLY C 289 -19.11 12.85 26.13
CA GLY C 289 -19.44 12.84 27.54
C GLY C 289 -20.92 12.86 27.85
N ASN C 290 -21.73 13.38 26.92
CA ASN C 290 -23.18 13.41 27.02
C ASN C 290 -23.79 12.06 26.67
N THR C 291 -22.96 11.05 26.43
CA THR C 291 -23.38 9.72 26.02
C THR C 291 -22.75 8.70 26.94
N ASP C 292 -23.19 7.46 26.77
CA ASP C 292 -22.63 6.30 27.46
C ASP C 292 -21.42 5.73 26.72
N ASN C 293 -20.98 6.34 25.61
CA ASN C 293 -19.86 5.88 24.81
C ASN C 293 -20.11 4.50 24.21
N LYS C 294 -21.37 4.20 23.92
CA LYS C 294 -21.77 2.91 23.41
C LYS C 294 -22.23 3.06 21.96
N PHE C 295 -21.81 2.14 21.10
CA PHE C 295 -22.13 2.19 19.69
C PHE C 295 -22.62 0.82 19.24
N ILE C 296 -23.45 0.80 18.18
CA ILE C 296 -24.12 -0.44 17.79
C ILE C 296 -23.14 -1.45 17.20
N SER C 297 -22.21 -1.01 16.35
CA SER C 297 -21.36 -1.92 15.60
C SER C 297 -19.92 -1.41 15.61
N TYR C 298 -18.97 -2.36 15.47
CA TYR C 298 -17.52 -2.09 15.30
C TYR C 298 -16.85 -3.15 14.42
N PRO C 299 -16.08 -2.77 13.38
CA PRO C 299 -15.62 -3.76 12.39
C PRO C 299 -14.48 -4.69 12.83
N GLY C 300 -13.66 -4.26 13.80
CA GLY C 300 -12.55 -5.05 14.28
C GLY C 300 -11.22 -4.56 13.76
N TYR C 301 -10.34 -5.49 13.38
CA TYR C 301 -9.05 -5.13 12.81
C TYR C 301 -9.23 -4.39 11.48
N SER C 302 -10.23 -4.79 10.69
CA SER C 302 -10.47 -4.21 9.37
C SER C 302 -11.02 -2.79 9.50
N GLN C 303 -10.19 -1.79 9.22
CA GLN C 303 -10.55 -0.42 9.55
C GLN C 303 -10.87 0.43 8.33
N ASP C 304 -11.19 -0.17 7.20
CA ASP C 304 -11.57 0.66 6.05
C ASP C 304 -12.98 1.20 6.25
N GLU C 305 -13.23 2.38 5.66
CA GLU C 305 -14.58 2.91 5.72
C GLU C 305 -15.61 1.85 5.33
N LYS C 306 -15.35 1.08 4.27
CA LYS C 306 -16.29 0.04 3.87
C LYS C 306 -16.49 -0.99 4.96
N ASP C 307 -15.42 -1.29 5.70
CA ASP C 307 -15.48 -2.27 6.77
C ASP C 307 -16.36 -1.78 7.90
N TYR C 308 -16.19 -0.51 8.25
CA TYR C 308 -17.03 0.11 9.27
C TYR C 308 -18.49 0.06 8.86
N ILE C 309 -18.77 0.34 7.59
CA ILE C 309 -20.14 0.31 7.09
C ILE C 309 -20.70 -1.11 7.09
N ASP C 310 -19.93 -2.06 6.56
CA ASP C 310 -20.42 -3.42 6.41
C ASP C 310 -20.72 -4.06 7.77
N ALA C 311 -19.90 -3.78 8.77
CA ALA C 311 -20.16 -4.29 10.12
C ALA C 311 -21.47 -3.76 10.67
N TYR C 312 -21.71 -2.45 10.48
CA TYR C 312 -22.96 -1.82 10.84
C TYR C 312 -24.16 -2.48 10.14
N VAL C 313 -24.09 -2.62 8.82
CA VAL C 313 -25.19 -3.25 8.10
C VAL C 313 -25.46 -4.64 8.67
N SER C 314 -24.39 -5.39 8.97
CA SER C 314 -24.54 -6.74 9.50
C SER C 314 -25.30 -6.74 10.83
N ARG C 315 -24.99 -5.80 11.72
CA ARG C 315 -25.66 -5.76 13.01
C ARG C 315 -27.12 -5.34 12.84
N LEU C 316 -27.38 -4.43 11.90
CA LEU C 316 -28.75 -4.02 11.66
C LEU C 316 -29.54 -5.14 11.01
N LEU C 317 -28.93 -5.88 10.08
CA LEU C 317 -29.69 -6.87 9.33
C LEU C 317 -30.32 -7.92 10.22
N ASP C 318 -29.79 -8.12 11.43
CA ASP C 318 -30.40 -9.07 12.38
C ASP C 318 -31.87 -8.79 12.61
N ASP C 319 -32.21 -7.52 12.77
CA ASP C 319 -33.58 -7.10 13.05
C ASP C 319 -34.28 -6.53 11.83
N LEU C 320 -33.53 -6.11 10.80
CA LEU C 320 -34.17 -5.42 9.68
C LEU C 320 -35.11 -6.35 8.91
N VAL C 321 -34.70 -7.58 8.67
CA VAL C 321 -35.50 -8.56 7.96
C VAL C 321 -35.70 -9.75 8.88
N ILE C 322 -36.95 -10.10 9.13
CA ILE C 322 -37.29 -11.20 10.02
C ILE C 322 -38.08 -12.25 9.23
N VAL C 323 -37.76 -13.52 9.45
CA VAL C 323 -38.55 -14.63 8.90
C VAL C 323 -39.22 -15.31 10.10
N SER C 324 -40.55 -15.21 10.19
CA SER C 324 -41.19 -15.90 11.29
C SER C 324 -42.57 -16.38 10.89
N ASP C 325 -43.08 -17.30 11.71
CA ASP C 325 -44.45 -17.76 11.67
C ASP C 325 -45.27 -16.75 12.46
N GLY C 326 -46.04 -15.94 11.76
CA GLY C 326 -46.81 -14.88 12.38
C GLY C 326 -45.96 -13.67 12.71
N PRO C 327 -46.61 -12.55 13.01
CA PRO C 327 -45.89 -11.31 13.30
C PRO C 327 -44.81 -11.52 14.33
N PRO C 328 -43.62 -10.94 14.09
CA PRO C 328 -42.48 -11.13 14.99
C PRO C 328 -42.74 -10.60 16.39
N THR C 329 -42.07 -11.21 17.37
CA THR C 329 -42.25 -10.83 18.76
C THR C 329 -40.95 -10.32 19.37
N GLY C 330 -41.07 -9.61 20.48
CA GLY C 330 -39.87 -9.23 21.20
C GLY C 330 -39.16 -8.00 20.70
N TYR C 331 -39.89 -7.10 20.07
CA TYR C 331 -39.45 -5.77 19.72
C TYR C 331 -40.25 -4.76 20.51
N PRO C 332 -39.71 -3.57 20.71
CA PRO C 332 -40.50 -2.52 21.38
C PRO C 332 -41.86 -2.34 20.70
N GLU C 333 -42.85 -1.84 21.46
CA GLU C 333 -44.17 -1.59 20.87
C GLU C 333 -44.13 -0.49 19.80
N SER C 334 -43.19 0.45 19.93
CA SER C 334 -42.96 1.49 18.95
C SER C 334 -42.48 0.95 17.61
N ALA C 335 -42.06 -0.32 17.55
CA ALA C 335 -41.61 -0.88 16.30
C ALA C 335 -42.78 -1.01 15.34
N GLU C 336 -42.51 -0.80 14.06
CA GLU C 336 -43.51 -0.97 13.00
C GLU C 336 -42.95 -1.99 12.02
N ILE C 337 -43.03 -3.27 12.39
CA ILE C 337 -42.56 -4.35 11.52
C ILE C 337 -43.71 -4.81 10.64
N VAL C 338 -43.50 -4.74 9.33
CA VAL C 338 -44.54 -4.97 8.32
C VAL C 338 -44.29 -6.26 7.55
N GLU C 339 -45.37 -6.95 7.18
CA GLU C 339 -45.19 -8.12 6.34
C GLU C 339 -44.92 -7.70 4.89
N VAL C 340 -43.94 -8.33 4.27
CA VAL C 340 -43.56 -7.93 2.91
C VAL C 340 -44.61 -8.45 1.94
N PRO C 341 -45.14 -7.60 1.07
CA PRO C 341 -46.15 -8.04 0.09
C PRO C 341 -45.56 -9.00 -0.95
N GLU C 342 -46.48 -9.59 -1.72
CA GLU C 342 -46.08 -10.56 -2.74
C GLU C 342 -45.20 -9.92 -3.82
N ASP C 343 -45.33 -8.61 -4.03
CA ASP C 343 -44.43 -7.89 -4.92
CA ASP C 343 -44.41 -7.92 -4.94
C ASP C 343 -43.02 -7.79 -4.34
N GLY C 344 -42.85 -8.04 -3.04
CA GLY C 344 -41.57 -7.89 -2.39
C GLY C 344 -41.22 -6.48 -1.99
N ILE C 345 -42.05 -5.48 -2.31
CA ILE C 345 -41.74 -4.07 -2.06
C ILE C 345 -42.58 -3.57 -0.91
N VAL C 346 -41.90 -3.07 0.12
CA VAL C 346 -42.50 -2.31 1.21
C VAL C 346 -42.19 -0.86 0.95
N SER C 347 -43.21 -0.01 1.05
CA SER C 347 -43.05 1.43 0.86
C SER C 347 -43.09 2.10 2.22
N ILE C 348 -41.95 2.64 2.65
CA ILE C 348 -41.88 3.48 3.82
C ILE C 348 -41.86 4.91 3.28
N GLN C 349 -43.02 5.54 3.22
CA GLN C 349 -43.16 6.87 2.59
C GLN C 349 -42.67 6.75 1.14
N ASP C 350 -41.93 7.73 0.63
CA ASP C 350 -41.40 7.68 -0.73
C ASP C 350 -40.37 6.57 -0.93
N ALA C 351 -39.91 5.91 0.13
CA ALA C 351 -38.81 4.97 0.05
C ALA C 351 -39.37 3.57 -0.16
N ASP C 352 -38.85 2.88 -1.17
CA ASP C 352 -39.28 1.52 -1.48
C ASP C 352 -38.17 0.56 -1.13
N VAL C 353 -38.53 -0.58 -0.53
CA VAL C 353 -37.53 -1.54 -0.08
C VAL C 353 -37.91 -2.90 -0.63
N TYR C 354 -37.04 -3.46 -1.47
CA TYR C 354 -37.24 -4.76 -2.08
C TYR C 354 -36.63 -5.83 -1.20
N VAL C 355 -37.46 -6.73 -0.70
CA VAL C 355 -37.02 -7.81 0.17
C VAL C 355 -37.46 -9.12 -0.47
N LYS C 356 -36.50 -10.00 -0.77
CA LYS C 356 -36.80 -11.31 -1.35
C LYS C 356 -35.89 -12.36 -0.72
N ILE C 357 -36.44 -13.22 0.13
CA ILE C 357 -35.73 -14.34 0.74
C ILE C 357 -36.24 -15.62 0.12
N ASP C 358 -35.33 -16.45 -0.40
CA ASP C 358 -35.75 -17.72 -0.97
C ASP C 358 -35.92 -18.76 0.13
N ASN C 359 -36.70 -19.80 -0.20
CA ASN C 359 -36.86 -20.99 0.62
C ASN C 359 -37.46 -20.66 1.99
N VAL C 360 -38.39 -19.72 2.02
CA VAL C 360 -39.06 -19.44 3.29
C VAL C 360 -40.09 -20.53 3.55
N PRO C 361 -40.15 -21.07 4.76
CA PRO C 361 -41.16 -22.09 5.10
C PRO C 361 -42.57 -21.63 4.73
N ASP C 362 -43.43 -22.61 4.50
CA ASP C 362 -44.80 -22.28 4.12
C ASP C 362 -45.53 -21.60 5.27
N ASN C 363 -45.24 -22.01 6.50
CA ASN C 363 -45.89 -21.44 7.69
C ASN C 363 -45.30 -20.09 8.12
N MET C 364 -44.24 -19.63 7.46
CA MET C 364 -43.58 -18.39 7.79
C MET C 364 -43.71 -17.35 6.67
N SER C 365 -43.47 -16.09 7.05
CA SER C 365 -43.56 -14.96 6.15
C SER C 365 -42.27 -14.15 6.29
N VAL C 366 -42.07 -13.18 5.39
CA VAL C 366 -40.94 -12.27 5.47
C VAL C 366 -41.44 -10.92 5.97
N TYR C 367 -40.85 -10.43 7.07
CA TYR C 367 -41.19 -9.13 7.64
C TYR C 367 -40.01 -8.18 7.52
N LEU C 368 -40.31 -6.88 7.41
CA LEU C 368 -39.32 -5.81 7.39
C LEU C 368 -39.58 -4.85 8.54
N HIS C 369 -38.57 -4.62 9.37
CA HIS C 369 -38.66 -3.59 10.40
C HIS C 369 -38.53 -2.22 9.74
N THR C 370 -39.62 -1.46 9.71
CA THR C 370 -39.68 -0.27 8.87
C THR C 370 -39.21 1.00 9.58
N ASN C 371 -38.86 0.90 10.86
CA ASN C 371 -38.34 2.04 11.58
C ASN C 371 -37.36 1.49 12.63
N LEU C 372 -36.37 0.73 12.16
CA LEU C 372 -35.41 0.13 13.08
C LEU C 372 -34.78 1.17 13.98
N LEU C 373 -34.37 2.28 13.37
CA LEU C 373 -33.84 3.43 14.09
C LEU C 373 -34.44 4.66 13.43
N MET C 374 -35.07 5.50 14.23
CA MET C 374 -35.67 6.73 13.74
C MET C 374 -35.43 7.86 14.73
N PHE C 375 -35.29 9.06 14.17
CA PHE C 375 -35.05 10.26 14.94
C PHE C 375 -35.86 11.41 14.33
N GLY C 376 -36.50 12.19 15.20
CA GLY C 376 -37.25 13.37 14.79
C GLY C 376 -37.42 14.32 15.97
N THR C 377 -37.40 15.62 15.72
CA THR C 377 -37.42 16.54 16.85
C THR C 377 -38.81 17.10 17.14
N ARG C 378 -39.69 17.10 16.15
CA ARG C 378 -41.07 17.50 16.29
C ARG C 378 -41.94 16.46 15.64
N LYS C 379 -43.21 16.42 16.01
CA LYS C 379 -44.09 15.41 15.41
C LYS C 379 -44.33 15.68 13.93
N ASN C 380 -44.19 16.93 13.49
CA ASN C 380 -44.39 17.32 12.09
C ASN C 380 -43.05 17.73 11.44
N SER C 381 -41.97 17.02 11.76
CA SER C 381 -40.66 17.29 11.20
C SER C 381 -40.27 16.26 10.16
N PHE C 382 -39.12 16.52 9.52
CA PHE C 382 -38.42 15.51 8.75
C PHE C 382 -37.97 14.43 9.70
N ILE C 383 -37.91 13.17 9.22
CA ILE C 383 -37.54 12.06 10.08
C ILE C 383 -36.39 11.28 9.47
N TYR C 384 -35.38 10.99 10.30
CA TYR C 384 -34.24 10.16 9.91
C TYR C 384 -34.51 8.71 10.26
N ASN C 385 -34.72 7.88 9.24
CA ASN C 385 -35.14 6.51 9.45
C ASN C 385 -34.13 5.58 8.78
N ILE C 386 -33.41 4.81 9.59
CA ILE C 386 -32.33 4.00 9.04
C ILE C 386 -32.88 2.97 8.05
N SER C 387 -34.13 2.54 8.26
CA SER C 387 -34.70 1.56 7.35
C SER C 387 -34.84 2.14 5.95
N LYS C 388 -35.08 3.43 5.87
CA LYS C 388 -35.24 4.04 4.55
C LYS C 388 -33.93 4.09 3.79
N LYS C 389 -32.79 3.82 4.43
CA LYS C 389 -31.51 3.81 3.73
C LYS C 389 -31.21 2.45 3.09
N PHE C 390 -32.20 1.55 3.05
CA PHE C 390 -32.10 0.26 2.40
C PHE C 390 -33.01 0.22 1.17
N SER C 391 -32.50 -0.28 0.05
CA SER C 391 -33.32 -0.44 -1.15
C SER C 391 -33.59 -1.88 -1.55
N ALA C 392 -32.66 -2.79 -1.29
CA ALA C 392 -32.83 -4.16 -1.75
C ALA C 392 -32.12 -5.10 -0.79
N ILE C 393 -32.84 -6.14 -0.39
CA ILE C 393 -32.34 -7.15 0.54
C ILE C 393 -32.76 -8.50 -0.02
N THR C 394 -31.81 -9.27 -0.48
CA THR C 394 -32.07 -10.60 -0.99
C THR C 394 -31.20 -11.60 -0.24
N GLY C 395 -31.74 -12.81 -0.08
CA GLY C 395 -31.03 -13.86 0.63
C GLY C 395 -31.81 -15.15 0.57
N THR C 396 -31.37 -16.12 1.38
CA THR C 396 -31.96 -17.45 1.38
C THR C 396 -32.12 -17.98 2.80
N TYR C 397 -33.31 -18.54 3.09
CA TYR C 397 -33.56 -19.15 4.39
C TYR C 397 -32.95 -20.54 4.47
N SER C 398 -32.31 -20.84 5.60
CA SER C 398 -31.69 -22.15 5.82
C SER C 398 -32.56 -22.98 6.75
N ASP C 399 -33.07 -24.10 6.23
CA ASP C 399 -33.88 -25.00 7.05
C ASP C 399 -33.02 -25.66 8.13
N ALA C 400 -31.76 -25.96 7.80
CA ALA C 400 -30.89 -26.67 8.73
C ALA C 400 -30.51 -25.82 9.92
N THR C 401 -30.16 -24.56 9.66
CA THR C 401 -29.67 -23.65 10.68
C THR C 401 -30.73 -22.66 11.14
N LYS C 402 -31.88 -22.65 10.45
CA LYS C 402 -33.04 -21.85 10.83
C LYS C 402 -32.73 -20.35 10.94
N ARG C 403 -32.06 -19.83 9.92
CA ARG C 403 -31.67 -18.42 9.86
C ARG C 403 -31.56 -17.99 8.40
N THR C 404 -31.59 -16.69 8.19
CA THR C 404 -31.56 -16.14 6.85
C THR C 404 -30.13 -15.80 6.46
N ILE C 405 -29.77 -16.10 5.23
CA ILE C 405 -28.42 -15.84 4.74
C ILE C 405 -28.52 -14.81 3.63
N PHE C 406 -28.04 -13.60 3.90
CA PHE C 406 -28.21 -12.48 2.98
C PHE C 406 -27.14 -12.53 1.90
N ALA C 407 -27.55 -12.23 0.67
CA ALA C 407 -26.73 -12.33 -0.52
C ALA C 407 -26.31 -10.97 -1.05
N HIS C 408 -27.26 -10.10 -1.31
CA HIS C 408 -26.99 -8.79 -1.84
C HIS C 408 -27.81 -7.79 -1.03
N ILE C 409 -27.12 -6.78 -0.52
CA ILE C 409 -27.75 -5.67 0.18
C ILE C 409 -27.45 -4.45 -0.62
N SER C 410 -28.50 -3.78 -1.10
CA SER C 410 -28.36 -2.49 -1.73
C SER C 410 -28.86 -1.43 -0.73
N HIS C 411 -28.01 -0.45 -0.40
CA HIS C 411 -28.32 0.54 0.63
C HIS C 411 -27.49 1.80 0.42
N SER C 412 -27.69 2.78 1.30
CA SER C 412 -26.97 4.05 1.27
C SER C 412 -26.45 4.41 2.66
N ILE C 413 -26.20 3.40 3.50
CA ILE C 413 -25.56 3.59 4.79
C ILE C 413 -24.20 4.20 4.57
N ASN C 414 -23.83 5.16 5.44
CA ASN C 414 -22.55 5.85 5.34
C ASN C 414 -21.78 5.78 6.66
N ILE C 415 -20.55 6.30 6.62
CA ILE C 415 -19.64 6.21 7.75
C ILE C 415 -20.19 6.93 8.99
N ILE C 416 -21.00 7.97 8.79
CA ILE C 416 -21.55 8.68 9.93
C ILE C 416 -22.56 7.80 10.66
N ASP C 417 -23.42 7.08 9.92
CA ASP C 417 -24.44 6.24 10.55
C ASP C 417 -23.81 5.28 11.52
N THR C 418 -22.65 4.78 11.17
CA THR C 418 -21.92 3.84 11.99
C THR C 418 -21.22 4.51 13.16
N SER C 419 -21.25 5.84 13.24
CA SER C 419 -20.52 6.53 14.29
C SER C 419 -21.44 7.28 15.23
N ILE C 420 -22.74 6.98 15.22
CA ILE C 420 -23.70 7.67 16.06
C ILE C 420 -23.77 6.92 17.38
N PRO C 421 -23.46 7.56 18.50
CA PRO C 421 -23.67 6.92 19.81
C PRO C 421 -25.13 6.51 19.94
N VAL C 422 -25.37 5.36 20.55
CA VAL C 422 -26.75 4.91 20.72
C VAL C 422 -27.54 5.93 21.54
N SER C 423 -26.87 6.58 22.48
CA SER C 423 -27.51 7.58 23.34
C SER C 423 -28.23 8.63 22.52
N LEU C 424 -27.61 9.08 21.42
CA LEU C 424 -28.17 10.15 20.60
C LEU C 424 -29.43 9.70 19.87
N TRP C 425 -29.53 8.42 19.54
CA TRP C 425 -30.76 7.92 18.93
C TRP C 425 -31.93 8.07 19.89
N THR C 426 -31.67 7.95 21.18
CA THR C 426 -32.69 7.96 22.21
C THR C 426 -32.59 9.19 23.12
N SER C 427 -32.11 10.31 22.59
CA SER C 427 -31.99 11.54 23.37
C SER C 427 -33.36 12.16 23.66
N GLN C 428 -33.38 13.09 24.63
CA GLN C 428 -34.64 13.77 24.96
C GLN C 428 -35.17 14.53 23.78
N ARG C 429 -34.27 15.04 22.92
CA ARG C 429 -34.66 15.76 21.71
C ARG C 429 -35.50 14.92 20.77
N ASN C 430 -35.43 13.60 20.86
CA ASN C 430 -36.12 12.72 19.93
C ASN C 430 -37.53 12.45 20.47
N VAL C 431 -38.54 12.85 19.69
CA VAL C 431 -39.92 12.64 20.08
C VAL C 431 -40.37 11.22 19.84
N TYR C 432 -39.55 10.42 19.16
CA TYR C 432 -39.84 9.02 18.95
C TYR C 432 -39.15 8.18 20.02
N ASN C 433 -39.42 6.88 19.99
CA ASN C 433 -38.69 6.00 20.88
C ASN C 433 -37.21 5.98 20.51
N GLY C 434 -36.90 5.81 19.23
CA GLY C 434 -35.55 5.93 18.75
C GLY C 434 -34.92 4.59 18.44
N ASP C 435 -34.68 3.81 19.48
CA ASP C 435 -34.02 2.52 19.36
C ASP C 435 -35.07 1.42 19.35
N ASN C 436 -35.43 0.92 18.16
CA ASN C 436 -36.44 -0.11 18.06
C ASN C 436 -35.85 -1.48 17.79
N ARG C 437 -34.59 -1.67 18.16
CA ARG C 437 -33.92 -2.93 17.98
C ARG C 437 -34.41 -3.94 19.00
N SER C 438 -34.16 -5.21 18.70
CA SER C 438 -34.39 -6.27 19.66
C SER C 438 -33.45 -6.11 20.85
N ALA C 439 -33.85 -6.64 22.00
CA ALA C 439 -32.96 -6.58 23.14
C ALA C 439 -31.68 -7.35 22.87
N GLU C 440 -31.80 -8.45 22.09
CA GLU C 440 -30.66 -9.27 21.70
C GLU C 440 -29.64 -8.45 20.94
N SER C 441 -30.09 -7.62 20.01
CA SER C 441 -29.18 -6.73 19.28
C SER C 441 -28.53 -5.74 20.22
N LYS C 442 -29.35 -5.06 21.05
CA LYS C 442 -28.86 -4.00 21.93
C LYS C 442 -27.81 -4.52 22.90
N ALA C 443 -27.89 -5.80 23.25
CA ALA C 443 -26.95 -6.37 24.20
C ALA C 443 -25.54 -6.38 23.63
N LYS C 444 -25.43 -6.54 22.30
CA LYS C 444 -24.16 -6.64 21.61
C LYS C 444 -23.52 -5.29 21.35
N ASP C 445 -24.12 -4.19 21.80
CA ASP C 445 -23.50 -2.89 21.62
C ASP C 445 -22.15 -2.84 22.33
N LEU C 446 -21.27 -1.98 21.84
CA LEU C 446 -19.87 -1.95 22.28
C LEU C 446 -19.53 -0.58 22.84
N PHE C 447 -18.87 -0.55 23.99
CA PHE C 447 -18.34 0.70 24.52
C PHE C 447 -17.04 1.01 23.79
N ILE C 448 -16.89 2.23 23.30
CA ILE C 448 -15.66 2.67 22.65
C ILE C 448 -15.29 4.01 23.22
N ASN C 449 -14.08 4.12 23.80
CA ASN C 449 -13.65 5.37 24.39
C ASN C 449 -12.29 5.79 23.85
N ASP C 450 -11.98 5.36 22.63
CA ASP C 450 -10.72 5.69 21.96
C ASP C 450 -10.43 7.18 22.10
N PRO C 451 -9.29 7.54 22.69
CA PRO C 451 -9.06 8.95 23.05
C PRO C 451 -8.63 9.85 21.90
N PHE C 452 -8.33 9.29 20.72
CA PHE C 452 -7.75 10.04 19.61
C PHE C 452 -8.73 10.19 18.44
N ILE C 453 -10.03 10.17 18.70
CA ILE C 453 -10.99 10.33 17.61
C ILE C 453 -11.05 11.79 17.22
N LYS C 454 -11.08 12.03 15.92
CA LYS C 454 -11.18 13.38 15.37
C LYS C 454 -12.40 13.41 14.48
N GLY C 455 -12.99 14.59 14.33
CA GLY C 455 -14.15 14.72 13.48
C GLY C 455 -15.45 14.34 14.16
N ILE C 456 -16.39 13.82 13.37
CA ILE C 456 -17.64 13.27 13.91
C ILE C 456 -17.90 11.86 13.42
N ASP C 457 -17.01 11.29 12.62
CA ASP C 457 -17.13 9.92 12.15
C ASP C 457 -15.86 9.16 12.47
N PHE C 458 -16.01 7.84 12.57
CA PHE C 458 -14.93 6.95 12.98
C PHE C 458 -13.77 6.95 12.01
N LYS C 459 -13.91 7.55 10.83
CA LYS C 459 -12.80 7.60 9.91
C LYS C 459 -12.25 8.99 9.73
N ASN C 460 -12.77 9.99 10.44
CA ASN C 460 -12.39 11.38 10.18
C ASN C 460 -12.57 11.73 8.71
N LYS C 461 -13.66 11.22 8.13
CA LYS C 461 -13.92 11.43 6.71
C LYS C 461 -14.61 12.76 6.48
N THR C 462 -15.72 12.96 7.20
CA THR C 462 -16.53 14.16 7.07
C THR C 462 -15.75 15.37 7.59
N ASP C 463 -15.72 16.44 6.78
CA ASP C 463 -15.09 17.70 7.18
C ASP C 463 -16.18 18.66 7.65
N ILE C 464 -16.15 19.01 8.93
CA ILE C 464 -17.20 19.83 9.51
C ILE C 464 -16.78 21.27 9.74
N ILE C 465 -15.55 21.65 9.42
CA ILE C 465 -15.15 23.05 9.44
C ILE C 465 -15.48 23.61 8.08
N SER C 466 -16.35 24.62 8.06
CA SER C 466 -16.77 25.25 6.82
C SER C 466 -15.95 26.49 6.47
N ARG C 467 -15.55 27.25 7.48
CA ARG C 467 -14.66 28.36 7.23
C ARG C 467 -13.68 28.44 8.39
N LEU C 468 -12.48 28.92 8.12
CA LEU C 468 -11.42 29.02 9.11
C LEU C 468 -10.76 30.41 9.08
N GLU C 469 -10.62 31.00 10.26
CA GLU C 469 -9.95 32.29 10.44
C GLU C 469 -8.93 32.17 11.54
N VAL C 470 -7.70 32.59 11.24
CA VAL C 470 -6.60 32.63 12.21
C VAL C 470 -6.16 34.08 12.37
N ARG C 471 -6.17 34.56 13.62
CA ARG C 471 -5.76 35.93 13.94
C ARG C 471 -4.47 35.89 14.73
N PHE C 472 -3.51 36.70 14.30
CA PHE C 472 -2.29 36.93 15.05
C PHE C 472 -2.50 38.27 15.75
N GLY C 473 -2.62 38.22 17.07
CA GLY C 473 -3.08 39.38 17.79
C GLY C 473 -4.54 39.55 17.47
N ASN C 474 -4.88 40.70 16.89
CA ASN C 474 -6.25 40.94 16.47
C ASN C 474 -6.40 41.11 14.98
N ASP C 475 -5.32 41.03 14.21
CA ASP C 475 -5.37 41.04 12.74
C ASP C 475 -5.54 39.62 12.20
N VAL C 476 -6.24 39.52 11.06
CA VAL C 476 -6.46 38.22 10.44
C VAL C 476 -5.17 37.81 9.74
N LEU C 477 -4.63 36.66 10.12
CA LEU C 477 -3.42 36.10 9.54
C LEU C 477 -3.67 35.23 8.33
N TYR C 478 -4.78 34.49 8.35
CA TYR C 478 -5.11 33.53 7.32
C TYR C 478 -6.58 33.21 7.43
N SER C 479 -7.21 33.02 6.28
CA SER C 479 -8.62 32.68 6.21
C SER C 479 -8.83 31.78 5.00
N GLU C 480 -9.78 30.84 5.11
CA GLU C 480 -10.07 29.98 3.98
C GLU C 480 -11.51 29.50 4.05
N ASN C 481 -12.12 29.30 2.87
CA ASN C 481 -13.48 28.75 2.74
C ASN C 481 -13.49 27.24 2.48
N GLY C 482 -12.54 26.76 1.69
CA GLY C 482 -12.27 25.35 1.54
C GLY C 482 -11.08 24.90 2.35
N PRO C 483 -10.82 23.62 2.41
CA PRO C 483 -9.71 23.09 3.19
C PRO C 483 -8.36 23.12 2.47
N ILE C 484 -8.02 24.30 1.93
CA ILE C 484 -6.78 24.38 1.15
C ILE C 484 -5.57 24.20 2.07
N SER C 485 -5.64 24.69 3.31
CA SER C 485 -4.51 24.44 4.20
C SER C 485 -4.30 22.95 4.42
N ARG C 486 -5.38 22.17 4.50
CA ARG C 486 -5.22 20.73 4.65
C ARG C 486 -4.75 20.06 3.36
N ILE C 487 -5.26 20.49 2.20
CA ILE C 487 -4.74 19.93 0.96
C ILE C 487 -3.21 20.06 0.91
N TYR C 488 -2.70 21.27 1.15
CA TYR C 488 -1.25 21.47 1.14
C TYR C 488 -0.56 20.62 2.21
N ASN C 489 -1.20 20.46 3.36
CA ASN C 489 -0.64 19.62 4.41
C ASN C 489 -0.44 18.20 3.92
N GLU C 490 -1.52 17.58 3.45
CA GLU C 490 -1.44 16.22 2.92
C GLU C 490 -0.47 16.16 1.76
N LEU C 491 -0.55 17.12 0.84
CA LEU C 491 0.32 17.14 -0.32
C LEU C 491 1.78 17.26 0.08
N LEU C 492 2.07 18.18 1.00
CA LEU C 492 3.45 18.45 1.34
C LEU C 492 4.05 17.40 2.24
N THR C 493 3.24 16.54 2.84
CA THR C 493 3.75 15.50 3.73
C THR C 493 3.44 14.11 3.20
N LYS C 494 2.87 14.00 2.00
CA LYS C 494 2.51 12.71 1.42
C LYS C 494 1.71 11.89 2.43
N SER C 495 0.63 12.48 2.97
CA SER C 495 -0.25 11.81 3.93
C SER C 495 -1.70 11.89 3.51
N ASN C 496 -2.46 10.83 3.79
CA ASN C 496 -3.90 10.84 3.62
C ASN C 496 -4.63 11.28 4.89
N ASN C 497 -3.88 11.53 5.96
CA ASN C 497 -4.39 11.96 7.26
C ASN C 497 -3.78 13.30 7.55
N GLY C 498 -4.27 14.35 6.89
CA GLY C 498 -3.78 15.68 7.13
C GLY C 498 -4.75 16.46 7.98
N THR C 499 -4.30 17.66 8.36
CA THR C 499 -5.10 18.63 9.10
C THR C 499 -4.91 20.01 8.48
N ARG C 500 -5.88 20.88 8.73
CA ARG C 500 -5.70 22.26 8.32
C ARG C 500 -4.49 22.78 9.08
N THR C 501 -3.40 23.06 8.35
CA THR C 501 -2.13 23.41 8.98
C THR C 501 -1.48 24.56 8.26
N LEU C 502 -1.09 25.55 9.05
CA LEU C 502 -0.33 26.72 8.59
C LEU C 502 1.14 26.47 8.92
N THR C 503 1.93 26.06 7.93
CA THR C 503 3.34 25.82 8.15
C THR C 503 4.15 27.07 7.82
N PHE C 504 4.96 27.53 8.77
CA PHE C 504 5.80 28.70 8.53
C PHE C 504 7.24 28.35 8.20
N ASN C 505 7.71 27.15 8.56
CA ASN C 505 9.08 26.70 8.28
C ASN C 505 9.16 25.81 7.05
N PHE C 506 9.71 26.36 5.96
CA PHE C 506 10.01 25.62 4.74
C PHE C 506 11.50 25.40 4.56
N THR C 507 12.26 25.55 5.65
CA THR C 507 13.70 25.47 5.70
C THR C 507 14.10 24.08 6.19
N PRO C 508 15.13 23.48 5.59
CA PRO C 508 15.63 22.18 6.07
C PRO C 508 15.95 22.21 7.56
N LYS C 509 15.40 21.26 8.31
CA LYS C 509 15.60 21.26 9.75
C LYS C 509 17.04 20.88 10.10
N ILE C 510 17.46 21.29 11.31
CA ILE C 510 18.75 20.98 11.95
C ILE C 510 19.92 21.77 11.34
N PHE C 511 20.02 21.81 10.02
CA PHE C 511 21.12 22.57 9.43
C PHE C 511 20.85 24.05 9.35
N PHE C 512 19.61 24.48 9.58
CA PHE C 512 19.25 25.89 9.58
C PHE C 512 18.37 26.16 10.80
N ARG C 513 18.42 27.38 11.27
CA ARG C 513 17.52 27.84 12.30
C ARG C 513 16.13 27.95 11.70
N PRO C 514 15.13 27.27 12.25
CA PRO C 514 13.80 27.27 11.63
C PRO C 514 13.21 28.66 11.40
N THR C 515 12.59 28.83 10.24
CA THR C 515 11.81 30.02 9.94
C THR C 515 10.52 30.01 10.76
N THR C 516 10.25 31.11 11.45
CA THR C 516 9.11 31.22 12.36
C THR C 516 8.26 32.42 12.00
N ILE C 517 7.01 32.36 12.44
CA ILE C 517 6.21 33.56 12.54
C ILE C 517 6.62 34.17 13.87
N THR C 518 7.04 35.43 13.83
CA THR C 518 7.56 36.05 15.04
C THR C 518 6.61 37.14 15.50
N ALA C 519 6.50 37.25 16.82
CA ALA C 519 5.55 38.11 17.51
C ALA C 519 6.09 39.52 17.74
N ASN C 520 5.19 40.49 17.69
CA ASN C 520 5.50 41.82 18.21
C ASN C 520 4.67 41.97 19.48
N VAL C 521 5.35 42.19 20.61
CA VAL C 521 4.66 42.19 21.89
C VAL C 521 4.01 43.53 22.15
N SER C 522 4.64 44.60 21.66
CA SER C 522 4.12 45.96 21.88
C SER C 522 2.85 46.17 21.07
N ARG C 523 2.79 45.62 19.85
CA ARG C 523 1.60 45.68 19.01
C ARG C 523 0.50 44.70 19.47
N GLY C 524 0.74 43.91 20.52
CA GLY C 524 -0.25 42.97 21.00
C GLY C 524 -0.29 41.62 20.30
N LYS C 525 0.66 41.35 19.40
CA LYS C 525 0.69 40.12 18.61
C LYS C 525 1.43 39.00 19.35
N ASP C 526 0.89 38.58 20.48
CA ASP C 526 1.50 37.53 21.28
C ASP C 526 0.53 36.38 21.48
N LYS C 527 -0.41 36.26 20.56
CA LYS C 527 -1.45 35.24 20.69
C LYS C 527 -1.91 34.87 19.30
N LEU C 528 -2.31 33.61 19.16
CA LEU C 528 -2.88 33.10 17.92
C LEU C 528 -4.26 32.58 18.27
N SER C 529 -5.29 33.22 17.71
CA SER C 529 -6.67 32.88 17.95
C SER C 529 -7.22 32.21 16.71
N VAL C 530 -7.87 31.05 16.88
CA VAL C 530 -8.47 30.34 15.77
C VAL C 530 -9.98 30.36 15.99
N ARG C 531 -10.73 30.70 14.95
CA ARG C 531 -12.18 30.63 14.98
C ARG C 531 -12.63 29.93 13.71
N VAL C 532 -13.61 29.03 13.85
CA VAL C 532 -14.16 28.32 12.72
C VAL C 532 -15.68 28.54 12.66
N VAL C 533 -16.25 28.19 11.50
CA VAL C 533 -17.69 28.12 11.26
C VAL C 533 -17.97 26.68 10.88
N TYR C 534 -18.59 25.93 11.78
CA TYR C 534 -18.87 24.54 11.47
C TYR C 534 -19.96 24.45 10.40
N SER C 535 -19.89 23.40 9.59
CA SER C 535 -20.88 23.16 8.57
C SER C 535 -22.23 22.77 9.17
N THR C 536 -23.28 23.25 8.51
CA THR C 536 -24.67 23.13 8.96
C THR C 536 -25.37 21.92 8.33
N MET C 537 -26.26 21.33 9.10
CA MET C 537 -27.01 20.15 8.66
C MET C 537 -28.37 20.11 9.33
N ASP C 538 -29.25 19.25 8.82
CA ASP C 538 -30.61 19.20 9.34
C ASP C 538 -30.64 18.70 10.77
N VAL C 539 -31.40 19.39 11.60
CA VAL C 539 -31.49 19.16 13.03
C VAL C 539 -32.13 17.83 13.35
N ASN C 540 -32.61 17.13 12.33
CA ASN C 540 -33.26 15.85 12.54
C ASN C 540 -32.37 14.67 12.18
N HIS C 541 -31.05 14.87 12.27
CA HIS C 541 -30.04 13.84 12.13
C HIS C 541 -29.35 13.64 13.46
N PRO C 542 -29.29 12.42 13.99
CA PRO C 542 -28.70 12.25 15.33
C PRO C 542 -27.32 12.84 15.44
N ILE C 543 -26.53 12.77 14.36
CA ILE C 543 -25.15 13.24 14.43
C ILE C 543 -25.05 14.74 14.68
N TYR C 544 -26.12 15.50 14.40
CA TYR C 544 -26.12 16.93 14.66
C TYR C 544 -25.87 17.25 16.13
N TYR C 545 -26.15 16.30 17.01
CA TYR C 545 -26.09 16.51 18.45
C TYR C 545 -24.79 15.98 19.07
N VAL C 546 -23.81 15.64 18.23
CA VAL C 546 -22.48 15.31 18.72
C VAL C 546 -21.75 16.59 19.12
N GLN C 547 -21.26 16.62 20.35
CA GLN C 547 -20.57 17.81 20.82
C GLN C 547 -19.16 17.88 20.23
N LYS C 548 -18.73 19.09 19.88
CA LYS C 548 -17.48 19.27 19.17
C LYS C 548 -16.53 20.12 19.99
N GLN C 549 -15.24 19.83 19.85
CA GLN C 549 -14.19 20.59 20.51
C GLN C 549 -13.13 20.96 19.50
N LEU C 550 -12.72 22.23 19.48
CA LEU C 550 -11.70 22.67 18.54
C LEU C 550 -10.33 22.53 19.17
N VAL C 551 -9.42 21.89 18.45
CA VAL C 551 -8.08 21.65 18.94
C VAL C 551 -7.13 22.49 18.09
N VAL C 552 -6.26 23.25 18.77
CA VAL C 552 -5.24 24.04 18.11
C VAL C 552 -3.87 23.61 18.64
N VAL C 553 -2.93 23.35 17.73
CA VAL C 553 -1.58 22.92 18.11
C VAL C 553 -0.56 23.91 17.56
N CYS C 554 0.22 24.50 18.47
CA CYS C 554 1.26 25.46 18.13
C CYS C 554 2.63 24.84 18.38
N ASN C 555 3.49 24.84 17.37
CA ASN C 555 4.88 24.38 17.54
C ASN C 555 5.75 25.58 17.81
N ASP C 556 6.18 25.72 19.05
CA ASP C 556 7.05 26.79 19.51
C ASP C 556 8.51 26.38 19.37
N LEU C 557 9.35 27.32 18.96
CA LEU C 557 10.78 27.06 18.80
C LEU C 557 11.50 27.30 20.13
N TYR C 558 12.35 26.35 20.52
CA TYR C 558 13.17 26.47 21.71
C TYR C 558 14.63 26.31 21.31
N LYS C 559 15.53 26.89 22.10
CA LYS C 559 16.98 26.72 21.92
C LYS C 559 17.54 25.80 23.00
N VAL C 560 18.25 24.76 22.57
CA VAL C 560 18.84 23.78 23.48
C VAL C 560 20.29 24.17 23.76
N SER C 561 20.56 24.41 25.05
CA SER C 561 21.81 24.93 25.58
C SER C 561 22.53 23.83 26.35
N TYR C 562 23.86 23.89 26.37
CA TYR C 562 24.60 22.87 27.11
C TYR C 562 25.60 23.44 28.12
N ASP C 563 25.49 24.73 28.47
CA ASP C 563 26.32 25.29 29.54
C ASP C 563 25.79 24.80 30.89
N GLN C 564 26.58 23.99 31.59
CA GLN C 564 26.21 23.47 32.90
C GLN C 564 24.93 22.62 32.83
N GLY C 565 25.02 21.54 32.04
CA GLY C 565 23.88 20.67 31.80
C GLY C 565 23.03 21.08 30.61
N VAL C 566 22.01 20.26 30.36
CA VAL C 566 21.07 20.50 29.27
C VAL C 566 20.02 21.48 29.75
N SER C 567 19.74 22.50 28.94
CA SER C 567 18.67 23.43 29.28
C SER C 567 18.02 23.92 27.98
N ILE C 568 16.73 24.26 28.05
CA ILE C 568 16.09 24.81 26.87
C ILE C 568 15.55 26.19 27.20
N THR C 569 15.31 26.96 26.15
CA THR C 569 14.96 28.37 26.27
C THR C 569 13.94 28.69 25.18
N LYS C 570 12.78 29.20 25.57
CA LYS C 570 11.78 29.54 24.57
C LYS C 570 12.24 30.78 23.81
N ILE C 571 12.46 30.64 22.50
CA ILE C 571 12.86 31.77 21.67
C ILE C 571 11.77 32.83 21.72
N MET C 572 12.18 34.10 21.89
CA MET C 572 11.25 35.22 22.00
C MET C 572 11.71 36.47 21.23
#